data_7UR4
#
_entry.id   7UR4
#
_cell.length_a   1.00
_cell.length_b   1.00
_cell.length_c   1.00
_cell.angle_alpha   90.00
_cell.angle_beta   90.00
_cell.angle_gamma   90.00
#
_symmetry.space_group_name_H-M   'P 1'
#
loop_
_entity.id
_entity.type
_entity.pdbx_description
1 polymer 'Fusion glycoprotein F0'
2 polymer 'MPV467 Fab Heavy chain'
3 polymer 'MPV467 Fab Light chain'
4 branched beta-D-mannopyranose-(1-4)-2-acetamido-2-deoxy-beta-D-glucopyranose-(1-4)-2-acetamido-2-deoxy-beta-D-glucopyranose
5 non-polymer 2-acetamido-2-deoxy-beta-D-glucopyranose
#
loop_
_entity_poly.entity_id
_entity_poly.type
_entity_poly.pdbx_seq_one_letter_code
_entity_poly.pdbx_strand_id
1 'polypeptide(L)'
;MSWKVVIIFSLLITPQHGLKESYLEESCSTITEGYLSVLRTGWYTNVFTLEVGDVENLTCADGPSLIKTELDLTKSALRE
LRTCSADQLAREEQIENPRRRRFVLGAIACGVATAAAVTAGVAIAKCIRLESEVTAIKNCLKKTNECVSTLGCGVRVLAT
AVRELKDFVSKNLTRAINKNKCDIPDLKMAVSFSQFNRRFLNVVRQFSDNAGITPAISKDLMTDAELARAISNMPTSAGQ
IKLMLENRCMVRRKGFGILIGVYGSSVIYMVQLPIFGVIDTPCWIVKAAPSCSEKKGNYACLLREDQGWYCQNAGSTVYY
PCEKDCETRGDHVFCDTAAGINVAEQSKECNINISTTNYPCKVSCGRHPISMVALSPLGALVACYKGVSCSIGSNRVGII
KQLNKGCSYITNQDADTVTIDNTVYQLSKVEGEQHVIKGRPVSSSFDPVKFPQDQFNVALDQCFESIENSQALVDQSNRI
LSSAEKGNTGGGGSGYIPEAPRDGQAYVRKDGEWVLLSTFLGRSLEVLFQGPGHHHHHHHHSAWSHPQFEK
;
A,B,C
2 'polypeptide(L)'
;LVQSGGGVVRPGTSLRVSCAAFDFNFRDYGMHWVRQAPGKGLEWVAGIWYDGSNKDYADSVKGRFTISRDNSQNTLYLQM
NSLRVEDTAVYYCARDPRTHREGALSHFDSWGQGTLVTVSSASTKGPSVFPLAPSSKSTSGGTAALGCLVKDYFPEPVTV
SWNSGALTSGVHTFPAVLQSSGLYSLSSVVTVPSSSLGTQTYICNVNHKPSNTKVDKRVEPKS
;
F,H,I
3 'polypeptide(L)'
;ELTQDPAVSVALGQTVRITCQGDSLRNYFAGWYQQKPGQAPLLVLYGENIRPSGIPDRFSGSSSGNTVSLTITGAQAEDE
ADYYCNSRDNSGNHWVFGGGTRLTVLGQPKAAPSVTLFPPSSEELQANKATLVCLISDFYPGAVTVAWKADSSPVKAGVE
TTTPSKQSNNKYAASSYLSLTPEQWKSHRSYSCQVTHEGSTVEKTVAPTEC
;
G,J,L
#
# COMPACT_ATOMS: atom_id res chain seq x y z
N LEU A 19 -28.50 -3.27 -18.12
CA LEU A 19 -27.50 -2.52 -18.93
C LEU A 19 -27.86 -2.61 -20.40
N LYS A 20 -27.48 -1.58 -21.17
CA LYS A 20 -27.61 -1.58 -22.61
C LYS A 20 -26.27 -1.17 -23.21
N GLU A 21 -25.85 -1.84 -24.27
CA GLU A 21 -24.56 -1.58 -24.90
C GLU A 21 -24.75 -1.44 -26.41
N SER A 22 -24.33 -0.31 -26.95
CA SER A 22 -24.44 -0.02 -28.37
C SER A 22 -23.05 -0.04 -29.01
N TYR A 23 -22.91 -0.80 -30.09
CA TYR A 23 -21.71 -0.77 -30.91
C TYR A 23 -21.89 0.24 -32.03
N LEU A 24 -20.94 1.16 -32.15
CA LEU A 24 -21.02 2.29 -33.09
C LEU A 24 -19.99 2.05 -34.19
N GLU A 25 -20.38 1.36 -35.25
CA GLU A 25 -19.40 1.03 -36.26
C GLU A 25 -18.95 2.24 -37.08
N GLU A 26 -19.58 3.39 -36.89
CA GLU A 26 -19.01 4.61 -37.46
C GLU A 26 -17.59 4.85 -36.98
N SER A 27 -17.25 4.37 -35.79
CA SER A 27 -15.96 4.68 -35.19
C SER A 27 -15.37 3.53 -34.40
N CYS A 28 -15.90 2.32 -34.51
CA CYS A 28 -15.38 1.18 -33.77
C CYS A 28 -15.29 1.49 -32.28
N SER A 29 -16.41 1.94 -31.71
CA SER A 29 -16.50 2.27 -30.29
C SER A 29 -17.80 1.72 -29.75
N THR A 30 -17.86 1.54 -28.43
CA THR A 30 -19.08 1.14 -27.75
C THR A 30 -19.42 2.14 -26.65
N ILE A 31 -20.72 2.33 -26.44
CA ILE A 31 -21.25 3.11 -25.33
C ILE A 31 -22.17 2.22 -24.51
N THR A 32 -21.84 2.02 -23.24
CA THR A 32 -22.64 1.21 -22.33
C THR A 32 -23.24 2.12 -21.27
N GLU A 33 -24.56 2.06 -21.13
CA GLU A 33 -25.28 3.05 -20.35
C GLU A 33 -26.32 2.37 -19.47
N GLY A 34 -26.82 3.12 -18.50
CA GLY A 34 -27.69 2.62 -17.46
C GLY A 34 -27.05 2.53 -16.10
N TYR A 35 -25.74 2.71 -16.00
CA TYR A 35 -25.08 2.82 -14.71
C TYR A 35 -25.67 3.97 -13.90
N LEU A 36 -25.70 3.80 -12.59
CA LEU A 36 -26.20 4.81 -11.67
C LEU A 36 -25.03 5.48 -10.95
N SER A 37 -25.02 6.81 -10.96
CA SER A 37 -23.95 7.58 -10.35
C SER A 37 -23.95 7.46 -8.83
N VAL A 38 -22.77 7.63 -8.24
CA VAL A 38 -22.62 8.08 -6.86
C VAL A 38 -21.50 9.12 -6.84
N LEU A 39 -21.86 10.39 -6.71
CA LEU A 39 -20.90 11.49 -6.80
C LEU A 39 -20.55 12.03 -5.42
N ARG A 40 -19.25 12.12 -5.14
CA ARG A 40 -18.78 12.87 -3.98
C ARG A 40 -18.93 14.37 -4.23
N THR A 41 -19.54 15.08 -3.28
CA THR A 41 -19.75 16.51 -3.43
C THR A 41 -19.31 17.32 -2.22
N GLY A 42 -18.61 16.72 -1.27
CA GLY A 42 -18.14 17.47 -0.11
C GLY A 42 -17.32 16.59 0.79
N TRP A 43 -16.82 17.21 1.86
CA TRP A 43 -16.06 16.52 2.90
C TRP A 43 -16.73 16.74 4.25
N TYR A 44 -16.68 15.73 5.10
CA TYR A 44 -17.16 15.81 6.47
C TYR A 44 -16.03 15.46 7.41
N THR A 45 -15.92 16.19 8.52
CA THR A 45 -14.78 16.11 9.42
C THR A 45 -15.20 15.52 10.76
N ASN A 46 -14.47 14.50 11.20
CA ASN A 46 -14.53 14.03 12.58
C ASN A 46 -13.15 14.18 13.21
N VAL A 47 -13.10 14.80 14.38
CA VAL A 47 -11.85 15.03 15.10
C VAL A 47 -11.73 14.04 16.24
N PHE A 48 -10.67 13.23 16.23
CA PHE A 48 -10.44 12.20 17.24
C PHE A 48 -9.41 12.68 18.24
N THR A 49 -9.66 12.41 19.53
CA THR A 49 -8.64 12.51 20.56
C THR A 49 -8.41 11.11 21.14
N LEU A 50 -7.18 10.63 21.07
CA LEU A 50 -6.79 9.32 21.56
C LEU A 50 -6.01 9.49 22.85
N GLU A 51 -6.60 9.09 23.97
CA GLU A 51 -6.03 9.34 25.30
C GLU A 51 -5.05 8.22 25.64
N VAL A 52 -3.77 8.54 25.64
CA VAL A 52 -2.73 7.55 25.90
C VAL A 52 -2.43 7.44 27.38
N GLY A 53 -2.47 8.57 28.09
CA GLY A 53 -2.27 8.57 29.53
C GLY A 53 -0.85 8.96 29.90
N ASP A 54 -0.60 8.94 31.22
CA ASP A 54 0.71 9.34 31.75
C ASP A 54 1.73 8.21 31.66
N VAL A 55 2.03 7.81 30.43
CA VAL A 55 2.93 6.67 30.22
C VAL A 55 4.40 7.07 30.26
N GLU A 56 4.70 8.36 30.26
CA GLU A 56 6.08 8.83 30.16
C GLU A 56 6.72 9.02 31.53
N ASN A 57 6.00 8.73 32.61
CA ASN A 57 6.53 8.79 33.96
C ASN A 57 6.83 7.40 34.47
N LEU A 58 5.89 6.48 34.30
CA LEU A 58 6.07 5.10 34.72
C LEU A 58 7.39 4.56 34.20
N THR A 59 8.19 4.03 35.11
CA THR A 59 9.48 3.45 34.76
C THR A 59 9.64 2.11 35.45
N CYS A 60 10.56 1.31 34.92
CA CYS A 60 10.83 -0.02 35.44
C CYS A 60 12.24 -0.08 36.00
N ALA A 61 12.38 -0.76 37.14
CA ALA A 61 13.65 -0.84 37.85
C ALA A 61 14.15 -2.26 38.05
N ASP A 62 13.57 -3.24 37.35
CA ASP A 62 13.81 -4.64 37.67
C ASP A 62 13.97 -5.47 36.40
N GLY A 63 14.72 -4.94 35.44
CA GLY A 63 15.19 -5.72 34.33
C GLY A 63 14.10 -6.08 33.34
N PRO A 64 14.41 -7.01 32.43
CA PRO A 64 13.44 -7.37 31.40
C PRO A 64 12.22 -8.05 31.97
N SER A 65 11.06 -7.74 31.38
CA SER A 65 9.78 -8.28 31.81
C SER A 65 8.78 -8.01 30.70
N LEU A 66 7.62 -8.63 30.80
CA LEU A 66 6.56 -8.40 29.83
C LEU A 66 6.10 -6.95 29.85
N ILE A 67 5.78 -6.43 31.03
CA ILE A 67 5.19 -5.10 31.11
C ILE A 67 6.18 -4.05 30.64
N LYS A 68 7.45 -4.21 31.00
CA LYS A 68 8.46 -3.28 30.50
C LYS A 68 8.48 -3.27 28.97
N THR A 69 8.33 -4.43 28.35
CA THR A 69 8.39 -4.48 26.89
C THR A 69 7.21 -3.75 26.26
N GLU A 70 6.01 -3.95 26.80
CA GLU A 70 4.85 -3.24 26.26
C GLU A 70 4.89 -1.76 26.61
N LEU A 71 5.32 -1.45 27.83
CA LEU A 71 5.46 -0.04 28.20
C LEU A 71 6.54 0.63 27.37
N ASP A 72 7.62 -0.09 27.07
CA ASP A 72 8.65 0.45 26.20
C ASP A 72 8.10 0.72 24.81
N LEU A 73 7.34 -0.22 24.26
CA LEU A 73 6.72 0.01 22.95
C LEU A 73 5.82 1.24 22.99
N THR A 74 5.02 1.38 24.04
CA THR A 74 4.12 2.52 24.14
C THR A 74 4.91 3.82 24.18
N LYS A 75 5.72 3.99 25.23
CA LYS A 75 6.52 5.20 25.35
C LYS A 75 7.28 5.49 24.07
N SER A 76 7.75 4.44 23.39
CA SER A 76 8.57 4.66 22.21
C SER A 76 7.73 5.19 21.06
N ALA A 77 6.49 4.73 20.95
CA ALA A 77 5.61 5.22 19.88
C ALA A 77 5.18 6.65 20.18
N LEU A 78 4.80 6.93 21.42
CA LEU A 78 4.30 8.26 21.76
C LEU A 78 5.34 9.33 21.47
N ARG A 79 6.63 9.01 21.62
CA ARG A 79 7.66 10.02 21.41
C ARG A 79 7.99 10.12 19.93
N GLU A 80 8.04 8.99 19.24
CA GLU A 80 8.34 9.00 17.82
C GLU A 80 7.27 9.73 17.03
N LEU A 81 6.05 9.78 17.56
CA LEU A 81 4.96 10.44 16.86
C LEU A 81 5.08 11.95 16.85
N ARG A 82 6.05 12.51 17.57
CA ARG A 82 6.27 13.94 17.60
C ARG A 82 7.33 14.40 16.61
N THR A 83 7.79 13.51 15.72
CA THR A 83 8.84 13.85 14.77
C THR A 83 8.31 14.09 13.36
N CYS A 84 7.10 13.64 13.05
CA CYS A 84 6.54 13.94 11.75
C CYS A 84 6.17 15.42 11.66
N SER A 85 5.95 15.87 10.43
CA SER A 85 5.45 17.23 10.20
C SER A 85 6.35 18.25 10.89
N PHE A 103 -5.09 19.10 -25.55
CA PHE A 103 -5.09 19.00 -24.10
C PHE A 103 -5.28 17.55 -23.68
N VAL A 104 -4.41 17.07 -22.79
CA VAL A 104 -4.52 15.72 -22.26
C VAL A 104 -5.38 15.82 -21.01
N LEU A 105 -6.70 15.73 -21.21
CA LEU A 105 -7.63 15.96 -20.11
C LEU A 105 -7.38 15.03 -18.94
N GLY A 106 -6.88 13.84 -19.19
CA GLY A 106 -6.56 12.92 -18.13
C GLY A 106 -5.67 13.51 -17.06
N ALA A 107 -4.45 13.90 -17.43
CA ALA A 107 -3.50 14.39 -16.44
C ALA A 107 -4.01 15.66 -15.77
N ILE A 108 -4.69 16.53 -16.53
CA ILE A 108 -5.20 17.78 -15.96
C ILE A 108 -6.22 17.50 -14.86
N ALA A 109 -7.17 16.60 -15.14
CA ALA A 109 -8.22 16.33 -14.17
C ALA A 109 -7.65 15.85 -12.85
N CYS A 110 -6.75 14.88 -12.88
CA CYS A 110 -6.32 14.24 -11.64
C CYS A 110 -5.50 15.19 -10.77
N GLY A 111 -4.77 16.11 -11.39
CA GLY A 111 -4.08 17.13 -10.61
C GLY A 111 -5.02 18.01 -9.81
N VAL A 112 -6.06 18.53 -10.46
CA VAL A 112 -7.05 19.33 -9.76
C VAL A 112 -7.72 18.53 -8.65
N ALA A 113 -8.03 17.26 -8.94
CA ALA A 113 -8.74 16.45 -7.96
C ALA A 113 -7.93 16.26 -6.69
N THR A 114 -6.67 15.82 -6.83
CA THR A 114 -5.87 15.55 -5.65
C THR A 114 -5.45 16.83 -4.93
N ALA A 115 -5.21 17.91 -5.66
CA ALA A 115 -4.91 19.19 -5.03
C ALA A 115 -6.07 19.67 -4.19
N ALA A 116 -7.30 19.55 -4.70
CA ALA A 116 -8.47 19.97 -3.94
C ALA A 116 -8.60 19.17 -2.65
N ALA A 117 -8.45 17.86 -2.73
CA ALA A 117 -8.59 17.01 -1.55
C ALA A 117 -7.62 17.42 -0.45
N VAL A 118 -6.33 17.48 -0.76
CA VAL A 118 -5.34 17.77 0.27
C VAL A 118 -5.49 19.20 0.78
N THR A 119 -5.86 20.14 -0.08
CA THR A 119 -6.02 21.51 0.36
C THR A 119 -7.15 21.63 1.36
N ALA A 120 -8.28 21.00 1.08
CA ALA A 120 -9.41 21.06 2.00
C ALA A 120 -9.03 20.48 3.36
N GLY A 121 -8.22 19.42 3.36
CA GLY A 121 -7.79 18.83 4.63
C GLY A 121 -6.84 19.74 5.41
N VAL A 122 -5.81 20.26 4.74
CA VAL A 122 -4.85 21.10 5.43
C VAL A 122 -5.51 22.37 5.94
N ALA A 123 -6.41 22.95 5.16
CA ALA A 123 -7.10 24.16 5.60
C ALA A 123 -7.86 23.92 6.90
N ILE A 124 -8.59 22.80 6.99
CA ILE A 124 -9.35 22.52 8.21
C ILE A 124 -8.41 22.13 9.35
N ALA A 125 -7.36 21.36 9.06
CA ALA A 125 -6.42 20.99 10.10
C ALA A 125 -5.76 22.21 10.71
N LYS A 126 -5.44 23.22 9.89
CA LYS A 126 -4.78 24.41 10.40
C LYS A 126 -5.64 25.16 11.40
N CYS A 127 -6.97 25.08 11.30
CA CYS A 127 -7.81 25.68 12.32
C CYS A 127 -7.70 24.92 13.64
N ILE A 128 -7.58 23.59 13.57
CA ILE A 128 -7.55 22.79 14.78
C ILE A 128 -6.20 22.85 15.48
N ARG A 129 -5.11 23.05 14.74
CA ARG A 129 -3.78 22.90 15.34
C ARG A 129 -3.46 23.97 16.37
N LEU A 130 -4.28 25.00 16.52
CA LEU A 130 -4.02 26.00 17.54
C LEU A 130 -4.29 25.43 18.93
N GLU A 131 -3.46 25.83 19.89
CA GLU A 131 -3.60 25.35 21.26
C GLU A 131 -4.95 25.72 21.86
N SER A 132 -5.48 26.90 21.52
CA SER A 132 -6.78 27.30 22.05
C SER A 132 -7.90 26.38 21.59
N GLU A 133 -7.78 25.80 20.40
CA GLU A 133 -8.82 24.90 19.91
C GLU A 133 -8.66 23.48 20.45
N VAL A 134 -7.43 23.00 20.57
CA VAL A 134 -7.22 21.69 21.18
C VAL A 134 -7.74 21.67 22.60
N THR A 135 -7.50 22.75 23.36
CA THR A 135 -8.08 22.84 24.69
C THR A 135 -9.60 22.98 24.67
N ALA A 136 -10.14 23.62 23.63
CA ALA A 136 -11.59 23.67 23.48
C ALA A 136 -12.19 22.30 23.21
N ILE A 137 -11.60 21.54 22.29
CA ILE A 137 -12.10 20.20 21.99
C ILE A 137 -12.06 19.33 23.24
N LYS A 138 -10.95 19.35 23.95
CA LYS A 138 -10.83 18.52 25.15
C LYS A 138 -11.82 18.96 26.23
N ASN A 139 -12.04 20.27 26.35
CA ASN A 139 -13.04 20.75 27.31
C ASN A 139 -14.44 20.29 26.92
N CYS A 140 -14.71 20.22 25.62
CA CYS A 140 -15.99 19.72 25.14
C CYS A 140 -16.18 18.25 25.51
N LEU A 141 -15.18 17.42 25.21
CA LEU A 141 -15.25 15.98 25.40
C LEU A 141 -14.95 15.52 26.83
N LYS A 142 -14.88 16.43 27.79
CA LYS A 142 -14.33 16.05 29.10
C LYS A 142 -15.24 15.08 29.83
N LYS A 143 -16.55 15.22 29.69
CA LYS A 143 -17.50 14.40 30.43
C LYS A 143 -18.14 13.28 29.62
N THR A 144 -17.97 13.27 28.30
CA THR A 144 -18.66 12.32 27.46
C THR A 144 -17.89 12.12 26.17
N ASN A 145 -18.19 11.02 25.48
CA ASN A 145 -17.33 10.53 24.41
C ASN A 145 -17.61 11.15 23.04
N GLU A 146 -18.66 11.95 22.89
CA GLU A 146 -18.88 12.61 21.61
C GLU A 146 -19.53 13.96 21.82
N CYS A 147 -19.07 14.96 21.06
CA CYS A 147 -19.64 16.30 21.16
C CYS A 147 -19.46 17.00 19.83
N VAL A 148 -20.15 18.13 19.68
CA VAL A 148 -20.09 18.96 18.49
C VAL A 148 -19.32 20.24 18.82
N SER A 149 -18.42 20.63 17.93
CA SER A 149 -17.59 21.82 18.11
C SER A 149 -17.67 22.70 16.88
N THR A 150 -17.61 24.01 17.10
CA THR A 150 -17.36 24.98 16.05
C THR A 150 -15.94 25.51 16.16
N LEU A 151 -15.20 25.47 15.06
CA LEU A 151 -13.88 26.06 15.04
C LEU A 151 -14.00 27.56 14.81
N GLY A 152 -12.98 28.30 15.25
CA GLY A 152 -13.02 29.74 15.08
C GLY A 152 -13.14 30.15 13.62
N CYS A 153 -12.66 29.30 12.72
CA CYS A 153 -12.73 29.59 11.29
C CYS A 153 -14.08 29.25 10.67
N GLY A 154 -15.12 29.06 11.48
CA GLY A 154 -16.49 29.05 10.98
C GLY A 154 -17.04 27.73 10.49
N VAL A 155 -16.54 26.62 11.00
CA VAL A 155 -16.86 25.30 10.47
C VAL A 155 -17.32 24.39 11.61
N ARG A 156 -18.20 23.45 11.29
CA ARG A 156 -18.79 22.54 12.26
C ARG A 156 -18.13 21.18 12.13
N VAL A 157 -17.67 20.63 13.25
CA VAL A 157 -17.04 19.33 13.26
C VAL A 157 -17.67 18.47 14.34
N LEU A 158 -17.78 17.18 14.06
CA LEU A 158 -18.00 16.18 15.10
C LEU A 158 -16.67 15.87 15.77
N ALA A 159 -16.73 15.52 17.05
CA ALA A 159 -15.53 15.14 17.79
C ALA A 159 -15.78 13.87 18.58
N THR A 160 -14.75 13.02 18.66
CA THR A 160 -14.86 11.71 19.27
C THR A 160 -13.61 11.45 20.10
N ALA A 161 -13.81 11.02 21.34
CA ALA A 161 -12.72 10.61 22.21
C ALA A 161 -12.69 9.10 22.31
N VAL A 162 -11.54 8.51 22.05
CA VAL A 162 -11.29 7.09 22.30
C VAL A 162 -10.33 7.03 23.48
N ARG A 163 -10.78 6.41 24.57
CA ARG A 163 -10.29 6.73 25.89
C ARG A 163 -9.81 5.51 26.66
N GLU A 164 -9.97 4.30 26.11
CA GLU A 164 -9.80 3.10 26.92
C GLU A 164 -8.37 2.94 27.43
N LEU A 165 -7.39 3.34 26.64
CA LEU A 165 -6.01 3.15 27.06
C LEU A 165 -5.67 4.01 28.28
N LYS A 166 -6.16 5.24 28.34
CA LYS A 166 -5.97 6.04 29.55
C LYS A 166 -6.68 5.43 30.74
N ASP A 167 -7.87 4.87 30.53
CA ASP A 167 -8.56 4.18 31.61
C ASP A 167 -7.72 3.06 32.18
N PHE A 168 -7.13 2.24 31.32
CA PHE A 168 -6.26 1.16 31.79
C PHE A 168 -5.04 1.72 32.49
N VAL A 169 -4.36 2.68 31.87
CA VAL A 169 -3.09 3.16 32.42
C VAL A 169 -3.31 3.84 33.77
N SER A 170 -4.32 4.68 33.88
CA SER A 170 -4.49 5.45 35.11
C SER A 170 -5.20 4.69 36.22
N LYS A 171 -6.11 3.78 35.89
CA LYS A 171 -6.85 3.08 36.93
C LYS A 171 -6.31 1.70 37.30
N ASN A 172 -5.55 1.04 36.43
CA ASN A 172 -5.02 -0.28 36.76
C ASN A 172 -3.49 -0.31 36.74
N LEU A 173 -2.85 -0.11 35.59
CA LEU A 173 -1.41 -0.36 35.50
C LEU A 173 -0.63 0.49 36.49
N THR A 174 -1.04 1.74 36.68
CA THR A 174 -0.29 2.63 37.57
C THR A 174 -0.30 2.18 39.02
N ARG A 175 -1.36 1.53 39.48
CA ARG A 175 -1.28 0.93 40.80
C ARG A 175 -0.58 -0.41 40.79
N ALA A 176 -0.62 -1.14 39.67
CA ALA A 176 -0.05 -2.47 39.62
C ALA A 176 1.47 -2.44 39.73
N ILE A 177 2.13 -1.66 38.88
CA ILE A 177 3.58 -1.51 38.99
C ILE A 177 3.86 -0.52 40.10
N ASN A 178 3.59 -0.97 41.32
CA ASN A 178 3.49 -0.08 42.48
C ASN A 178 4.77 0.73 42.70
N LYS A 179 5.92 0.05 42.72
CA LYS A 179 7.16 0.62 43.23
C LYS A 179 8.26 0.64 42.18
N ASN A 180 7.90 0.86 40.93
CA ASN A 180 8.78 0.65 39.79
C ASN A 180 9.20 -0.81 39.62
N LYS A 181 8.55 -1.73 40.33
CA LYS A 181 8.82 -3.15 40.18
C LYS A 181 7.85 -3.68 39.12
N CYS A 182 8.32 -3.78 37.88
CA CYS A 182 7.44 -4.11 36.78
C CYS A 182 7.21 -5.61 36.61
N ASP A 183 8.14 -6.44 37.07
CA ASP A 183 8.04 -7.88 36.81
C ASP A 183 7.12 -8.57 37.81
N ILE A 184 5.94 -7.99 38.03
CA ILE A 184 4.99 -8.51 39.02
C ILE A 184 4.60 -9.95 38.69
N PRO A 185 4.06 -10.70 39.65
CA PRO A 185 3.67 -12.09 39.37
C PRO A 185 2.39 -12.25 38.58
N ASP A 186 1.49 -11.27 38.58
CA ASP A 186 0.21 -11.40 37.87
C ASP A 186 0.42 -11.22 36.38
N LEU A 187 0.28 -12.30 35.62
CA LEU A 187 0.37 -12.22 34.18
C LEU A 187 -0.80 -11.49 33.55
N LYS A 188 -1.96 -11.45 34.20
CA LYS A 188 -3.14 -10.92 33.52
C LYS A 188 -2.96 -9.46 33.13
N MET A 189 -2.15 -8.72 33.89
CA MET A 189 -1.88 -7.33 33.52
C MET A 189 -1.17 -7.26 32.18
N ALA A 190 -0.13 -8.07 31.99
CA ALA A 190 0.67 -7.99 30.78
C ALA A 190 -0.17 -8.30 29.54
N VAL A 191 -0.99 -9.35 29.59
CA VAL A 191 -1.81 -9.68 28.43
C VAL A 191 -2.83 -8.59 28.15
N SER A 192 -3.48 -8.06 29.18
CA SER A 192 -4.47 -7.02 28.97
C SER A 192 -3.83 -5.80 28.33
N PHE A 193 -2.64 -5.44 28.80
CA PHE A 193 -1.99 -4.24 28.30
C PHE A 193 -1.69 -4.35 26.81
N SER A 194 -1.28 -5.54 26.36
CA SER A 194 -1.05 -5.74 24.94
C SER A 194 -2.30 -5.53 24.11
N GLN A 195 -3.48 -5.78 24.68
CA GLN A 195 -4.72 -5.56 23.95
C GLN A 195 -5.11 -4.09 23.90
N PHE A 196 -5.05 -3.39 25.03
CA PHE A 196 -5.49 -2.01 25.04
C PHE A 196 -4.61 -1.12 24.20
N ASN A 197 -3.30 -1.30 24.24
CA ASN A 197 -2.42 -0.44 23.47
C ASN A 197 -2.41 -0.78 21.99
N ARG A 198 -3.05 -1.88 21.59
CA ARG A 198 -2.91 -2.33 20.20
C ARG A 198 -3.42 -1.28 19.22
N ARG A 199 -4.59 -0.71 19.48
CA ARG A 199 -5.12 0.32 18.59
C ARG A 199 -4.17 1.49 18.48
N PHE A 200 -3.69 1.99 19.61
CA PHE A 200 -2.77 3.14 19.58
C PHE A 200 -1.57 2.86 18.71
N LEU A 201 -0.96 1.68 18.84
CA LEU A 201 0.23 1.37 18.04
C LEU A 201 -0.08 1.31 16.55
N ASN A 202 -1.26 0.80 16.19
CA ASN A 202 -1.60 0.73 14.77
C ASN A 202 -1.79 2.11 14.16
N VAL A 203 -2.36 3.06 14.91
CA VAL A 203 -2.53 4.41 14.40
C VAL A 203 -1.18 5.05 14.10
N VAL A 204 -0.26 4.95 15.05
CA VAL A 204 1.08 5.48 14.83
C VAL A 204 1.70 4.87 13.58
N ARG A 205 1.64 3.54 13.47
CA ARG A 205 2.23 2.85 12.33
C ARG A 205 1.76 3.43 11.00
N GLN A 206 0.47 3.72 10.86
CA GLN A 206 -0.05 4.22 9.60
C GLN A 206 0.33 5.66 9.33
N PHE A 207 0.50 6.49 10.36
CA PHE A 207 0.95 7.85 10.14
C PHE A 207 2.44 7.90 9.81
N SER A 208 3.26 7.16 10.56
CA SER A 208 4.70 7.24 10.34
C SER A 208 5.10 6.69 8.98
N ASP A 209 4.35 5.71 8.45
CA ASP A 209 4.59 5.25 7.10
C ASP A 209 4.13 6.22 6.03
N ASN A 210 3.36 7.25 6.38
CA ASN A 210 2.77 8.14 5.38
C ASN A 210 3.10 9.61 5.62
N ALA A 211 3.95 9.92 6.57
CA ALA A 211 4.31 11.31 6.86
C ALA A 211 3.07 12.16 7.11
N GLY A 212 2.17 11.64 7.93
CA GLY A 212 1.10 12.44 8.50
C GLY A 212 -0.20 12.49 7.73
N ILE A 213 -0.23 12.03 6.49
CA ILE A 213 -1.46 12.01 5.70
C ILE A 213 -1.65 10.62 5.14
N THR A 214 -2.60 9.88 5.68
CA THR A 214 -2.81 8.49 5.30
C THR A 214 -3.49 8.42 3.94
N PRO A 215 -3.35 7.29 3.23
CA PRO A 215 -4.06 7.13 1.97
C PRO A 215 -5.51 6.72 2.12
N ALA A 216 -5.89 6.07 3.22
CA ALA A 216 -7.25 5.61 3.42
C ALA A 216 -7.56 5.59 4.90
N ILE A 217 -8.85 5.42 5.22
CA ILE A 217 -9.32 5.40 6.61
C ILE A 217 -9.20 3.95 7.08
N SER A 218 -8.09 3.63 7.74
CA SER A 218 -7.91 2.29 8.26
C SER A 218 -8.99 1.98 9.29
N LYS A 219 -9.15 0.69 9.57
CA LYS A 219 -10.00 0.26 10.67
C LYS A 219 -9.57 0.86 12.00
N ASP A 220 -8.30 1.21 12.15
CA ASP A 220 -7.82 1.70 13.43
C ASP A 220 -8.09 3.18 13.63
N LEU A 221 -8.12 3.97 12.56
CA LEU A 221 -8.53 5.36 12.69
C LEU A 221 -10.00 5.47 13.07
N MET A 222 -10.87 4.72 12.40
CA MET A 222 -12.27 4.65 12.78
C MET A 222 -12.71 3.19 12.84
N THR A 223 -13.26 2.77 13.97
CA THR A 223 -13.92 1.49 14.04
C THR A 223 -15.27 1.56 13.34
N ASP A 224 -15.88 0.39 13.15
CA ASP A 224 -17.17 0.33 12.48
C ASP A 224 -18.20 1.21 13.19
N ALA A 225 -18.29 1.09 14.51
CA ALA A 225 -19.25 1.90 15.25
C ALA A 225 -19.00 3.39 15.08
N GLU A 226 -17.74 3.81 15.15
CA GLU A 226 -17.44 5.23 14.95
C GLU A 226 -17.79 5.67 13.53
N LEU A 227 -17.51 4.84 12.54
CA LEU A 227 -17.82 5.22 11.16
C LEU A 227 -19.33 5.29 10.95
N ALA A 228 -20.08 4.40 11.57
CA ALA A 228 -21.54 4.43 11.42
C ALA A 228 -22.14 5.70 12.00
N ARG A 229 -21.75 6.07 13.23
CA ARG A 229 -22.26 7.30 13.81
C ARG A 229 -21.80 8.53 13.05
N ALA A 230 -20.62 8.48 12.44
CA ALA A 230 -20.16 9.63 11.66
C ALA A 230 -20.96 9.79 10.38
N ILE A 231 -21.07 8.73 9.58
CA ILE A 231 -21.83 8.80 8.34
C ILE A 231 -23.25 9.28 8.60
N SER A 232 -23.90 8.75 9.63
CA SER A 232 -25.30 9.09 9.89
C SER A 232 -25.51 10.52 10.36
N ASN A 233 -24.44 11.28 10.59
CA ASN A 233 -24.57 12.70 10.87
C ASN A 233 -24.40 13.58 9.62
N MET A 234 -24.02 13.01 8.49
CA MET A 234 -23.57 13.83 7.37
C MET A 234 -24.70 14.75 6.88
N PRO A 235 -24.33 15.88 6.28
CA PRO A 235 -25.31 16.88 5.82
C PRO A 235 -26.02 16.52 4.51
N THR A 236 -26.78 15.44 4.53
CA THR A 236 -27.48 15.01 3.34
C THR A 236 -28.75 14.25 3.72
N SER A 237 -29.69 14.20 2.79
CA SER A 237 -30.95 13.52 3.02
C SER A 237 -30.74 12.03 3.25
N ALA A 238 -31.79 11.38 3.77
CA ALA A 238 -31.64 10.01 4.26
C ALA A 238 -31.27 9.04 3.15
N GLY A 239 -31.77 9.25 1.93
CA GLY A 239 -31.51 8.30 0.87
C GLY A 239 -30.03 8.09 0.62
N GLN A 240 -29.28 9.18 0.50
CA GLN A 240 -27.84 9.08 0.30
C GLN A 240 -27.17 8.32 1.44
N ILE A 241 -27.57 8.61 2.68
CA ILE A 241 -26.89 8.00 3.82
C ILE A 241 -27.15 6.50 3.87
N LYS A 242 -28.36 6.07 3.56
CA LYS A 242 -28.64 4.64 3.56
C LYS A 242 -27.77 3.90 2.54
N LEU A 243 -27.45 4.53 1.41
CA LEU A 243 -26.51 3.90 0.49
C LEU A 243 -25.10 3.92 1.05
N MET A 244 -24.63 5.09 1.50
CA MET A 244 -23.29 5.16 2.08
C MET A 244 -23.15 4.19 3.23
N LEU A 245 -24.19 4.04 4.02
CA LEU A 245 -24.11 3.25 5.23
C LEU A 245 -24.09 1.77 4.93
N GLU A 246 -24.63 1.34 3.80
CA GLU A 246 -24.49 -0.03 3.31
C GLU A 246 -23.27 -0.22 2.41
N ASN A 247 -22.48 0.83 2.17
CA ASN A 247 -21.27 0.72 1.36
C ASN A 247 -20.07 1.30 2.09
N ARG A 248 -20.08 1.27 3.42
CA ARG A 248 -19.08 2.00 4.18
C ARG A 248 -17.66 1.55 3.85
N CYS A 249 -17.49 0.36 3.29
CA CYS A 249 -16.17 -0.04 2.82
C CYS A 249 -15.67 0.88 1.72
N MET A 250 -16.57 1.37 0.86
CA MET A 250 -16.15 2.30 -0.18
C MET A 250 -15.99 3.72 0.35
N VAL A 251 -16.85 4.15 1.26
CA VAL A 251 -16.65 5.42 1.95
C VAL A 251 -15.29 5.41 2.64
N ARG A 252 -14.99 4.32 3.33
CA ARG A 252 -13.73 4.19 4.04
C ARG A 252 -12.55 4.33 3.08
N ARG A 253 -12.65 3.73 1.90
CA ARG A 253 -11.59 3.77 0.91
C ARG A 253 -11.37 5.17 0.33
N LYS A 254 -12.45 5.93 0.13
CA LYS A 254 -12.31 7.22 -0.54
C LYS A 254 -11.74 8.32 0.35
N GLY A 255 -12.03 8.29 1.64
CA GLY A 255 -11.57 9.32 2.55
C GLY A 255 -10.12 9.16 2.96
N PHE A 256 -9.68 10.06 3.83
CA PHE A 256 -8.30 10.07 4.31
C PHE A 256 -8.25 10.76 5.67
N GLY A 257 -7.13 10.60 6.35
CA GLY A 257 -6.92 11.21 7.65
C GLY A 257 -5.68 12.07 7.76
N ILE A 258 -5.67 13.02 8.69
CA ILE A 258 -4.55 13.93 8.89
C ILE A 258 -4.20 13.98 10.37
N LEU A 259 -2.91 13.88 10.68
CA LEU A 259 -2.44 14.02 12.05
C LEU A 259 -2.38 15.48 12.44
N ILE A 260 -3.08 15.84 13.52
CA ILE A 260 -2.98 17.19 14.07
C ILE A 260 -1.75 17.32 14.94
N GLY A 261 -1.56 16.38 15.86
CA GLY A 261 -0.34 16.32 16.64
C GLY A 261 -0.53 15.50 17.89
N VAL A 262 0.47 15.57 18.76
CA VAL A 262 0.40 15.00 20.10
C VAL A 262 0.38 16.15 21.10
N TYR A 263 -0.69 16.24 21.88
CA TYR A 263 -0.89 17.31 22.85
C TYR A 263 -1.03 16.71 24.23
N GLY A 264 -0.11 17.07 25.13
CA GLY A 264 -0.02 16.41 26.41
C GLY A 264 0.25 14.92 26.26
N SER A 265 -0.71 14.08 26.66
CA SER A 265 -0.62 12.65 26.43
C SER A 265 -1.78 12.15 25.58
N SER A 266 -2.36 13.03 24.77
CA SER A 266 -3.39 12.66 23.81
C SER A 266 -2.86 12.83 22.39
N VAL A 267 -3.03 11.81 21.57
CA VAL A 267 -2.89 11.97 20.13
C VAL A 267 -4.18 12.57 19.58
N ILE A 268 -4.06 13.61 18.77
CA ILE A 268 -5.19 14.22 18.09
C ILE A 268 -5.00 14.07 16.59
N TYR A 269 -5.97 13.45 15.93
CA TYR A 269 -5.97 13.31 14.49
C TYR A 269 -7.38 13.50 14.00
N MET A 270 -7.53 13.79 12.72
CA MET A 270 -8.83 14.00 12.11
C MET A 270 -8.98 13.13 10.87
N VAL A 271 -10.22 12.77 10.59
CA VAL A 271 -10.58 12.02 9.39
C VAL A 271 -11.51 12.87 8.54
N GLN A 272 -11.46 12.64 7.24
CA GLN A 272 -12.05 13.53 6.25
C GLN A 272 -12.94 12.68 5.34
N LEU A 273 -14.25 12.64 5.62
CA LEU A 273 -15.10 11.64 5.00
C LEU A 273 -15.82 12.19 3.77
N PRO A 274 -15.99 11.36 2.73
CA PRO A 274 -16.68 11.82 1.52
C PRO A 274 -18.19 11.91 1.72
N ILE A 275 -18.76 13.07 1.38
CA ILE A 275 -20.20 13.22 1.26
C ILE A 275 -20.60 12.82 -0.16
N PHE A 276 -21.20 11.64 -0.31
CA PHE A 276 -21.74 11.19 -1.60
C PHE A 276 -23.13 11.79 -1.81
N GLY A 277 -23.15 13.10 -2.00
CA GLY A 277 -24.40 13.84 -1.89
C GLY A 277 -25.37 13.69 -3.05
N VAL A 278 -24.93 13.17 -4.19
CA VAL A 278 -25.81 12.94 -5.33
C VAL A 278 -25.69 11.47 -5.74
N ILE A 279 -26.83 10.81 -5.89
CA ILE A 279 -26.87 9.41 -6.31
C ILE A 279 -27.94 9.18 -7.35
N ASP A 280 -27.78 8.08 -8.09
CA ASP A 280 -28.76 7.63 -9.09
C ASP A 280 -29.02 8.66 -10.18
N THR A 281 -27.99 9.35 -10.64
CA THR A 281 -28.09 10.01 -11.94
C THR A 281 -27.56 9.10 -13.03
N PRO A 282 -27.95 9.32 -14.29
CA PRO A 282 -27.51 8.43 -15.37
C PRO A 282 -26.03 8.61 -15.69
N CYS A 283 -25.37 7.50 -15.99
CA CYS A 283 -23.98 7.52 -16.45
C CYS A 283 -23.81 6.55 -17.60
N TRP A 284 -22.73 6.73 -18.35
CA TRP A 284 -22.36 5.80 -19.41
C TRP A 284 -20.85 5.80 -19.58
N ILE A 285 -20.33 4.74 -20.18
CA ILE A 285 -18.91 4.57 -20.45
C ILE A 285 -18.70 4.44 -21.95
N VAL A 286 -17.66 5.08 -22.46
CA VAL A 286 -17.28 4.99 -23.87
C VAL A 286 -15.98 4.21 -23.98
N LYS A 287 -15.95 3.22 -24.87
CA LYS A 287 -14.74 2.47 -25.20
C LYS A 287 -14.51 2.56 -26.70
N ALA A 288 -13.26 2.46 -27.11
CA ALA A 288 -12.94 2.57 -28.53
C ALA A 288 -11.77 1.66 -28.87
N ALA A 289 -11.69 1.30 -30.14
CA ALA A 289 -10.54 0.57 -30.69
C ALA A 289 -10.19 1.17 -32.03
N PRO A 290 -8.94 0.99 -32.48
CA PRO A 290 -8.51 1.63 -33.73
C PRO A 290 -9.35 1.19 -34.91
N SER A 291 -9.89 2.16 -35.64
CA SER A 291 -10.67 1.92 -36.83
C SER A 291 -9.82 2.23 -38.07
N CYS A 292 -9.60 1.24 -38.92
CA CYS A 292 -8.64 1.35 -40.01
C CYS A 292 -9.25 0.84 -41.30
N SER A 293 -8.63 1.26 -42.40
CA SER A 293 -9.12 0.98 -43.74
C SER A 293 -7.92 0.92 -44.67
N GLU A 294 -8.14 0.41 -45.89
CA GLU A 294 -7.09 0.37 -46.90
C GLU A 294 -7.54 1.05 -48.18
N LYS A 295 -6.58 1.67 -48.87
CA LYS A 295 -6.80 2.15 -50.24
C LYS A 295 -5.54 1.86 -51.05
N LYS A 296 -5.56 0.76 -51.81
CA LYS A 296 -4.40 0.30 -52.55
C LYS A 296 -3.22 -0.02 -51.64
N GLY A 297 -3.50 -0.71 -50.53
CA GLY A 297 -2.47 -1.28 -49.70
C GLY A 297 -1.83 -0.36 -48.70
N ASN A 298 -2.28 0.89 -48.59
CA ASN A 298 -1.78 1.85 -47.62
C ASN A 298 -2.91 2.15 -46.63
N TYR A 299 -2.62 2.01 -45.35
CA TYR A 299 -3.65 2.14 -44.33
C TYR A 299 -3.94 3.59 -43.99
N ALA A 300 -5.08 3.80 -43.34
CA ALA A 300 -5.38 4.99 -42.57
C ALA A 300 -6.16 4.55 -41.34
N CYS A 301 -5.98 5.27 -40.24
CA CYS A 301 -6.57 4.85 -38.97
C CYS A 301 -6.97 6.08 -38.18
N LEU A 302 -7.92 5.88 -37.26
CA LEU A 302 -8.18 6.85 -36.21
C LEU A 302 -8.64 6.12 -34.96
N LEU A 303 -8.40 6.74 -33.81
CA LEU A 303 -8.87 6.25 -32.53
C LEU A 303 -9.53 7.38 -31.77
N ARG A 304 -10.67 7.11 -31.18
CA ARG A 304 -11.37 8.10 -30.37
C ARG A 304 -10.64 8.35 -29.07
N GLU A 305 -10.47 9.62 -28.72
CA GLU A 305 -9.74 10.03 -27.53
C GLU A 305 -10.64 10.41 -26.36
N ASP A 306 -11.96 10.28 -26.51
CA ASP A 306 -12.90 10.67 -25.46
C ASP A 306 -13.42 9.47 -24.70
N GLN A 307 -12.57 8.47 -24.48
CA GLN A 307 -12.94 7.29 -23.73
C GLN A 307 -13.10 7.63 -22.25
N GLY A 308 -13.76 6.74 -21.52
CA GLY A 308 -13.97 6.90 -20.11
C GLY A 308 -15.41 7.25 -19.75
N TRP A 309 -15.58 7.67 -18.51
CA TRP A 309 -16.89 7.82 -17.90
C TRP A 309 -17.54 9.15 -18.23
N TYR A 310 -18.86 9.13 -18.33
CA TYR A 310 -19.69 10.32 -18.44
C TYR A 310 -20.87 10.18 -17.50
N CYS A 311 -21.36 11.30 -16.97
CA CYS A 311 -22.60 11.29 -16.21
C CYS A 311 -23.38 12.57 -16.45
N GLN A 312 -24.70 12.45 -16.40
CA GLN A 312 -25.57 13.60 -16.28
C GLN A 312 -25.69 14.00 -14.81
N ASN A 313 -25.82 15.30 -14.58
CA ASN A 313 -26.14 15.79 -13.24
C ASN A 313 -26.90 17.09 -13.37
N ALA A 314 -28.14 17.11 -12.91
CA ALA A 314 -28.97 18.31 -12.92
C ALA A 314 -28.99 18.97 -14.31
N GLY A 315 -29.01 18.15 -15.35
CA GLY A 315 -29.05 18.66 -16.70
C GLY A 315 -27.74 19.12 -17.29
N SER A 316 -26.62 18.84 -16.65
CA SER A 316 -25.30 19.10 -17.22
C SER A 316 -24.54 17.79 -17.36
N THR A 317 -23.67 17.74 -18.37
CA THR A 317 -22.87 16.56 -18.65
C THR A 317 -21.47 16.76 -18.09
N VAL A 318 -20.96 15.75 -17.40
CA VAL A 318 -19.64 15.81 -16.78
C VAL A 318 -18.83 14.62 -17.28
N TYR A 319 -17.58 14.88 -17.65
CA TYR A 319 -16.68 13.87 -18.17
C TYR A 319 -15.58 13.62 -17.15
N TYR A 320 -15.30 12.35 -16.86
CA TYR A 320 -14.41 11.95 -15.77
C TYR A 320 -13.21 11.19 -16.33
N PRO A 321 -12.15 11.88 -16.74
CA PRO A 321 -11.11 11.22 -17.54
C PRO A 321 -10.08 10.43 -16.73
N CYS A 322 -9.85 10.75 -15.46
CA CYS A 322 -8.84 10.02 -14.71
C CYS A 322 -9.20 8.55 -14.60
N GLU A 323 -8.21 7.70 -14.85
CA GLU A 323 -8.40 6.26 -14.67
C GLU A 323 -8.63 5.91 -13.21
N LYS A 324 -8.07 6.68 -12.29
CA LYS A 324 -8.09 6.35 -10.87
C LYS A 324 -9.40 6.67 -10.19
N ASP A 325 -10.20 7.59 -10.74
CA ASP A 325 -11.19 8.31 -9.95
C ASP A 325 -12.63 7.94 -10.28
N CYS A 326 -12.86 6.87 -11.03
CA CYS A 326 -14.17 6.22 -11.06
C CYS A 326 -13.99 4.72 -10.92
N GLU A 327 -14.82 4.11 -10.06
CA GLU A 327 -14.76 2.68 -9.80
C GLU A 327 -16.16 2.13 -9.73
N THR A 328 -16.38 0.96 -10.33
CA THR A 328 -17.69 0.36 -10.38
C THR A 328 -17.80 -0.74 -9.33
N ARG A 329 -18.99 -0.90 -8.78
CA ARG A 329 -19.36 -2.05 -7.96
C ARG A 329 -20.75 -2.48 -8.40
N GLY A 330 -20.80 -3.41 -9.35
CA GLY A 330 -22.05 -3.74 -10.00
C GLY A 330 -22.58 -2.57 -10.80
N ASP A 331 -23.87 -2.28 -10.61
CA ASP A 331 -24.57 -1.26 -11.37
C ASP A 331 -24.19 0.17 -10.97
N HIS A 332 -23.49 0.35 -9.87
CA HIS A 332 -23.12 1.67 -9.38
C HIS A 332 -21.68 2.01 -9.77
N VAL A 333 -21.47 3.24 -10.21
CA VAL A 333 -20.14 3.77 -10.46
C VAL A 333 -19.87 4.89 -9.47
N PHE A 334 -18.78 4.78 -8.72
CA PHE A 334 -18.39 5.74 -7.71
C PHE A 334 -17.36 6.70 -8.29
N CYS A 335 -17.66 7.99 -8.28
CA CYS A 335 -16.82 8.98 -8.93
C CYS A 335 -16.69 10.21 -8.05
N ASP A 336 -15.63 10.98 -8.29
CA ASP A 336 -15.33 12.19 -7.54
C ASP A 336 -15.61 13.40 -8.41
N THR A 337 -16.49 14.26 -7.95
CA THR A 337 -16.90 15.42 -8.75
C THR A 337 -15.75 16.38 -9.02
N ALA A 338 -14.68 16.34 -8.21
CA ALA A 338 -13.56 17.23 -8.45
C ALA A 338 -12.77 16.85 -9.68
N ALA A 339 -12.82 15.59 -10.10
CA ALA A 339 -12.16 15.15 -11.31
C ALA A 339 -12.93 15.46 -12.58
N GLY A 340 -14.16 15.95 -12.47
CA GLY A 340 -15.01 16.10 -13.65
C GLY A 340 -14.72 17.36 -14.43
N ILE A 341 -14.52 17.21 -15.73
CA ILE A 341 -14.45 18.32 -16.66
C ILE A 341 -15.82 18.46 -17.30
N ASN A 342 -16.38 19.67 -17.27
CA ASN A 342 -17.69 19.91 -17.88
C ASN A 342 -17.57 19.95 -19.39
N VAL A 343 -18.49 19.27 -20.06
CA VAL A 343 -18.53 19.22 -21.52
C VAL A 343 -19.90 19.64 -21.98
N ALA A 344 -19.95 20.28 -23.15
CA ALA A 344 -21.22 20.70 -23.72
C ALA A 344 -22.09 19.48 -24.00
N GLU A 345 -23.40 19.69 -23.94
CA GLU A 345 -24.33 18.57 -24.09
C GLU A 345 -24.27 17.98 -25.48
N GLN A 346 -23.86 18.76 -26.48
CA GLN A 346 -23.61 18.23 -27.81
C GLN A 346 -22.54 17.15 -27.85
N SER A 347 -21.74 17.00 -26.79
CA SER A 347 -20.72 15.96 -26.79
C SER A 347 -21.29 14.57 -27.07
N LYS A 348 -22.55 14.34 -26.71
CA LYS A 348 -23.17 13.07 -27.03
C LYS A 348 -23.32 12.84 -28.53
N GLU A 349 -23.26 13.89 -29.36
CA GLU A 349 -23.40 13.68 -30.79
C GLU A 349 -22.24 12.85 -31.37
N CYS A 350 -21.07 12.90 -30.76
CA CYS A 350 -19.99 12.02 -31.20
C CYS A 350 -20.33 10.55 -31.05
N ASN A 351 -21.35 10.22 -30.26
CA ASN A 351 -21.82 8.85 -30.13
C ASN A 351 -22.93 8.48 -31.10
N ILE A 352 -23.33 9.38 -32.00
CA ILE A 352 -24.44 9.11 -32.90
C ILE A 352 -24.02 9.29 -34.35
N ASN A 353 -23.54 10.48 -34.68
CA ASN A 353 -23.27 10.89 -36.06
C ASN A 353 -21.95 11.65 -36.14
N ILE A 354 -20.90 11.03 -35.59
CA ILE A 354 -19.56 11.59 -35.58
C ILE A 354 -19.13 12.04 -36.97
N SER A 355 -19.65 11.40 -38.01
CA SER A 355 -19.36 11.84 -39.37
C SER A 355 -19.69 13.32 -39.58
N THR A 356 -20.79 13.79 -38.99
CA THR A 356 -21.38 15.06 -39.40
C THR A 356 -21.66 16.03 -38.26
N THR A 357 -21.45 15.64 -37.01
CA THR A 357 -21.60 16.59 -35.91
C THR A 357 -20.68 17.79 -36.08
N ASN A 358 -21.16 18.94 -35.63
CA ASN A 358 -20.33 20.15 -35.60
C ASN A 358 -19.54 20.29 -34.30
N TYR A 359 -19.82 19.46 -33.30
CA TYR A 359 -18.97 19.40 -32.13
C TYR A 359 -17.62 18.79 -32.51
N PRO A 360 -16.50 19.37 -32.07
CA PRO A 360 -15.20 18.82 -32.47
C PRO A 360 -14.83 17.57 -31.69
N CYS A 361 -15.24 16.40 -32.19
CA CYS A 361 -14.92 15.15 -31.50
C CYS A 361 -13.42 14.91 -31.54
N LYS A 362 -12.85 14.56 -30.39
CA LYS A 362 -11.41 14.33 -30.29
C LYS A 362 -11.04 12.96 -30.80
N VAL A 363 -10.11 12.91 -31.76
CA VAL A 363 -9.59 11.65 -32.28
C VAL A 363 -8.07 11.74 -32.39
N SER A 364 -7.44 10.57 -32.45
CA SER A 364 -6.04 10.43 -32.82
C SER A 364 -5.97 9.76 -34.17
N CYS A 365 -5.12 10.28 -35.04
CA CYS A 365 -5.06 9.83 -36.42
C CYS A 365 -3.66 9.36 -36.74
N GLY A 366 -3.58 8.43 -37.69
CA GLY A 366 -2.29 7.89 -38.07
C GLY A 366 -2.44 6.94 -39.23
N ARG A 367 -1.38 6.19 -39.49
CA ARG A 367 -1.34 5.31 -40.64
C ARG A 367 -0.68 3.98 -40.35
N HIS A 368 -0.43 3.63 -39.08
CA HIS A 368 0.01 2.30 -38.73
C HIS A 368 -1.12 1.55 -38.06
N PRO A 369 -1.61 0.44 -38.63
CA PRO A 369 -2.76 -0.24 -38.03
C PRO A 369 -2.41 -1.10 -36.83
N ILE A 370 -2.67 -0.60 -35.63
CA ILE A 370 -2.49 -1.40 -34.42
C ILE A 370 -3.61 -2.42 -34.30
N SER A 371 -3.25 -3.64 -33.93
CA SER A 371 -4.21 -4.70 -33.62
C SER A 371 -4.28 -4.89 -32.12
N MET A 372 -5.49 -4.92 -31.58
CA MET A 372 -5.68 -4.99 -30.14
C MET A 372 -7.12 -5.39 -29.83
N VAL A 373 -7.34 -5.78 -28.59
CA VAL A 373 -8.67 -6.01 -28.03
C VAL A 373 -8.95 -4.91 -27.03
N ALA A 374 -10.17 -4.37 -27.07
CA ALA A 374 -10.67 -3.46 -26.05
C ALA A 374 -11.95 -4.03 -25.48
N LEU A 375 -11.93 -4.39 -24.20
CA LEU A 375 -13.07 -5.01 -23.56
C LEU A 375 -14.16 -3.98 -23.25
N SER A 376 -15.35 -4.49 -23.00
CA SER A 376 -16.50 -3.69 -22.60
C SER A 376 -17.34 -4.51 -21.65
N PRO A 377 -18.18 -3.87 -20.85
CA PRO A 377 -18.94 -4.63 -19.84
C PRO A 377 -19.77 -5.76 -20.42
N LEU A 378 -20.29 -5.64 -21.64
CA LEU A 378 -21.11 -6.68 -22.25
C LEU A 378 -20.49 -7.26 -23.51
N GLY A 379 -19.20 -7.09 -23.73
CA GLY A 379 -18.59 -7.62 -24.93
C GLY A 379 -17.15 -7.16 -25.06
N ALA A 380 -16.59 -7.39 -26.24
CA ALA A 380 -15.24 -6.93 -26.56
C ALA A 380 -15.20 -6.39 -27.97
N LEU A 381 -14.55 -5.24 -28.15
CA LEU A 381 -14.15 -4.79 -29.47
C LEU A 381 -12.85 -5.50 -29.84
N VAL A 382 -12.82 -6.11 -31.01
CA VAL A 382 -11.63 -6.79 -31.50
C VAL A 382 -11.20 -6.13 -32.80
N ALA A 383 -10.03 -5.49 -32.77
CA ALA A 383 -9.40 -4.92 -33.96
C ALA A 383 -8.16 -5.74 -34.27
N CYS A 384 -8.14 -6.37 -35.45
CA CYS A 384 -6.90 -6.96 -35.95
C CYS A 384 -6.82 -6.81 -37.46
N TYR A 385 -5.60 -6.54 -37.93
CA TYR A 385 -5.36 -6.21 -39.31
C TYR A 385 -4.20 -7.09 -39.79
N LYS A 386 -3.53 -6.65 -40.85
CA LYS A 386 -2.51 -7.47 -41.50
C LYS A 386 -1.57 -8.10 -40.49
N GLY A 387 -1.40 -9.42 -40.59
CA GLY A 387 -0.41 -10.14 -39.83
C GLY A 387 -0.83 -10.56 -38.44
N VAL A 388 -2.12 -10.54 -38.13
CA VAL A 388 -2.64 -11.04 -36.87
C VAL A 388 -3.82 -11.95 -37.19
N SER A 389 -4.04 -12.94 -36.34
CA SER A 389 -5.05 -13.98 -36.58
C SER A 389 -6.02 -14.06 -35.40
N CYS A 390 -7.04 -13.20 -35.42
CA CYS A 390 -8.07 -13.28 -34.39
C CYS A 390 -8.91 -14.53 -34.55
N SER A 391 -9.35 -15.08 -33.42
CA SER A 391 -10.38 -16.11 -33.43
C SER A 391 -11.11 -16.07 -32.10
N ILE A 392 -12.30 -16.65 -32.08
CA ILE A 392 -13.17 -16.65 -30.90
C ILE A 392 -13.46 -18.08 -30.50
N GLY A 393 -13.70 -18.28 -29.20
CA GLY A 393 -13.85 -19.62 -28.67
C GLY A 393 -14.67 -19.65 -27.41
N SER A 394 -14.99 -20.86 -26.96
CA SER A 394 -15.89 -21.08 -25.85
C SER A 394 -15.38 -22.23 -25.00
N ASN A 395 -15.93 -22.33 -23.79
CA ASN A 395 -15.74 -23.49 -22.94
C ASN A 395 -16.51 -24.72 -23.42
N ARG A 396 -17.45 -24.54 -24.34
CA ARG A 396 -18.07 -25.68 -25.01
C ARG A 396 -17.11 -26.30 -26.01
N VAL A 397 -16.59 -25.51 -26.92
CA VAL A 397 -15.57 -25.94 -27.87
C VAL A 397 -14.54 -24.82 -27.98
N GLY A 398 -13.26 -25.19 -28.03
CA GLY A 398 -12.21 -24.20 -27.90
C GLY A 398 -12.13 -23.22 -29.06
N ILE A 399 -12.66 -23.58 -30.23
CA ILE A 399 -12.68 -22.70 -31.39
C ILE A 399 -14.06 -22.73 -32.02
N ILE A 400 -14.56 -21.54 -32.36
CA ILE A 400 -15.86 -21.39 -33.01
C ILE A 400 -15.71 -20.79 -34.41
N LYS A 401 -14.93 -19.72 -34.53
CA LYS A 401 -14.89 -18.94 -35.76
C LYS A 401 -13.62 -18.11 -35.80
N GLN A 402 -12.92 -18.16 -36.94
CA GLN A 402 -11.88 -17.18 -37.22
C GLN A 402 -12.53 -15.90 -37.72
N LEU A 403 -12.11 -14.77 -37.17
CA LEU A 403 -12.70 -13.49 -37.52
C LEU A 403 -12.18 -12.97 -38.85
N ASN A 404 -13.04 -12.22 -39.53
CA ASN A 404 -12.59 -11.43 -40.67
C ASN A 404 -11.67 -10.31 -40.21
N LYS A 405 -10.80 -9.88 -41.11
CA LYS A 405 -10.00 -8.70 -40.86
C LYS A 405 -10.89 -7.47 -40.77
N GLY A 406 -10.55 -6.57 -39.84
CA GLY A 406 -11.31 -5.36 -39.61
C GLY A 406 -11.55 -5.14 -38.14
N CYS A 407 -12.50 -4.28 -37.83
CA CYS A 407 -13.04 -4.11 -36.49
C CYS A 407 -14.36 -4.86 -36.38
N SER A 408 -14.47 -5.72 -35.36
CA SER A 408 -15.66 -6.52 -35.16
C SER A 408 -16.04 -6.52 -33.68
N TYR A 409 -17.33 -6.68 -33.42
CA TYR A 409 -17.87 -6.67 -32.07
C TYR A 409 -18.23 -8.10 -31.69
N ILE A 410 -17.57 -8.64 -30.67
CA ILE A 410 -17.79 -10.00 -30.21
C ILE A 410 -18.67 -9.95 -28.98
N THR A 411 -19.91 -10.40 -29.11
CA THR A 411 -20.86 -10.34 -28.01
C THR A 411 -20.54 -11.42 -26.98
N ASN A 412 -20.66 -11.07 -25.70
CA ASN A 412 -20.39 -12.06 -24.66
C ASN A 412 -21.41 -13.18 -24.63
N GLN A 413 -22.50 -13.06 -25.38
CA GLN A 413 -23.41 -14.18 -25.55
C GLN A 413 -22.94 -15.13 -26.63
N ASP A 414 -22.03 -14.69 -27.51
CA ASP A 414 -21.62 -15.47 -28.66
C ASP A 414 -20.38 -16.30 -28.39
N ALA A 415 -19.51 -15.85 -27.49
CA ALA A 415 -18.31 -16.58 -27.14
C ALA A 415 -17.97 -16.28 -25.69
N ASP A 416 -17.28 -17.21 -25.05
CA ASP A 416 -16.74 -16.97 -23.72
C ASP A 416 -15.35 -16.37 -23.75
N THR A 417 -14.62 -16.54 -24.84
CA THR A 417 -13.24 -16.08 -24.92
C THR A 417 -12.94 -15.62 -26.34
N VAL A 418 -11.99 -14.68 -26.45
CA VAL A 418 -11.45 -14.28 -27.74
C VAL A 418 -9.93 -14.39 -27.65
N THR A 419 -9.30 -14.80 -28.74
CA THR A 419 -7.85 -14.91 -28.80
C THR A 419 -7.34 -14.22 -30.06
N ILE A 420 -6.33 -13.40 -29.91
CA ILE A 420 -5.85 -12.53 -30.98
C ILE A 420 -4.58 -13.06 -31.60
N ASP A 421 -3.59 -13.41 -30.77
CA ASP A 421 -2.37 -14.06 -31.27
C ASP A 421 -1.71 -14.76 -30.10
N ASN A 422 -1.91 -16.06 -29.99
CA ASN A 422 -1.41 -16.86 -28.87
C ASN A 422 -1.86 -16.34 -27.52
N THR A 423 -2.85 -15.45 -27.49
CA THR A 423 -3.20 -14.68 -26.31
C THR A 423 -4.72 -14.75 -26.15
N VAL A 424 -5.19 -14.95 -24.93
CA VAL A 424 -6.59 -15.25 -24.66
C VAL A 424 -7.15 -14.21 -23.71
N TYR A 425 -8.31 -13.66 -24.07
CA TYR A 425 -9.08 -12.77 -23.22
C TYR A 425 -10.41 -13.42 -22.87
N GLN A 426 -10.84 -13.25 -21.62
CA GLN A 426 -12.05 -13.87 -21.12
C GLN A 426 -13.12 -12.82 -20.93
N LEU A 427 -14.29 -13.04 -21.52
CA LEU A 427 -15.33 -12.02 -21.58
C LEU A 427 -16.17 -11.99 -20.30
N SER A 428 -16.71 -10.81 -20.01
CA SER A 428 -17.67 -10.63 -18.94
C SER A 428 -18.98 -11.34 -19.27
N LYS A 429 -19.59 -11.97 -18.26
CA LYS A 429 -20.84 -12.70 -18.42
C LYS A 429 -22.04 -11.92 -17.91
N VAL A 430 -21.94 -10.60 -17.79
CA VAL A 430 -23.11 -9.82 -17.45
C VAL A 430 -24.14 -9.94 -18.58
N GLU A 431 -25.41 -9.79 -18.22
CA GLU A 431 -26.51 -9.94 -19.17
C GLU A 431 -27.14 -8.58 -19.44
N GLY A 432 -27.39 -8.30 -20.70
CA GLY A 432 -28.05 -7.08 -21.09
C GLY A 432 -28.18 -7.03 -22.59
N GLU A 433 -29.09 -6.18 -23.06
CA GLU A 433 -29.35 -6.11 -24.49
C GLU A 433 -28.22 -5.38 -25.19
N GLN A 434 -27.88 -5.83 -26.39
CA GLN A 434 -26.94 -5.17 -27.27
C GLN A 434 -27.63 -4.66 -28.52
N HIS A 435 -27.15 -3.54 -29.03
CA HIS A 435 -27.55 -3.02 -30.33
C HIS A 435 -26.32 -2.80 -31.19
N VAL A 436 -26.50 -2.86 -32.51
CA VAL A 436 -25.52 -2.41 -33.47
C VAL A 436 -26.10 -1.21 -34.22
N ILE A 437 -25.37 -0.09 -34.22
CA ILE A 437 -25.73 1.06 -35.05
C ILE A 437 -24.93 0.96 -36.34
N LYS A 438 -25.61 0.56 -37.41
CA LYS A 438 -24.95 0.39 -38.70
C LYS A 438 -24.47 1.72 -39.27
N GLY A 439 -23.39 1.66 -40.04
CA GLY A 439 -22.88 2.81 -40.77
C GLY A 439 -21.48 2.60 -41.32
N ARG A 440 -21.19 3.17 -42.47
CA ARG A 440 -19.85 3.10 -43.02
C ARG A 440 -18.85 3.78 -42.08
N PRO A 441 -17.78 3.09 -41.67
CA PRO A 441 -16.83 3.71 -40.76
C PRO A 441 -16.17 4.94 -41.37
N VAL A 442 -15.93 5.95 -40.53
CA VAL A 442 -15.33 7.19 -41.00
C VAL A 442 -14.01 6.91 -41.72
N SER A 443 -13.20 6.01 -41.15
CA SER A 443 -11.90 5.70 -41.74
C SER A 443 -11.99 5.30 -43.21
N SER A 444 -13.15 4.86 -43.69
CA SER A 444 -13.30 4.42 -45.07
C SER A 444 -14.19 5.34 -45.89
N SER A 445 -14.61 6.47 -45.32
CA SER A 445 -15.58 7.33 -45.98
C SER A 445 -14.98 8.64 -46.48
N PHE A 446 -13.91 9.12 -45.85
CA PHE A 446 -13.31 10.39 -46.21
C PHE A 446 -11.88 10.17 -46.69
N ASP A 447 -11.42 11.06 -47.56
CA ASP A 447 -10.02 11.03 -47.96
C ASP A 447 -9.15 11.57 -46.84
N PRO A 448 -8.04 10.92 -46.50
CA PRO A 448 -7.22 11.41 -45.39
C PRO A 448 -6.33 12.57 -45.80
N VAL A 449 -6.02 13.40 -44.81
CA VAL A 449 -5.16 14.56 -45.03
C VAL A 449 -3.76 14.10 -45.41
N LYS A 450 -3.12 14.84 -46.31
CA LYS A 450 -1.81 14.44 -46.79
C LYS A 450 -0.68 14.82 -45.86
N PHE A 451 -0.82 15.90 -45.09
CA PHE A 451 0.26 16.25 -44.17
C PHE A 451 -0.23 17.21 -43.10
N PRO A 452 0.13 17.00 -41.82
CA PRO A 452 0.71 15.79 -41.25
C PRO A 452 -0.33 14.71 -41.10
N GLN A 453 -0.01 13.48 -41.49
CA GLN A 453 -0.99 12.41 -41.43
C GLN A 453 -1.18 11.87 -40.03
N ASP A 454 -0.15 11.95 -39.19
CA ASP A 454 -0.21 11.45 -37.82
C ASP A 454 -0.39 12.61 -36.85
N GLN A 455 -1.47 12.58 -36.08
CA GLN A 455 -1.81 13.67 -35.18
C GLN A 455 -2.32 13.08 -33.87
N PHE A 456 -1.81 13.59 -32.74
CA PHE A 456 -2.00 12.89 -31.48
C PHE A 456 -3.44 12.98 -30.99
N ASN A 457 -3.93 14.19 -30.75
CA ASN A 457 -5.21 14.36 -30.07
C ASN A 457 -5.84 15.66 -30.58
N VAL A 458 -6.73 15.53 -31.56
CA VAL A 458 -7.03 16.61 -32.48
C VAL A 458 -8.48 16.51 -32.89
N ALA A 459 -9.07 17.65 -33.24
CA ALA A 459 -10.42 17.66 -33.78
C ALA A 459 -10.48 16.90 -35.09
N LEU A 460 -11.54 16.10 -35.25
CA LEU A 460 -11.61 15.15 -36.36
C LEU A 460 -11.42 15.80 -37.72
N ASP A 461 -11.88 17.04 -37.88
CA ASP A 461 -11.84 17.65 -39.21
C ASP A 461 -10.44 18.02 -39.67
N GLN A 462 -9.43 17.93 -38.81
CA GLN A 462 -8.06 18.09 -39.28
C GLN A 462 -7.55 16.83 -39.94
N CYS A 463 -8.13 15.68 -39.64
CA CYS A 463 -7.65 14.42 -40.18
C CYS A 463 -8.26 14.05 -41.51
N PHE A 464 -9.44 14.57 -41.85
CA PHE A 464 -10.23 14.01 -42.93
C PHE A 464 -10.90 15.09 -43.75
N GLU A 465 -11.19 14.76 -45.01
CA GLU A 465 -11.94 15.63 -45.91
C GLU A 465 -11.27 16.98 -46.05
N SER A 466 -9.96 16.93 -46.33
CA SER A 466 -9.11 18.11 -46.33
C SER A 466 -9.42 19.04 -47.51
N LEU B 19 24.49 -11.10 -20.89
CA LEU B 19 23.73 -9.99 -21.50
C LEU B 19 24.59 -9.28 -22.53
N LYS B 20 23.99 -8.95 -23.69
CA LYS B 20 24.69 -8.24 -24.75
C LYS B 20 23.95 -6.93 -25.00
N GLU B 21 24.67 -5.81 -24.91
CA GLU B 21 24.09 -4.48 -25.04
C GLU B 21 24.71 -3.75 -26.21
N SER B 22 23.90 -3.43 -27.22
CA SER B 22 24.34 -2.69 -28.39
C SER B 22 23.95 -1.23 -28.23
N TYR B 23 24.91 -0.34 -28.46
CA TYR B 23 24.64 1.10 -28.57
C TYR B 23 24.41 1.46 -30.03
N LEU B 24 23.27 2.08 -30.33
CA LEU B 24 22.89 2.41 -31.70
C LEU B 24 23.14 3.89 -31.93
N GLU B 25 24.20 4.19 -32.67
CA GLU B 25 24.58 5.59 -32.87
C GLU B 25 23.56 6.33 -33.72
N GLU B 26 22.87 5.63 -34.62
CA GLU B 26 21.95 6.29 -35.54
C GLU B 26 20.78 6.95 -34.84
N SER B 27 20.49 6.58 -33.59
CA SER B 27 19.31 7.12 -32.91
C SER B 27 19.54 7.32 -31.42
N CYS B 28 20.77 7.28 -30.93
CA CYS B 28 21.06 7.50 -29.52
C CYS B 28 20.18 6.61 -28.64
N SER B 29 20.32 5.30 -28.86
CA SER B 29 19.50 4.32 -28.16
C SER B 29 20.30 3.04 -27.94
N THR B 30 19.97 2.33 -26.86
CA THR B 30 20.60 1.06 -26.54
C THR B 30 19.57 -0.05 -26.53
N ILE B 31 19.96 -1.23 -27.00
CA ILE B 31 19.16 -2.43 -26.96
C ILE B 31 19.94 -3.50 -26.22
N THR B 32 19.37 -4.04 -25.15
CA THR B 32 20.00 -5.07 -24.33
C THR B 32 19.27 -6.40 -24.53
N GLU B 33 19.97 -7.37 -25.10
CA GLU B 33 19.40 -8.68 -25.38
C GLU B 33 19.83 -9.69 -24.33
N GLY B 34 19.15 -10.84 -24.34
CA GLY B 34 19.51 -11.96 -23.50
C GLY B 34 18.65 -12.15 -22.26
N TYR B 35 17.69 -11.29 -22.02
CA TYR B 35 16.71 -11.56 -20.96
C TYR B 35 15.81 -12.72 -21.34
N LEU B 36 15.33 -13.44 -20.33
CA LEU B 36 14.46 -14.60 -20.52
C LEU B 36 13.04 -14.26 -20.07
N SER B 37 12.08 -14.52 -20.95
CA SER B 37 10.69 -14.17 -20.67
C SER B 37 10.10 -15.00 -19.54
N VAL B 38 9.15 -14.40 -18.83
CA VAL B 38 8.17 -15.13 -18.04
C VAL B 38 6.80 -14.48 -18.25
N LEU B 39 5.94 -15.09 -19.05
CA LEU B 39 4.69 -14.49 -19.49
C LEU B 39 3.50 -15.13 -18.77
N ARG B 40 2.66 -14.30 -18.17
CA ARG B 40 1.37 -14.75 -17.67
C ARG B 40 0.42 -15.00 -18.82
N THR B 41 -0.19 -16.19 -18.85
CA THR B 41 -1.07 -16.58 -19.95
C THR B 41 -2.41 -17.13 -19.47
N GLY B 42 -2.73 -17.03 -18.19
CA GLY B 42 -4.02 -17.50 -17.73
C GLY B 42 -4.19 -17.21 -16.25
N TRP B 43 -5.35 -17.59 -15.73
CA TRP B 43 -5.67 -17.46 -14.32
C TRP B 43 -6.06 -18.81 -13.74
N TYR B 44 -5.71 -19.03 -12.48
CA TYR B 44 -6.09 -20.22 -11.75
C TYR B 44 -6.81 -19.80 -10.47
N THR B 45 -7.88 -20.52 -10.13
CA THR B 45 -8.77 -20.14 -9.03
C THR B 45 -8.72 -21.17 -7.92
N ASN B 46 -8.45 -20.71 -6.71
CA ASN B 46 -8.70 -21.47 -5.50
C ASN B 46 -9.77 -20.78 -4.68
N VAL B 47 -10.83 -21.50 -4.34
CA VAL B 47 -11.95 -20.98 -3.57
C VAL B 47 -11.81 -21.42 -2.12
N PHE B 48 -11.50 -20.49 -1.23
CA PHE B 48 -11.35 -20.78 0.19
C PHE B 48 -12.68 -20.64 0.90
N THR B 49 -12.89 -21.48 1.91
CA THR B 49 -13.88 -21.22 2.94
C THR B 49 -13.20 -21.20 4.31
N LEU B 50 -13.39 -20.11 5.03
CA LEU B 50 -12.79 -19.92 6.35
C LEU B 50 -13.88 -19.98 7.40
N GLU B 51 -13.70 -20.83 8.41
CA GLU B 51 -14.77 -21.21 9.32
C GLU B 51 -14.58 -20.49 10.65
N VAL B 52 -15.55 -19.65 11.00
CA VAL B 52 -15.48 -18.87 12.24
C VAL B 52 -16.23 -19.58 13.36
N GLY B 53 -17.23 -20.38 13.01
CA GLY B 53 -18.07 -20.99 14.01
C GLY B 53 -19.05 -20.00 14.63
N ASP B 54 -19.90 -20.53 15.49
CA ASP B 54 -21.09 -19.82 15.94
C ASP B 54 -20.78 -18.79 17.01
N VAL B 55 -19.77 -17.96 16.76
CA VAL B 55 -19.38 -16.92 17.72
C VAL B 55 -20.53 -15.99 18.04
N GLU B 56 -21.48 -15.81 17.12
CA GLU B 56 -22.57 -14.86 17.33
C GLU B 56 -23.55 -15.25 18.42
N ASN B 57 -23.52 -16.50 18.90
CA ASN B 57 -24.37 -16.87 20.03
C ASN B 57 -23.71 -16.65 21.37
N LEU B 58 -22.39 -16.60 21.40
CA LEU B 58 -21.68 -16.45 22.67
C LEU B 58 -21.82 -15.02 23.18
N THR B 59 -22.08 -14.89 24.47
CA THR B 59 -22.21 -13.59 25.11
C THR B 59 -21.60 -13.66 26.50
N CYS B 60 -21.21 -12.49 27.01
CA CYS B 60 -20.49 -12.38 28.26
C CYS B 60 -21.24 -11.43 29.19
N ALA B 61 -21.25 -11.78 30.49
CA ALA B 61 -22.00 -11.02 31.48
C ALA B 61 -21.16 -10.77 32.73
N ASP B 62 -19.86 -10.58 32.55
CA ASP B 62 -18.95 -10.36 33.66
C ASP B 62 -18.26 -9.01 33.59
N GLY B 63 -18.68 -8.14 32.68
CA GLY B 63 -17.96 -6.91 32.43
C GLY B 63 -16.65 -7.18 31.71
N PRO B 64 -15.70 -6.27 31.83
CA PRO B 64 -14.47 -6.38 31.03
C PRO B 64 -13.67 -7.61 31.40
N SER B 65 -13.08 -8.24 30.38
CA SER B 65 -12.23 -9.39 30.56
C SER B 65 -11.44 -9.61 29.27
N LEU B 66 -10.43 -10.46 29.35
CA LEU B 66 -9.65 -10.80 28.16
C LEU B 66 -10.52 -11.41 27.09
N ILE B 67 -11.34 -12.40 27.46
CA ILE B 67 -12.11 -13.12 26.46
C ILE B 67 -13.16 -12.22 25.83
N LYS B 68 -13.81 -11.39 26.64
CA LYS B 68 -14.83 -10.50 26.09
C LYS B 68 -14.25 -9.59 25.01
N THR B 69 -13.06 -9.04 25.23
CA THR B 69 -12.51 -8.15 24.23
C THR B 69 -12.04 -8.88 22.98
N GLU B 70 -11.50 -10.10 23.13
CA GLU B 70 -11.18 -10.90 21.95
C GLU B 70 -12.44 -11.34 21.23
N LEU B 71 -13.47 -11.72 21.98
CA LEU B 71 -14.72 -12.12 21.36
C LEU B 71 -15.37 -10.93 20.67
N ASP B 72 -15.33 -9.76 21.32
CA ASP B 72 -15.86 -8.57 20.69
C ASP B 72 -15.16 -8.29 19.37
N LEU B 73 -13.83 -8.40 19.35
CA LEU B 73 -13.11 -8.24 18.09
C LEU B 73 -13.56 -9.24 17.05
N THR B 74 -13.64 -10.52 17.42
CA THR B 74 -14.06 -11.54 16.46
C THR B 74 -15.48 -11.29 15.98
N LYS B 75 -16.40 -11.10 16.92
CA LYS B 75 -17.80 -10.95 16.57
C LYS B 75 -18.04 -9.67 15.78
N SER B 76 -17.31 -8.60 16.09
CA SER B 76 -17.47 -7.36 15.34
C SER B 76 -16.94 -7.50 13.91
N ALA B 77 -15.75 -8.05 13.76
CA ALA B 77 -15.18 -8.21 12.42
C ALA B 77 -16.07 -9.05 11.52
N LEU B 78 -16.69 -10.08 12.07
CA LEU B 78 -17.56 -10.92 11.27
C LEU B 78 -18.74 -10.14 10.71
N ARG B 79 -19.24 -9.14 11.43
CA ARG B 79 -20.30 -8.29 10.88
C ARG B 79 -19.76 -7.34 9.82
N GLU B 80 -18.58 -6.78 10.03
CA GLU B 80 -18.06 -5.79 9.09
C GLU B 80 -17.96 -6.34 7.68
N LEU B 81 -17.68 -7.62 7.52
CA LEU B 81 -17.62 -8.20 6.19
C LEU B 81 -18.95 -8.10 5.46
N ARG B 82 -20.06 -8.13 6.18
CA ARG B 82 -21.37 -8.01 5.54
C ARG B 82 -21.62 -6.63 4.94
N THR B 83 -20.80 -5.63 5.26
CA THR B 83 -21.05 -4.26 4.81
C THR B 83 -20.27 -3.89 3.56
N CYS B 84 -19.51 -4.82 2.97
CA CYS B 84 -18.87 -4.58 1.68
C CYS B 84 -19.64 -5.33 0.60
N SER B 85 -20.05 -4.60 -0.44
CA SER B 85 -20.77 -5.21 -1.55
C SER B 85 -19.82 -6.00 -2.44
N PHE B 103 -1.12 7.52 -31.26
CA PHE B 103 -1.53 6.47 -30.34
C PHE B 103 -0.51 6.31 -29.23
N VAL B 104 -0.86 6.76 -28.03
CA VAL B 104 -0.01 6.60 -26.86
C VAL B 104 -0.23 5.19 -26.33
N LEU B 105 0.64 4.25 -26.73
CA LEU B 105 0.36 2.85 -26.54
C LEU B 105 0.45 2.44 -25.08
N GLY B 106 1.21 3.17 -24.27
CA GLY B 106 1.29 2.88 -22.86
C GLY B 106 -0.08 2.89 -22.20
N ALA B 107 -0.76 4.04 -22.23
CA ALA B 107 -2.05 4.12 -21.55
C ALA B 107 -3.04 3.10 -22.10
N ILE B 108 -3.02 2.85 -23.40
CA ILE B 108 -3.93 1.87 -23.99
C ILE B 108 -3.67 0.49 -23.41
N ALA B 109 -2.41 0.06 -23.40
CA ALA B 109 -2.09 -1.29 -22.97
C ALA B 109 -2.50 -1.52 -21.52
N CYS B 110 -2.15 -0.60 -20.62
CA CYS B 110 -2.45 -0.79 -19.21
C CYS B 110 -3.95 -0.74 -18.93
N GLY B 111 -4.72 -0.06 -19.79
CA GLY B 111 -6.16 -0.12 -19.72
C GLY B 111 -6.72 -1.52 -19.94
N VAL B 112 -6.47 -2.08 -21.12
CA VAL B 112 -6.96 -3.42 -21.42
C VAL B 112 -6.43 -4.43 -20.41
N ALA B 113 -5.20 -4.25 -19.95
CA ALA B 113 -4.63 -5.19 -19.00
C ALA B 113 -5.45 -5.25 -17.71
N THR B 114 -5.83 -4.10 -17.17
CA THR B 114 -6.57 -4.11 -15.91
C THR B 114 -8.02 -4.51 -16.09
N ALA B 115 -8.64 -4.09 -17.18
CA ALA B 115 -10.03 -4.50 -17.44
C ALA B 115 -10.13 -6.01 -17.56
N ALA B 116 -9.16 -6.64 -18.20
CA ALA B 116 -9.18 -8.09 -18.32
C ALA B 116 -9.08 -8.77 -16.96
N ALA B 117 -8.10 -8.37 -16.15
CA ALA B 117 -7.91 -9.00 -14.85
C ALA B 117 -9.16 -8.92 -14.00
N VAL B 118 -9.70 -7.71 -13.83
CA VAL B 118 -10.88 -7.54 -12.98
C VAL B 118 -12.07 -8.29 -13.56
N THR B 119 -12.24 -8.22 -14.88
CA THR B 119 -13.38 -8.90 -15.50
C THR B 119 -13.32 -10.40 -15.29
N ALA B 120 -12.15 -10.99 -15.55
CA ALA B 120 -12.03 -12.44 -15.42
C ALA B 120 -12.28 -12.89 -13.99
N GLY B 121 -11.88 -12.07 -13.02
CA GLY B 121 -12.16 -12.41 -11.62
C GLY B 121 -13.64 -12.32 -11.29
N VAL B 122 -14.25 -11.17 -11.57
CA VAL B 122 -15.66 -10.97 -11.24
C VAL B 122 -16.53 -12.02 -11.92
N ALA B 123 -16.20 -12.38 -13.16
CA ALA B 123 -17.00 -13.36 -13.87
C ALA B 123 -17.06 -14.69 -13.13
N ILE B 124 -15.99 -15.08 -12.42
CA ILE B 124 -16.04 -16.31 -11.64
C ILE B 124 -16.69 -16.09 -10.29
N ALA B 125 -16.42 -14.96 -9.64
CA ALA B 125 -17.06 -14.67 -8.38
C ALA B 125 -18.58 -14.66 -8.53
N LYS B 126 -19.08 -14.03 -9.59
CA LYS B 126 -20.51 -14.01 -9.84
C LYS B 126 -21.08 -15.40 -10.03
N CYS B 127 -20.25 -16.36 -10.41
CA CYS B 127 -20.69 -17.73 -10.57
C CYS B 127 -20.70 -18.48 -9.23
N ILE B 128 -19.72 -18.19 -8.36
CA ILE B 128 -19.70 -18.82 -7.04
C ILE B 128 -20.77 -18.24 -6.13
N ARG B 129 -21.11 -16.96 -6.29
CA ARG B 129 -21.90 -16.27 -5.28
C ARG B 129 -23.31 -16.82 -5.10
N LEU B 130 -23.76 -17.72 -5.96
CA LEU B 130 -25.10 -18.29 -5.80
C LEU B 130 -25.14 -19.21 -4.59
N GLU B 131 -26.30 -19.22 -3.92
CA GLU B 131 -26.45 -20.05 -2.73
C GLU B 131 -26.31 -21.54 -3.03
N SER B 132 -26.78 -21.98 -4.19
CA SER B 132 -26.67 -23.39 -4.54
C SER B 132 -25.23 -23.83 -4.70
N GLU B 133 -24.33 -22.92 -5.09
CA GLU B 133 -22.92 -23.30 -5.24
C GLU B 133 -22.17 -23.28 -3.92
N VAL B 134 -22.40 -22.27 -3.09
CA VAL B 134 -21.71 -22.22 -1.81
C VAL B 134 -22.07 -23.43 -0.96
N THR B 135 -23.31 -23.89 -1.05
CA THR B 135 -23.67 -25.15 -0.39
C THR B 135 -22.97 -26.33 -1.04
N ALA B 136 -22.84 -26.32 -2.37
CA ALA B 136 -22.10 -27.38 -3.04
C ALA B 136 -20.64 -27.41 -2.61
N ILE B 137 -20.01 -26.24 -2.51
CA ILE B 137 -18.62 -26.19 -2.08
C ILE B 137 -18.48 -26.75 -0.67
N LYS B 138 -19.31 -26.27 0.24
CA LYS B 138 -19.22 -26.74 1.63
C LYS B 138 -19.63 -28.19 1.76
N ASN B 139 -20.46 -28.69 0.83
CA ASN B 139 -20.71 -30.13 0.79
C ASN B 139 -19.49 -30.90 0.30
N CYS B 140 -18.72 -30.33 -0.62
CA CYS B 140 -17.46 -30.94 -1.02
C CYS B 140 -16.52 -31.07 0.17
N LEU B 141 -16.31 -29.98 0.90
CA LEU B 141 -15.28 -29.88 1.92
C LEU B 141 -15.71 -30.40 3.28
N LYS B 142 -16.80 -31.15 3.35
CA LYS B 142 -17.37 -31.48 4.66
C LYS B 142 -16.49 -32.47 5.40
N LYS B 143 -15.93 -33.45 4.70
CA LYS B 143 -15.14 -34.50 5.33
C LYS B 143 -13.66 -34.20 5.38
N THR B 144 -13.17 -33.26 4.57
CA THR B 144 -11.74 -33.10 4.38
C THR B 144 -11.45 -31.68 3.90
N ASN B 145 -10.18 -31.30 3.98
CA ASN B 145 -9.78 -29.91 3.86
C ASN B 145 -9.54 -29.44 2.44
N GLU B 146 -9.52 -30.33 1.45
CA GLU B 146 -9.37 -29.89 0.07
C GLU B 146 -10.22 -30.75 -0.85
N CYS B 147 -10.84 -30.09 -1.84
CA CYS B 147 -11.81 -30.74 -2.71
C CYS B 147 -11.75 -30.06 -4.07
N VAL B 148 -12.29 -30.72 -5.08
CA VAL B 148 -12.35 -30.19 -6.43
C VAL B 148 -13.82 -30.12 -6.84
N SER B 149 -14.20 -29.02 -7.49
CA SER B 149 -15.60 -28.83 -7.86
C SER B 149 -15.72 -28.11 -9.19
N THR B 150 -16.67 -28.56 -10.00
CA THR B 150 -17.04 -27.88 -11.24
C THR B 150 -18.17 -26.91 -10.96
N LEU B 151 -17.95 -25.64 -11.23
CA LEU B 151 -19.04 -24.68 -11.12
C LEU B 151 -20.03 -24.89 -12.27
N GLY B 152 -21.24 -24.41 -12.08
CA GLY B 152 -22.23 -24.51 -13.14
C GLY B 152 -21.77 -23.83 -14.42
N CYS B 153 -21.01 -22.75 -14.29
CA CYS B 153 -20.45 -22.03 -15.42
C CYS B 153 -19.31 -22.77 -16.11
N GLY B 154 -18.96 -23.98 -15.65
CA GLY B 154 -18.05 -24.85 -16.38
C GLY B 154 -16.60 -24.77 -15.98
N VAL B 155 -16.18 -23.76 -15.24
CA VAL B 155 -14.81 -23.70 -14.74
C VAL B 155 -14.63 -24.73 -13.62
N ARG B 156 -13.42 -25.28 -13.52
CA ARG B 156 -13.05 -26.15 -12.42
C ARG B 156 -12.11 -25.40 -11.48
N VAL B 157 -12.44 -25.41 -10.19
CA VAL B 157 -11.70 -24.67 -9.18
C VAL B 157 -11.22 -25.64 -8.12
N LEU B 158 -10.05 -25.37 -7.57
CA LEU B 158 -9.64 -25.98 -6.33
C LEU B 158 -10.39 -25.30 -5.19
N ALA B 159 -10.68 -26.06 -4.14
CA ALA B 159 -11.36 -25.53 -2.97
C ALA B 159 -10.65 -25.96 -1.70
N THR B 160 -10.59 -25.06 -0.72
CA THR B 160 -9.80 -25.25 0.49
C THR B 160 -10.60 -24.77 1.69
N ALA B 161 -10.54 -25.52 2.78
CA ALA B 161 -11.15 -25.15 4.05
C ALA B 161 -10.08 -24.71 5.03
N VAL B 162 -10.21 -23.51 5.57
CA VAL B 162 -9.37 -23.02 6.65
C VAL B 162 -10.22 -23.11 7.92
N ARG B 163 -10.09 -24.23 8.62
CA ARG B 163 -11.08 -24.67 9.59
C ARG B 163 -10.69 -24.41 11.04
N GLU B 164 -9.46 -23.96 11.29
CA GLU B 164 -8.90 -24.03 12.64
C GLU B 164 -9.72 -23.24 13.66
N LEU B 165 -10.25 -22.08 13.27
CA LEU B 165 -10.95 -21.25 14.24
C LEU B 165 -12.27 -21.87 14.69
N LYS B 166 -13.02 -22.47 13.76
CA LYS B 166 -14.23 -23.19 14.14
C LYS B 166 -13.94 -24.32 15.11
N ASP B 167 -12.83 -25.03 14.92
CA ASP B 167 -12.47 -26.10 15.84
C ASP B 167 -12.29 -25.57 17.25
N PHE B 168 -11.53 -24.50 17.41
CA PHE B 168 -11.32 -23.91 18.72
C PHE B 168 -12.63 -23.43 19.33
N VAL B 169 -13.45 -22.72 18.56
CA VAL B 169 -14.67 -22.15 19.11
C VAL B 169 -15.66 -23.24 19.53
N SER B 170 -15.82 -24.27 18.71
CA SER B 170 -16.79 -25.30 19.02
C SER B 170 -16.26 -26.33 20.01
N LYS B 171 -14.99 -26.71 19.92
CA LYS B 171 -14.50 -27.79 20.76
C LYS B 171 -14.05 -27.34 22.14
N ASN B 172 -13.57 -26.11 22.29
CA ASN B 172 -12.99 -25.68 23.56
C ASN B 172 -13.72 -24.48 24.16
N LEU B 173 -13.70 -23.33 23.49
CA LEU B 173 -14.17 -22.11 24.12
C LEU B 173 -15.63 -22.21 24.55
N THR B 174 -16.47 -22.84 23.74
CA THR B 174 -17.88 -22.97 24.05
C THR B 174 -18.17 -23.86 25.27
N ARG B 175 -17.22 -24.67 25.72
CA ARG B 175 -17.40 -25.37 26.98
C ARG B 175 -16.69 -24.69 28.14
N ALA B 176 -15.60 -23.98 27.88
CA ALA B 176 -14.90 -23.32 28.97
C ALA B 176 -15.75 -22.22 29.58
N ILE B 177 -16.38 -21.42 28.73
CA ILE B 177 -17.55 -20.65 29.14
C ILE B 177 -18.69 -21.61 29.42
N ASN B 178 -19.37 -21.41 30.54
CA ASN B 178 -20.70 -21.93 30.74
C ASN B 178 -21.49 -20.95 31.59
N LYS B 179 -22.81 -21.06 31.52
CA LYS B 179 -23.66 -19.90 31.77
C LYS B 179 -23.14 -18.74 30.93
N ASN B 180 -22.74 -17.63 31.54
CA ASN B 180 -22.00 -16.62 30.81
C ASN B 180 -20.79 -16.14 31.60
N LYS B 181 -20.27 -16.96 32.50
CA LYS B 181 -18.99 -16.66 33.11
C LYS B 181 -17.94 -16.55 32.04
N CYS B 182 -17.25 -15.42 32.00
CA CYS B 182 -16.46 -15.04 30.84
C CYS B 182 -15.09 -14.56 31.30
N ASP B 183 -15.01 -14.00 32.50
CA ASP B 183 -13.73 -13.68 33.14
C ASP B 183 -13.16 -14.88 33.89
N ILE B 184 -13.15 -16.04 33.25
CA ILE B 184 -12.74 -17.28 33.89
C ILE B 184 -11.30 -17.18 34.39
N PRO B 185 -10.89 -18.02 35.33
CA PRO B 185 -9.54 -17.90 35.92
C PRO B 185 -8.42 -18.37 35.00
N ASP B 186 -8.67 -19.25 34.03
CA ASP B 186 -7.60 -19.81 33.21
C ASP B 186 -7.18 -18.83 32.13
N LEU B 187 -5.99 -18.24 32.30
CA LEU B 187 -5.48 -17.34 31.28
C LEU B 187 -5.12 -18.08 30.00
N LYS B 188 -4.81 -19.37 30.09
CA LYS B 188 -4.40 -20.10 28.90
C LYS B 188 -5.45 -20.06 27.81
N MET B 189 -6.72 -19.99 28.19
CA MET B 189 -7.78 -19.93 27.18
C MET B 189 -7.71 -18.63 26.39
N ALA B 190 -7.54 -17.50 27.08
CA ALA B 190 -7.58 -16.22 26.41
C ALA B 190 -6.37 -16.01 25.49
N VAL B 191 -5.18 -16.39 25.95
CA VAL B 191 -4.00 -16.26 25.09
C VAL B 191 -4.15 -17.11 23.84
N SER B 192 -4.62 -18.35 24.00
CA SER B 192 -4.82 -19.21 22.84
C SER B 192 -5.76 -18.57 21.83
N PHE B 193 -6.85 -18.00 22.32
CA PHE B 193 -7.84 -17.42 21.42
C PHE B 193 -7.26 -16.31 20.57
N SER B 194 -6.39 -15.48 21.16
CA SER B 194 -5.77 -14.40 20.40
C SER B 194 -4.84 -14.88 19.31
N GLN B 195 -4.47 -16.15 19.30
CA GLN B 195 -3.73 -16.73 18.19
C GLN B 195 -4.62 -17.26 17.08
N PHE B 196 -5.65 -18.03 17.45
CA PHE B 196 -6.49 -18.64 16.43
C PHE B 196 -7.25 -17.62 15.61
N ASN B 197 -7.75 -16.56 16.23
CA ASN B 197 -8.48 -15.56 15.47
C ASN B 197 -7.56 -14.60 14.74
N ARG B 198 -6.25 -14.71 14.93
CA ARG B 198 -5.34 -13.73 14.35
C ARG B 198 -5.44 -13.72 12.83
N ARG B 199 -5.46 -14.90 12.20
CA ARG B 199 -5.61 -14.96 10.75
C ARG B 199 -6.92 -14.33 10.30
N PHE B 200 -8.02 -14.69 10.96
CA PHE B 200 -9.32 -14.20 10.53
C PHE B 200 -9.35 -12.68 10.50
N LEU B 201 -8.88 -12.03 11.57
CA LEU B 201 -8.92 -10.58 11.62
C LEU B 201 -8.10 -9.95 10.50
N ASN B 202 -6.96 -10.55 10.17
CA ASN B 202 -6.13 -10.00 9.10
C ASN B 202 -6.82 -10.06 7.74
N VAL B 203 -7.56 -11.14 7.48
CA VAL B 203 -8.29 -11.24 6.21
C VAL B 203 -9.32 -10.12 6.10
N VAL B 204 -10.11 -9.92 7.15
CA VAL B 204 -11.10 -8.85 7.16
C VAL B 204 -10.42 -7.51 6.94
N ARG B 205 -9.29 -7.30 7.60
CA ARG B 205 -8.55 -6.05 7.45
C ARG B 205 -8.22 -5.75 6.00
N GLN B 206 -7.70 -6.74 5.27
CA GLN B 206 -7.29 -6.50 3.88
C GLN B 206 -8.47 -6.25 2.95
N PHE B 207 -9.58 -6.98 3.15
CA PHE B 207 -10.75 -6.74 2.32
C PHE B 207 -11.39 -5.39 2.63
N SER B 208 -11.46 -5.01 3.90
CA SER B 208 -12.13 -3.77 4.26
C SER B 208 -11.41 -2.57 3.67
N ASP B 209 -10.09 -2.60 3.64
CA ASP B 209 -9.33 -1.49 3.09
C ASP B 209 -9.33 -1.46 1.57
N ASN B 210 -9.81 -2.51 0.89
CA ASN B 210 -9.75 -2.59 -0.55
C ASN B 210 -11.11 -2.78 -1.20
N ALA B 211 -12.19 -2.56 -0.48
CA ALA B 211 -13.54 -2.69 -1.02
C ALA B 211 -13.71 -4.03 -1.74
N GLY B 212 -13.25 -5.08 -1.10
CA GLY B 212 -13.54 -6.43 -1.54
C GLY B 212 -12.61 -7.02 -2.57
N ILE B 213 -11.68 -6.25 -3.14
CA ILE B 213 -10.76 -6.76 -4.15
C ILE B 213 -9.35 -6.33 -3.77
N THR B 214 -8.58 -7.26 -3.22
CA THR B 214 -7.25 -6.94 -2.72
C THR B 214 -6.28 -6.73 -3.88
N PRO B 215 -5.22 -5.95 -3.66
CA PRO B 215 -4.26 -5.71 -4.75
C PRO B 215 -3.30 -6.86 -4.94
N ALA B 216 -3.03 -7.61 -3.87
CA ALA B 216 -2.07 -8.71 -3.92
C ALA B 216 -2.47 -9.75 -2.89
N ILE B 217 -1.94 -10.96 -3.07
CA ILE B 217 -2.28 -12.10 -2.23
C ILE B 217 -1.45 -12.02 -0.96
N SER B 218 -2.04 -11.51 0.11
CA SER B 218 -1.34 -11.47 1.39
C SER B 218 -1.03 -12.89 1.86
N LYS B 219 -0.10 -12.98 2.81
CA LYS B 219 0.16 -14.25 3.47
C LYS B 219 -1.09 -14.80 4.15
N ASP B 220 -2.02 -13.93 4.53
CA ASP B 220 -3.20 -14.39 5.27
C ASP B 220 -4.26 -14.97 4.37
N LEU B 221 -4.45 -14.41 3.17
CA LEU B 221 -5.40 -15.02 2.25
C LEU B 221 -5.00 -16.44 1.89
N MET B 222 -3.72 -16.65 1.63
CA MET B 222 -3.25 -17.96 1.18
C MET B 222 -1.85 -18.17 1.75
N THR B 223 -1.74 -19.12 2.67
CA THR B 223 -0.48 -19.37 3.35
C THR B 223 0.48 -20.13 2.43
N ASP B 224 1.74 -20.20 2.85
CA ASP B 224 2.78 -20.79 2.01
C ASP B 224 2.43 -22.22 1.61
N ALA B 225 2.05 -23.05 2.59
CA ALA B 225 1.68 -24.42 2.26
C ALA B 225 0.50 -24.48 1.30
N GLU B 226 -0.51 -23.65 1.53
CA GLU B 226 -1.65 -23.62 0.62
C GLU B 226 -1.24 -23.12 -0.76
N LEU B 227 -0.35 -22.13 -0.81
CA LEU B 227 0.10 -21.63 -2.10
C LEU B 227 0.90 -22.69 -2.85
N ALA B 228 1.71 -23.46 -2.13
CA ALA B 228 2.48 -24.52 -2.79
C ALA B 228 1.57 -25.58 -3.39
N ARG B 229 0.57 -26.04 -2.63
CA ARG B 229 -0.39 -27.00 -3.18
C ARG B 229 -1.17 -26.40 -4.34
N ALA B 230 -1.54 -25.12 -4.25
CA ALA B 230 -2.30 -24.50 -5.33
C ALA B 230 -1.48 -24.44 -6.61
N ILE B 231 -0.27 -23.89 -6.53
CA ILE B 231 0.58 -23.80 -7.71
C ILE B 231 0.80 -25.16 -8.35
N SER B 232 1.01 -26.19 -7.52
CA SER B 232 1.33 -27.50 -8.06
C SER B 232 0.22 -28.07 -8.93
N ASN B 233 -1.02 -27.66 -8.72
CA ASN B 233 -2.13 -28.16 -9.51
C ASN B 233 -2.30 -27.43 -10.84
N MET B 234 -1.56 -26.35 -11.07
CA MET B 234 -1.90 -25.47 -12.18
C MET B 234 -1.77 -26.19 -13.52
N PRO B 235 -2.52 -25.76 -14.52
CA PRO B 235 -2.59 -26.46 -15.82
C PRO B 235 -1.41 -26.15 -16.74
N THR B 236 -0.21 -26.49 -16.29
CA THR B 236 0.98 -26.26 -17.11
C THR B 236 2.02 -27.32 -16.79
N SER B 237 2.96 -27.49 -17.72
CA SER B 237 3.94 -28.55 -17.62
C SER B 237 4.90 -28.32 -16.45
N ALA B 238 5.63 -29.37 -16.09
CA ALA B 238 6.41 -29.36 -14.86
C ALA B 238 7.50 -28.31 -14.89
N GLY B 239 8.04 -27.99 -16.06
CA GLY B 239 9.09 -26.99 -16.11
C GLY B 239 8.65 -25.65 -15.56
N GLN B 240 7.51 -25.14 -16.05
CA GLN B 240 6.99 -23.88 -15.55
C GLN B 240 6.74 -23.93 -14.06
N ILE B 241 6.15 -25.04 -13.57
CA ILE B 241 5.75 -25.10 -12.17
C ILE B 241 6.98 -25.08 -11.26
N LYS B 242 8.05 -25.74 -11.66
CA LYS B 242 9.25 -25.71 -10.85
C LYS B 242 9.79 -24.29 -10.72
N LEU B 243 9.72 -23.51 -11.79
CA LEU B 243 10.15 -22.12 -11.70
C LEU B 243 9.27 -21.32 -10.75
N MET B 244 7.94 -21.47 -10.88
CA MET B 244 7.04 -20.70 -10.02
C MET B 244 7.26 -21.01 -8.56
N LEU B 245 7.50 -22.27 -8.22
CA LEU B 245 7.69 -22.63 -6.81
C LEU B 245 8.90 -21.92 -6.23
N GLU B 246 9.95 -21.73 -7.01
CA GLU B 246 11.12 -20.99 -6.54
C GLU B 246 10.95 -19.48 -6.65
N ASN B 247 9.84 -18.99 -7.18
CA ASN B 247 9.59 -17.56 -7.31
C ASN B 247 8.23 -17.20 -6.73
N ARG B 248 7.76 -17.95 -5.74
CA ARG B 248 6.37 -17.83 -5.32
C ARG B 248 6.08 -16.45 -4.74
N CYS B 249 7.10 -15.70 -4.32
CA CYS B 249 6.89 -14.30 -4.01
C CYS B 249 6.36 -13.52 -5.20
N MET B 250 6.85 -13.82 -6.41
CA MET B 250 6.38 -13.09 -7.57
C MET B 250 5.00 -13.55 -8.02
N VAL B 251 4.71 -14.85 -7.91
CA VAL B 251 3.34 -15.32 -8.14
C VAL B 251 2.40 -14.64 -7.17
N ARG B 252 2.79 -14.63 -5.89
CA ARG B 252 1.97 -14.01 -4.85
C ARG B 252 1.73 -12.54 -5.14
N ARG B 253 2.78 -11.82 -5.54
CA ARG B 253 2.67 -10.40 -5.82
C ARG B 253 1.72 -10.09 -6.97
N LYS B 254 1.63 -10.98 -7.96
CA LYS B 254 0.94 -10.65 -9.20
C LYS B 254 -0.51 -11.12 -9.26
N GLY B 255 -0.98 -11.90 -8.29
CA GLY B 255 -2.38 -12.24 -8.19
C GLY B 255 -3.18 -11.30 -7.32
N PHE B 256 -4.42 -11.69 -7.06
CA PHE B 256 -5.35 -10.88 -6.28
C PHE B 256 -6.47 -11.79 -5.79
N GLY B 257 -7.28 -11.26 -4.87
CA GLY B 257 -8.38 -12.02 -4.33
C GLY B 257 -9.68 -11.25 -4.35
N ILE B 258 -10.79 -12.00 -4.35
CA ILE B 258 -12.14 -11.44 -4.40
C ILE B 258 -12.95 -12.05 -3.27
N LEU B 259 -13.66 -11.22 -2.52
CA LEU B 259 -14.58 -11.69 -1.49
C LEU B 259 -15.89 -12.15 -2.12
N ILE B 260 -16.29 -13.39 -1.85
CA ILE B 260 -17.61 -13.86 -2.28
C ILE B 260 -18.69 -13.41 -1.32
N GLY B 261 -18.48 -13.63 -0.03
CA GLY B 261 -19.40 -13.14 0.98
C GLY B 261 -19.28 -13.97 2.25
N VAL B 262 -20.17 -13.66 3.19
CA VAL B 262 -20.31 -14.41 4.42
C VAL B 262 -21.58 -15.24 4.37
N TYR B 263 -21.45 -16.54 4.61
CA TYR B 263 -22.54 -17.50 4.48
C TYR B 263 -22.60 -18.31 5.76
N GLY B 264 -23.57 -17.99 6.62
CA GLY B 264 -23.51 -18.49 7.98
C GLY B 264 -22.33 -17.92 8.72
N SER B 265 -21.61 -18.78 9.44
CA SER B 265 -20.39 -18.37 10.13
C SER B 265 -19.14 -18.57 9.29
N SER B 266 -19.26 -18.83 7.99
CA SER B 266 -18.14 -19.05 7.11
C SER B 266 -17.94 -17.84 6.21
N VAL B 267 -16.71 -17.34 6.15
CA VAL B 267 -16.29 -16.47 5.06
C VAL B 267 -15.93 -17.33 3.85
N ILE B 268 -16.33 -16.88 2.67
CA ILE B 268 -15.87 -17.46 1.41
C ILE B 268 -15.20 -16.37 0.59
N TYR B 269 -14.00 -16.67 0.10
CA TYR B 269 -13.28 -15.79 -0.81
C TYR B 269 -12.50 -16.64 -1.80
N MET B 270 -12.15 -16.03 -2.92
CA MET B 270 -11.40 -16.71 -3.97
C MET B 270 -10.12 -15.94 -4.27
N VAL B 271 -9.09 -16.69 -4.65
CA VAL B 271 -7.81 -16.12 -5.06
C VAL B 271 -7.56 -16.48 -6.52
N GLN B 272 -7.17 -15.50 -7.31
CA GLN B 272 -6.78 -15.70 -8.70
C GLN B 272 -5.26 -15.73 -8.81
N LEU B 273 -4.72 -16.86 -9.25
CA LEU B 273 -3.28 -17.03 -9.35
C LEU B 273 -2.79 -16.98 -10.79
N PRO B 274 -1.69 -16.29 -11.07
CA PRO B 274 -1.21 -16.15 -12.44
C PRO B 274 -0.56 -17.41 -12.96
N ILE B 275 -1.06 -17.93 -14.08
CA ILE B 275 -0.41 -19.02 -14.82
C ILE B 275 0.70 -18.45 -15.69
N PHE B 276 1.95 -18.64 -15.27
CA PHE B 276 3.12 -18.29 -16.08
C PHE B 276 3.41 -19.39 -17.10
N GLY B 277 2.52 -19.50 -18.09
CA GLY B 277 2.53 -20.65 -18.96
C GLY B 277 3.66 -20.70 -19.97
N VAL B 278 4.34 -19.60 -20.23
CA VAL B 278 5.47 -19.56 -21.17
C VAL B 278 6.69 -19.01 -20.44
N ILE B 279 7.82 -19.72 -20.55
CA ILE B 279 9.08 -19.27 -19.98
C ILE B 279 10.21 -19.47 -20.97
N ASP B 280 11.29 -18.72 -20.74
CA ASP B 280 12.54 -18.87 -21.48
C ASP B 280 12.39 -18.63 -22.98
N THR B 281 11.53 -17.70 -23.35
CA THR B 281 11.63 -17.13 -24.68
C THR B 281 12.50 -15.86 -24.66
N PRO B 282 13.00 -15.42 -25.82
CA PRO B 282 13.90 -14.26 -25.83
C PRO B 282 13.16 -12.95 -25.58
N CYS B 283 13.83 -12.03 -24.88
CA CYS B 283 13.33 -10.67 -24.73
C CYS B 283 14.48 -9.68 -24.89
N TRP B 284 14.13 -8.42 -25.16
CA TRP B 284 15.10 -7.35 -25.20
C TRP B 284 14.43 -6.05 -24.77
N ILE B 285 15.24 -5.12 -24.27
CA ILE B 285 14.79 -3.82 -23.80
C ILE B 285 15.43 -2.73 -24.65
N VAL B 286 14.64 -1.76 -25.08
CA VAL B 286 15.14 -0.62 -25.86
C VAL B 286 15.05 0.65 -25.01
N LYS B 287 16.15 1.40 -24.96
CA LYS B 287 16.25 2.67 -24.27
C LYS B 287 16.68 3.73 -25.27
N ALA B 288 16.30 4.99 -25.02
CA ALA B 288 16.62 6.07 -25.95
C ALA B 288 16.90 7.35 -25.18
N ALA B 289 17.58 8.28 -25.84
CA ALA B 289 17.83 9.61 -25.32
C ALA B 289 17.80 10.62 -26.46
N PRO B 290 17.61 11.90 -26.14
CA PRO B 290 17.45 12.91 -27.20
C PRO B 290 18.66 13.01 -28.09
N SER B 291 18.47 12.72 -29.38
CA SER B 291 19.56 12.67 -30.36
C SER B 291 19.82 14.01 -31.02
N CYS B 292 19.85 15.10 -30.27
CA CYS B 292 19.90 16.42 -30.88
C CYS B 292 21.20 16.66 -31.63
N SER B 293 21.13 17.57 -32.60
CA SER B 293 22.25 17.91 -33.46
C SER B 293 22.10 19.36 -33.88
N GLU B 294 23.22 20.00 -34.19
CA GLU B 294 23.26 21.44 -34.36
C GLU B 294 23.58 21.81 -35.81
N LYS B 295 22.97 22.90 -36.28
CA LYS B 295 23.07 23.31 -37.68
C LYS B 295 23.06 24.83 -37.76
N LYS B 296 24.21 25.42 -38.00
CA LYS B 296 24.35 26.88 -38.09
C LYS B 296 23.82 27.57 -36.83
N GLY B 297 24.02 26.93 -35.68
CA GLY B 297 23.58 27.48 -34.41
C GLY B 297 22.15 27.16 -34.02
N ASN B 298 21.37 26.58 -34.93
CA ASN B 298 20.07 26.02 -34.56
C ASN B 298 20.21 24.56 -34.19
N TYR B 299 19.18 24.01 -33.56
CA TYR B 299 19.14 22.62 -33.16
C TYR B 299 18.01 21.88 -33.85
N ALA B 300 18.25 20.58 -34.07
CA ALA B 300 17.23 19.63 -34.48
C ALA B 300 17.36 18.42 -33.58
N CYS B 301 16.22 17.89 -33.14
CA CYS B 301 16.23 16.82 -32.16
C CYS B 301 15.32 15.69 -32.60
N LEU B 302 15.56 14.53 -32.01
CA LEU B 302 14.76 13.34 -32.25
C LEU B 302 14.81 12.46 -31.01
N LEU B 303 13.69 11.85 -30.66
CA LEU B 303 13.66 10.84 -29.62
C LEU B 303 12.84 9.64 -30.10
N ARG B 304 13.33 8.44 -29.82
CA ARG B 304 12.60 7.23 -30.15
C ARG B 304 11.50 7.00 -29.13
N GLU B 305 10.27 6.80 -29.61
CA GLU B 305 9.14 6.49 -28.75
C GLU B 305 8.88 5.00 -28.60
N ASP B 306 9.44 4.17 -29.48
CA ASP B 306 9.27 2.72 -29.40
C ASP B 306 10.24 2.17 -28.34
N GLN B 307 9.89 2.45 -27.09
CA GLN B 307 10.81 2.33 -25.97
C GLN B 307 10.15 1.47 -24.90
N GLY B 308 10.97 0.70 -24.18
CA GLY B 308 10.48 -0.30 -23.26
C GLY B 308 10.71 -1.71 -23.74
N TRP B 309 9.95 -2.63 -23.13
CA TRP B 309 10.21 -4.06 -23.26
C TRP B 309 9.64 -4.66 -24.54
N TYR B 310 10.38 -5.61 -25.11
CA TYR B 310 9.93 -6.46 -26.19
C TYR B 310 10.23 -7.91 -25.84
N CYS B 311 9.34 -8.81 -26.25
CA CYS B 311 9.60 -10.24 -26.15
C CYS B 311 9.08 -10.94 -27.40
N GLN B 312 9.77 -12.00 -27.81
CA GLN B 312 9.39 -12.80 -28.96
C GLN B 312 8.86 -14.14 -28.49
N ASN B 313 7.76 -14.58 -29.10
CA ASN B 313 7.04 -15.75 -28.64
C ASN B 313 6.41 -16.47 -29.82
N ALA B 314 6.83 -17.72 -30.04
CA ALA B 314 6.28 -18.56 -31.09
C ALA B 314 6.25 -17.84 -32.44
N GLY B 315 7.34 -17.14 -32.75
CA GLY B 315 7.44 -16.46 -34.03
C GLY B 315 6.62 -15.20 -34.18
N SER B 316 6.20 -14.59 -33.08
CA SER B 316 5.56 -13.28 -33.11
C SER B 316 6.26 -12.38 -32.11
N THR B 317 6.31 -11.09 -32.41
CA THR B 317 6.85 -10.10 -31.51
C THR B 317 5.73 -9.43 -30.72
N VAL B 318 5.95 -9.23 -29.43
CA VAL B 318 4.99 -8.58 -28.56
C VAL B 318 5.68 -7.43 -27.86
N TYR B 319 5.03 -6.27 -27.86
CA TYR B 319 5.55 -5.05 -27.25
C TYR B 319 4.76 -4.78 -25.97
N TYR B 320 5.47 -4.45 -24.90
CA TYR B 320 4.87 -4.30 -23.57
C TYR B 320 5.12 -2.89 -23.06
N PRO B 321 4.27 -1.92 -23.39
CA PRO B 321 4.64 -0.52 -23.19
C PRO B 321 4.38 0.02 -21.80
N CYS B 322 3.58 -0.65 -20.97
CA CYS B 322 3.34 -0.12 -19.64
C CYS B 322 4.65 -0.07 -18.85
N GLU B 323 4.73 0.88 -17.93
CA GLU B 323 5.80 0.88 -16.93
C GLU B 323 5.57 -0.15 -15.85
N LYS B 324 4.31 -0.49 -15.57
CA LYS B 324 3.96 -1.23 -14.38
C LYS B 324 4.05 -2.74 -14.55
N ASP B 325 3.97 -3.25 -15.77
CA ASP B 325 3.75 -4.68 -15.96
C ASP B 325 5.05 -5.49 -15.84
N CYS B 326 6.01 -5.25 -16.73
CA CYS B 326 7.20 -6.08 -16.77
C CYS B 326 8.16 -5.71 -15.64
N GLU B 327 8.67 -6.72 -14.93
CA GLU B 327 9.60 -6.54 -13.84
C GLU B 327 10.76 -7.51 -13.95
N THR B 328 11.98 -7.01 -13.75
CA THR B 328 13.17 -7.82 -13.89
C THR B 328 13.57 -8.44 -12.56
N ARG B 329 14.03 -9.69 -12.63
CA ARG B 329 14.77 -10.33 -11.55
C ARG B 329 15.90 -11.13 -12.19
N GLY B 330 17.10 -10.58 -12.19
CA GLY B 330 18.17 -11.16 -12.97
C GLY B 330 17.85 -11.10 -14.45
N ASP B 331 18.09 -12.20 -15.16
CA ASP B 331 17.75 -12.28 -16.57
C ASP B 331 16.25 -12.40 -16.82
N HIS B 332 15.48 -12.80 -15.82
CA HIS B 332 14.06 -13.03 -16.03
C HIS B 332 13.26 -11.74 -15.99
N VAL B 333 12.31 -11.62 -16.91
CA VAL B 333 11.33 -10.54 -16.93
C VAL B 333 9.94 -11.13 -16.77
N PHE B 334 9.21 -10.66 -15.76
CA PHE B 334 7.86 -11.13 -15.48
C PHE B 334 6.88 -10.16 -16.12
N CYS B 335 6.14 -10.63 -17.12
CA CYS B 335 5.31 -9.77 -17.94
C CYS B 335 3.92 -10.37 -18.08
N ASP B 336 2.96 -9.54 -18.46
CA ASP B 336 1.57 -9.94 -18.59
C ASP B 336 1.16 -9.80 -20.05
N THR B 337 0.76 -10.92 -20.66
CA THR B 337 0.39 -10.90 -22.08
C THR B 337 -0.85 -10.06 -22.33
N ALA B 338 -1.64 -9.76 -21.31
CA ALA B 338 -2.78 -8.86 -21.51
C ALA B 338 -2.32 -7.45 -21.84
N ALA B 339 -1.11 -7.07 -21.47
CA ALA B 339 -0.56 -5.77 -21.81
C ALA B 339 0.18 -5.76 -23.14
N GLY B 340 0.36 -6.91 -23.77
CA GLY B 340 1.17 -6.97 -24.97
C GLY B 340 0.44 -6.40 -26.18
N ILE B 341 1.20 -5.67 -27.00
CA ILE B 341 0.74 -5.21 -28.31
C ILE B 341 1.54 -5.94 -29.36
N ASN B 342 0.86 -6.53 -30.33
CA ASN B 342 1.49 -7.39 -31.32
C ASN B 342 2.10 -6.56 -32.45
N VAL B 343 3.17 -5.84 -32.11
CA VAL B 343 3.92 -5.13 -33.13
C VAL B 343 4.42 -6.14 -34.15
N ALA B 344 4.40 -5.74 -35.42
CA ALA B 344 4.81 -6.66 -36.47
C ALA B 344 6.28 -7.00 -36.34
N GLU B 345 6.65 -8.15 -36.87
CA GLU B 345 8.02 -8.36 -37.28
C GLU B 345 8.39 -7.29 -38.30
N GLN B 346 9.69 -7.09 -38.49
CA GLN B 346 10.26 -5.94 -39.16
C GLN B 346 10.31 -4.72 -38.25
N SER B 347 9.59 -4.71 -37.13
CA SER B 347 9.75 -3.64 -36.15
C SER B 347 11.17 -3.59 -35.60
N LYS B 348 11.87 -4.72 -35.60
CA LYS B 348 13.28 -4.70 -35.20
C LYS B 348 14.16 -3.91 -36.15
N GLU B 349 13.68 -3.54 -37.34
CA GLU B 349 14.52 -2.77 -38.24
C GLU B 349 14.81 -1.37 -37.72
N CYS B 350 13.97 -0.81 -36.86
CA CYS B 350 14.31 0.45 -36.22
C CYS B 350 15.53 0.35 -35.32
N ASN B 351 15.98 -0.85 -34.99
CA ASN B 351 17.19 -1.05 -34.22
C ASN B 351 18.43 -1.29 -35.07
N ILE B 352 18.32 -1.26 -36.39
CA ILE B 352 19.44 -1.62 -37.25
C ILE B 352 19.75 -0.51 -38.25
N ASN B 353 18.73 -0.06 -38.96
CA ASN B 353 18.89 0.92 -40.03
C ASN B 353 17.68 1.83 -40.10
N ILE B 354 17.45 2.55 -39.00
CA ILE B 354 16.30 3.44 -38.84
C ILE B 354 16.26 4.48 -39.94
N SER B 355 17.42 4.85 -40.49
CA SER B 355 17.46 5.85 -41.54
C SER B 355 16.73 5.42 -42.80
N THR B 356 16.59 4.12 -43.03
CA THR B 356 16.15 3.63 -44.34
C THR B 356 15.12 2.52 -44.29
N THR B 357 14.81 1.98 -43.12
CA THR B 357 13.71 1.02 -43.01
C THR B 357 12.41 1.64 -43.51
N ASN B 358 11.57 0.81 -44.13
CA ASN B 358 10.23 1.23 -44.51
C ASN B 358 9.22 1.07 -43.38
N TYR B 359 9.59 0.47 -42.27
CA TYR B 359 8.72 0.46 -41.10
C TYR B 359 8.60 1.87 -40.55
N PRO B 360 7.40 2.33 -40.21
CA PRO B 360 7.26 3.70 -39.67
C PRO B 360 7.68 3.79 -38.21
N CYS B 361 8.99 3.90 -37.99
CA CYS B 361 9.52 3.95 -36.63
C CYS B 361 9.04 5.21 -35.93
N LYS B 362 8.46 5.04 -34.74
CA LYS B 362 7.87 6.14 -34.02
C LYS B 362 8.94 7.00 -33.36
N VAL B 363 8.90 8.31 -33.62
CA VAL B 363 9.85 9.26 -33.05
C VAL B 363 9.11 10.52 -32.65
N SER B 364 9.73 11.28 -31.75
CA SER B 364 9.30 12.62 -31.38
C SER B 364 10.33 13.63 -31.86
N CYS B 365 9.86 14.77 -32.34
CA CYS B 365 10.73 15.76 -32.97
C CYS B 365 10.51 17.13 -32.33
N GLY B 366 11.53 17.96 -32.38
CA GLY B 366 11.44 19.29 -31.81
C GLY B 366 12.74 20.04 -31.99
N ARG B 367 12.74 21.30 -31.52
CA ARG B 367 13.93 22.14 -31.63
C ARG B 367 14.79 22.13 -30.38
N HIS B 368 14.20 22.35 -29.21
CA HIS B 368 15.02 22.64 -28.04
C HIS B 368 15.58 21.35 -27.46
N PRO B 369 16.91 21.22 -27.31
CA PRO B 369 17.47 19.98 -26.77
C PRO B 369 17.28 19.87 -25.27
N ILE B 370 16.74 18.76 -24.83
CA ILE B 370 16.82 18.36 -23.44
C ILE B 370 18.19 17.72 -23.21
N SER B 371 18.77 17.96 -22.04
CA SER B 371 19.92 17.21 -21.56
C SER B 371 19.49 16.31 -20.42
N MET B 372 19.92 15.05 -20.46
CA MET B 372 19.43 14.05 -19.52
C MET B 372 20.34 12.83 -19.56
N VAL B 373 20.24 12.01 -18.52
CA VAL B 373 20.91 10.72 -18.47
C VAL B 373 19.85 9.63 -18.54
N ALA B 374 19.96 8.75 -19.52
CA ALA B 374 19.17 7.53 -19.57
C ALA B 374 20.03 6.36 -19.14
N LEU B 375 19.66 5.73 -18.03
CA LEU B 375 20.37 4.56 -17.57
C LEU B 375 20.04 3.35 -18.43
N SER B 376 20.88 2.33 -18.33
CA SER B 376 20.68 1.06 -19.00
C SER B 376 21.31 -0.03 -18.15
N PRO B 377 20.93 -1.29 -18.36
CA PRO B 377 21.48 -2.35 -17.52
C PRO B 377 23.00 -2.40 -17.48
N LEU B 378 23.68 -2.09 -18.59
CA LEU B 378 25.13 -2.19 -18.65
C LEU B 378 25.81 -0.84 -18.91
N GLY B 379 25.11 0.26 -18.70
CA GLY B 379 25.72 1.55 -18.95
C GLY B 379 24.70 2.67 -18.85
N ALA B 380 25.04 3.81 -19.43
CA ALA B 380 24.15 4.95 -19.44
C ALA B 380 24.40 5.78 -20.69
N LEU B 381 23.34 6.38 -21.20
CA LEU B 381 23.42 7.38 -22.27
C LEU B 381 23.36 8.76 -21.63
N VAL B 382 24.31 9.62 -21.98
CA VAL B 382 24.29 11.01 -21.55
C VAL B 382 23.97 11.89 -22.76
N ALA B 383 22.84 12.58 -22.69
CA ALA B 383 22.54 13.68 -23.59
C ALA B 383 23.01 14.97 -22.93
N CYS B 384 23.87 15.71 -23.62
CA CYS B 384 24.57 16.82 -22.97
C CYS B 384 24.74 17.92 -24.02
N TYR B 385 23.93 18.98 -23.90
CA TYR B 385 23.89 20.02 -24.92
C TYR B 385 23.79 21.40 -24.29
N LYS B 386 24.03 22.40 -25.11
CA LYS B 386 23.78 23.82 -24.82
C LYS B 386 24.12 24.22 -23.39
N GLY B 387 25.29 23.83 -22.92
CA GLY B 387 25.82 24.44 -21.72
C GLY B 387 25.49 23.79 -20.39
N VAL B 388 24.97 22.57 -20.38
CA VAL B 388 25.17 21.75 -19.20
C VAL B 388 26.63 21.30 -19.14
N SER B 389 27.09 20.98 -17.94
CA SER B 389 28.43 20.43 -17.74
C SER B 389 28.31 18.97 -17.38
N CYS B 390 29.05 18.13 -18.10
CA CYS B 390 28.91 16.68 -18.01
C CYS B 390 30.28 16.06 -17.80
N SER B 391 30.35 15.09 -16.89
CA SER B 391 31.62 14.44 -16.57
C SER B 391 31.33 13.07 -15.98
N ILE B 392 32.36 12.22 -16.01
CA ILE B 392 32.27 10.86 -15.50
C ILE B 392 33.35 10.67 -14.44
N GLY B 393 33.09 9.76 -13.51
CA GLY B 393 33.95 9.59 -12.36
C GLY B 393 33.91 8.16 -11.85
N SER B 394 34.65 7.93 -10.78
CA SER B 394 34.78 6.58 -10.22
C SER B 394 35.07 6.69 -8.73
N ASN B 395 34.92 5.55 -8.05
CA ASN B 395 35.37 5.42 -6.67
C ASN B 395 36.88 5.29 -6.56
N ARG B 396 37.55 4.91 -7.65
CA ARG B 396 38.96 5.26 -7.80
C ARG B 396 39.10 6.77 -7.88
N VAL B 397 40.06 7.30 -7.11
CA VAL B 397 39.97 8.68 -6.64
C VAL B 397 39.76 9.63 -7.79
N GLY B 398 38.88 10.61 -7.57
CA GLY B 398 38.71 11.73 -8.47
C GLY B 398 37.76 11.48 -9.62
N ILE B 399 37.56 12.54 -10.40
CA ILE B 399 36.84 12.48 -11.66
C ILE B 399 37.79 12.07 -12.77
N ILE B 400 37.26 11.41 -13.79
CA ILE B 400 38.07 10.81 -14.84
C ILE B 400 38.16 11.72 -16.06
N LYS B 401 37.03 12.26 -16.54
CA LYS B 401 37.01 12.93 -17.82
C LYS B 401 35.79 13.81 -17.93
N GLN B 402 35.97 15.04 -18.41
CA GLN B 402 34.88 15.86 -18.90
C GLN B 402 34.46 15.41 -20.28
N LEU B 403 33.16 15.20 -20.49
CA LEU B 403 32.65 14.66 -21.74
C LEU B 403 32.47 15.75 -22.80
N ASN B 404 32.59 15.34 -24.05
CA ASN B 404 32.19 16.19 -25.17
C ASN B 404 30.68 16.36 -25.20
N LYS B 405 30.25 17.40 -25.92
CA LYS B 405 28.84 17.59 -26.19
C LYS B 405 28.31 16.50 -27.11
N GLY B 406 26.99 16.31 -27.08
CA GLY B 406 26.33 15.35 -27.93
C GLY B 406 26.15 13.99 -27.26
N CYS B 407 25.25 13.20 -27.83
CA CYS B 407 24.92 11.90 -27.27
C CYS B 407 26.17 11.04 -27.16
N SER B 408 26.43 10.53 -25.95
CA SER B 408 27.62 9.75 -25.65
C SER B 408 27.21 8.56 -24.80
N TYR B 409 27.92 7.46 -24.98
CA TYR B 409 27.63 6.21 -24.28
C TYR B 409 28.76 5.91 -23.31
N ILE B 410 28.40 5.78 -22.04
CA ILE B 410 29.37 5.52 -20.96
C ILE B 410 29.17 4.08 -20.53
N THR B 411 30.22 3.28 -20.62
CA THR B 411 30.11 1.86 -20.33
C THR B 411 30.33 1.58 -18.84
N ASN B 412 29.62 0.58 -18.35
CA ASN B 412 29.76 0.17 -16.94
C ASN B 412 31.20 -0.12 -16.57
N GLN B 413 31.96 -0.74 -17.48
CA GLN B 413 33.34 -1.08 -17.18
C GLN B 413 34.24 0.14 -17.13
N ASP B 414 33.81 1.26 -17.69
CA ASP B 414 34.67 2.43 -17.79
C ASP B 414 34.58 3.36 -16.58
N ALA B 415 33.40 3.52 -16.01
CA ALA B 415 33.20 4.45 -14.92
C ALA B 415 32.20 3.86 -13.93
N ASP B 416 32.30 4.29 -12.68
CA ASP B 416 31.30 3.93 -11.67
C ASP B 416 30.18 4.94 -11.58
N THR B 417 30.44 6.20 -11.91
CA THR B 417 29.44 7.26 -11.77
C THR B 417 29.53 8.22 -12.94
N VAL B 418 28.41 8.89 -13.20
CA VAL B 418 28.33 9.96 -14.19
C VAL B 418 27.55 11.10 -13.56
N THR B 419 27.92 12.33 -13.91
CA THR B 419 27.34 13.51 -13.27
C THR B 419 26.99 14.54 -14.31
N ILE B 420 25.78 15.09 -14.20
CA ILE B 420 25.30 16.18 -15.04
C ILE B 420 24.95 17.35 -14.14
N ASP B 421 25.59 18.48 -14.36
CA ASP B 421 25.28 19.74 -13.69
C ASP B 421 24.98 19.54 -12.21
N ASN B 422 25.98 19.03 -11.50
CA ASN B 422 25.96 18.76 -10.06
C ASN B 422 25.07 17.59 -9.64
N THR B 423 24.33 16.97 -10.55
CA THR B 423 23.67 15.71 -10.23
C THR B 423 24.63 14.55 -10.45
N VAL B 424 24.40 13.46 -9.71
CA VAL B 424 25.27 12.29 -9.78
C VAL B 424 24.41 11.03 -9.92
N TYR B 425 24.82 10.14 -10.82
CA TYR B 425 24.18 8.86 -11.04
C TYR B 425 25.21 7.75 -10.86
N GLN B 426 24.79 6.64 -10.26
CA GLN B 426 25.66 5.47 -10.09
C GLN B 426 25.26 4.41 -11.11
N LEU B 427 26.26 3.89 -11.82
CA LEU B 427 26.01 2.99 -12.94
C LEU B 427 25.76 1.56 -12.48
N SER B 428 24.96 0.85 -13.26
CA SER B 428 24.67 -0.56 -13.00
C SER B 428 25.93 -1.41 -13.15
N LYS B 429 26.25 -2.16 -12.10
CA LYS B 429 27.53 -2.84 -11.99
C LYS B 429 27.61 -4.11 -12.83
N VAL B 430 26.51 -4.58 -13.41
CA VAL B 430 26.52 -5.88 -14.08
C VAL B 430 27.52 -5.89 -15.21
N GLU B 431 28.33 -6.94 -15.27
CA GLU B 431 29.26 -7.15 -16.36
C GLU B 431 28.57 -7.80 -17.56
N GLY B 432 29.09 -7.52 -18.74
CA GLY B 432 28.52 -8.07 -19.96
C GLY B 432 29.11 -7.37 -21.17
N GLU B 433 28.88 -7.98 -22.32
CA GLU B 433 29.37 -7.43 -23.58
C GLU B 433 28.70 -6.11 -23.90
N GLN B 434 29.49 -5.14 -24.37
CA GLN B 434 28.97 -3.98 -25.08
C GLN B 434 29.44 -3.98 -26.53
N HIS B 435 28.55 -3.54 -27.42
CA HIS B 435 28.90 -3.24 -28.81
C HIS B 435 28.53 -1.80 -29.11
N VAL B 436 29.26 -1.19 -30.04
CA VAL B 436 28.89 0.08 -30.64
C VAL B 436 28.61 -0.17 -32.12
N ILE B 437 27.40 0.18 -32.55
CA ILE B 437 27.04 0.16 -33.97
C ILE B 437 27.25 1.58 -34.51
N LYS B 438 28.35 1.77 -35.22
CA LYS B 438 28.71 3.11 -35.69
C LYS B 438 27.76 3.58 -36.78
N GLY B 439 27.57 4.91 -36.84
CA GLY B 439 26.81 5.53 -37.91
C GLY B 439 26.40 6.96 -37.62
N ARG B 440 26.33 7.79 -38.67
CA ARG B 440 25.91 9.18 -38.52
C ARG B 440 24.52 9.27 -37.92
N PRO B 441 24.33 10.07 -36.87
CA PRO B 441 22.98 10.27 -36.33
C PRO B 441 22.05 10.86 -37.37
N VAL B 442 20.80 10.38 -37.38
CA VAL B 442 19.82 10.90 -38.33
C VAL B 442 19.65 12.40 -38.16
N SER B 443 19.69 12.88 -36.92
CA SER B 443 19.54 14.31 -36.68
C SER B 443 20.60 15.14 -37.39
N SER B 444 21.74 14.54 -37.74
CA SER B 444 22.82 15.26 -38.42
C SER B 444 22.87 14.95 -39.90
N SER B 445 21.89 14.23 -40.43
CA SER B 445 21.99 13.67 -41.78
C SER B 445 20.88 14.11 -42.71
N PHE B 446 19.72 14.51 -42.19
CA PHE B 446 18.61 14.97 -43.01
C PHE B 446 18.25 16.40 -42.65
N ASP B 447 17.74 17.14 -43.62
CA ASP B 447 17.17 18.45 -43.33
C ASP B 447 15.82 18.28 -42.65
N PRO B 448 15.52 19.09 -41.63
CA PRO B 448 14.23 18.96 -40.94
C PRO B 448 13.10 19.64 -41.69
N VAL B 449 11.88 19.18 -41.41
CA VAL B 449 10.69 19.84 -41.92
C VAL B 449 10.63 21.26 -41.37
N LYS B 450 10.13 22.17 -42.20
CA LYS B 450 9.99 23.55 -41.75
C LYS B 450 8.75 23.79 -40.91
N PHE B 451 7.66 23.08 -41.18
CA PHE B 451 6.45 23.30 -40.38
C PHE B 451 5.55 22.09 -40.49
N PRO B 452 4.90 21.64 -39.39
CA PRO B 452 5.22 21.95 -38.00
C PRO B 452 6.48 21.24 -37.60
N GLN B 453 7.42 21.92 -36.95
CA GLN B 453 8.68 21.28 -36.64
C GLN B 453 8.56 20.36 -35.43
N ASP B 454 7.90 20.81 -34.37
CA ASP B 454 7.68 20.00 -33.18
C ASP B 454 6.50 19.05 -33.39
N GLN B 455 6.73 17.75 -33.20
CA GLN B 455 5.70 16.74 -33.39
C GLN B 455 5.86 15.67 -32.33
N PHE B 456 4.75 15.28 -31.70
CA PHE B 456 4.82 14.48 -30.49
C PHE B 456 5.20 13.03 -30.79
N ASN B 457 4.40 12.34 -31.60
CA ASN B 457 4.58 10.91 -31.80
C ASN B 457 4.19 10.58 -33.23
N VAL B 458 5.18 10.50 -34.11
CA VAL B 458 4.95 10.45 -35.55
C VAL B 458 5.94 9.49 -36.17
N ALA B 459 5.64 9.05 -37.39
CA ALA B 459 6.62 8.32 -38.16
C ALA B 459 7.77 9.24 -38.56
N LEU B 460 8.96 8.67 -38.62
CA LEU B 460 10.16 9.48 -38.81
C LEU B 460 10.07 10.34 -40.06
N ASP B 461 9.36 9.88 -41.09
CA ASP B 461 9.32 10.63 -42.34
C ASP B 461 8.44 11.88 -42.27
N GLN B 462 7.65 12.06 -41.22
CA GLN B 462 7.01 13.36 -41.02
C GLN B 462 7.99 14.43 -40.57
N CYS B 463 9.17 14.03 -40.10
CA CYS B 463 10.10 14.99 -39.51
C CYS B 463 11.28 15.34 -40.40
N PHE B 464 11.68 14.46 -41.32
CA PHE B 464 12.96 14.62 -42.00
C PHE B 464 12.83 14.33 -43.49
N GLU B 465 13.77 14.89 -44.24
CA GLU B 465 13.94 14.58 -45.67
C GLU B 465 12.66 14.87 -46.44
N SER B 466 12.15 16.08 -46.27
CA SER B 466 10.83 16.44 -46.76
C SER B 466 10.86 16.82 -48.24
N LEU C 19 4.88 33.50 1.54
CA LEU C 19 4.65 33.06 0.14
C LEU C 19 4.16 34.23 -0.69
N LYS C 20 4.70 34.38 -1.89
CA LYS C 20 4.32 35.45 -2.81
C LYS C 20 3.83 34.82 -4.10
N GLU C 21 2.58 35.10 -4.47
CA GLU C 21 1.94 34.49 -5.63
C GLU C 21 1.61 35.56 -6.65
N SER C 22 2.16 35.42 -7.85
CA SER C 22 1.93 36.35 -8.95
C SER C 22 0.99 35.71 -9.96
N TYR C 23 -0.12 36.37 -10.24
CA TYR C 23 -0.98 36.01 -11.36
C TYR C 23 -0.44 36.63 -12.65
N LEU C 24 -0.27 35.80 -13.68
CA LEU C 24 0.30 36.22 -14.96
C LEU C 24 -0.81 36.18 -16.00
N GLU C 25 -1.53 37.29 -16.14
CA GLU C 25 -2.68 37.28 -17.02
C GLU C 25 -2.29 37.20 -18.48
N GLU C 26 -1.02 37.42 -18.81
CA GLU C 26 -0.57 37.24 -20.18
C GLU C 26 -0.75 35.81 -20.66
N SER C 27 -0.79 34.84 -19.74
CA SER C 27 -0.95 33.44 -20.14
C SER C 27 -1.81 32.65 -19.15
N CYS C 28 -2.56 33.31 -18.28
CA CYS C 28 -3.43 32.64 -17.33
C CYS C 28 -2.67 31.58 -16.53
N SER C 29 -1.73 32.08 -15.72
CA SER C 29 -0.86 31.22 -14.94
C SER C 29 -0.57 31.90 -13.61
N THR C 30 -0.19 31.10 -12.61
CA THR C 30 0.32 31.62 -11.36
C THR C 30 1.69 31.02 -11.06
N ILE C 31 2.57 31.84 -10.50
CA ILE C 31 3.86 31.41 -9.99
C ILE C 31 3.94 31.79 -8.52
N THR C 32 4.15 30.80 -7.66
CA THR C 32 4.23 31.00 -6.21
C THR C 32 5.66 30.76 -5.76
N GLU C 33 6.30 31.80 -5.26
CA GLU C 33 7.71 31.75 -4.87
C GLU C 33 7.84 31.64 -3.35
N GLY C 34 9.05 31.34 -2.91
CA GLY C 34 9.40 31.34 -1.50
C GLY C 34 9.44 29.98 -0.85
N TYR C 35 9.14 28.91 -1.55
CA TYR C 35 9.34 27.58 -1.02
C TYR C 35 10.83 27.29 -0.89
N LEU C 36 11.19 26.49 0.12
CA LEU C 36 12.58 26.13 0.37
C LEU C 36 12.82 24.68 -0.01
N SER C 37 13.82 24.46 -0.85
CA SER C 37 14.14 23.12 -1.34
C SER C 37 14.59 22.20 -0.22
N VAL C 38 14.33 20.90 -0.41
CA VAL C 38 15.10 19.84 0.23
C VAL C 38 15.34 18.77 -0.84
N LEU C 39 16.56 18.70 -1.34
CA LEU C 39 16.90 17.83 -2.47
C LEU C 39 17.67 16.61 -1.98
N ARG C 40 17.18 15.42 -2.37
CA ARG C 40 17.99 14.21 -2.26
C ARG C 40 19.16 14.24 -3.23
N THR C 41 20.37 14.00 -2.73
CA THR C 41 21.55 13.99 -3.58
C THR C 41 22.43 12.77 -3.37
N GLY C 42 21.91 11.71 -2.75
CA GLY C 42 22.73 10.52 -2.57
C GLY C 42 21.95 9.44 -1.84
N TRP C 43 22.63 8.32 -1.64
CA TRP C 43 22.10 7.19 -0.88
C TRP C 43 23.07 6.81 0.23
N TYR C 44 22.52 6.38 1.35
CA TYR C 44 23.30 5.86 2.47
C TYR C 44 22.81 4.45 2.77
N THR C 45 23.73 3.57 3.14
CA THR C 45 23.43 2.14 3.27
C THR C 45 23.72 1.68 4.70
N ASN C 46 22.70 1.15 5.36
CA ASN C 46 22.87 0.41 6.61
C ASN C 46 22.52 -1.06 6.35
N VAL C 47 23.37 -1.96 6.82
CA VAL C 47 23.19 -3.41 6.62
C VAL C 47 22.84 -4.05 7.96
N PHE C 48 21.67 -4.69 8.00
CA PHE C 48 21.14 -5.29 9.22
C PHE C 48 21.30 -6.80 9.18
N THR C 49 21.73 -7.38 10.29
CA THR C 49 21.59 -8.82 10.52
C THR C 49 20.55 -9.04 11.62
N LEU C 50 19.53 -9.83 11.31
CA LEU C 50 18.47 -10.19 12.24
C LEU C 50 18.63 -11.65 12.64
N GLU C 51 18.82 -11.90 13.94
CA GLU C 51 19.21 -13.21 14.43
C GLU C 51 17.99 -13.96 14.94
N VAL C 52 17.74 -15.15 14.39
CA VAL C 52 16.61 -15.98 14.78
C VAL C 52 17.05 -17.30 15.36
N GLY C 53 18.34 -17.49 15.60
CA GLY C 53 18.81 -18.58 16.42
C GLY C 53 18.59 -19.95 15.78
N ASP C 54 18.83 -20.96 16.60
CA ASP C 54 18.72 -22.36 16.19
C ASP C 54 17.28 -22.86 16.18
N VAL C 55 16.35 -22.07 15.65
CA VAL C 55 14.93 -22.41 15.75
C VAL C 55 14.62 -23.70 15.00
N GLU C 56 15.34 -24.00 13.92
CA GLU C 56 15.02 -25.14 13.09
C GLU C 56 15.34 -26.48 13.74
N ASN C 57 16.01 -26.50 14.88
CA ASN C 57 16.22 -27.75 15.59
C ASN C 57 15.06 -28.12 16.50
N LEU C 58 14.36 -27.12 17.01
CA LEU C 58 13.33 -27.35 18.02
C LEU C 58 12.11 -28.03 17.41
N THR C 59 11.59 -29.01 18.14
CA THR C 59 10.40 -29.73 17.71
C THR C 59 9.55 -30.05 18.93
N CYS C 60 8.26 -30.26 18.69
CA CYS C 60 7.29 -30.51 19.75
C CYS C 60 6.68 -31.89 19.57
N ALA C 61 6.80 -32.72 20.61
CA ALA C 61 6.31 -34.09 20.59
C ALA C 61 4.95 -34.25 21.25
N ASP C 62 4.30 -33.18 21.69
CA ASP C 62 3.21 -33.29 22.65
C ASP C 62 2.00 -32.48 22.21
N GLY C 63 1.72 -32.48 20.91
CA GLY C 63 0.46 -31.98 20.41
C GLY C 63 0.35 -30.47 20.44
N PRO C 64 -0.85 -29.97 20.17
CA PRO C 64 -1.05 -28.52 20.09
C PRO C 64 -0.79 -27.83 21.43
N SER C 65 -0.21 -26.64 21.35
CA SER C 65 0.15 -25.86 22.52
C SER C 65 0.42 -24.43 22.05
N LEU C 66 0.51 -23.52 23.02
CA LEU C 66 0.86 -22.14 22.68
C LEU C 66 2.23 -22.07 22.02
N ILE C 67 3.24 -22.66 22.66
CA ILE C 67 4.60 -22.52 22.16
C ILE C 67 4.75 -23.14 20.80
N LYS C 68 4.13 -24.30 20.58
CA LYS C 68 4.21 -24.93 19.27
C LYS C 68 3.68 -24.01 18.17
N THR C 69 2.61 -23.27 18.46
CA THR C 69 2.05 -22.40 17.43
C THR C 69 3.00 -21.25 17.10
N GLU C 70 3.63 -20.65 18.10
CA GLU C 70 4.57 -19.58 17.82
C GLU C 70 5.86 -20.11 17.22
N LEU C 71 6.32 -21.27 17.67
CA LEU C 71 7.49 -21.88 17.06
C LEU C 71 7.20 -22.24 15.61
N ASP C 72 6.01 -22.77 15.35
CA ASP C 72 5.64 -23.08 13.97
C ASP C 72 5.64 -21.84 13.10
N LEU C 73 5.06 -20.74 13.59
CA LEU C 73 5.08 -19.50 12.84
C LEU C 73 6.51 -19.05 12.55
N THR C 74 7.39 -19.11 13.55
CA THR C 74 8.77 -18.69 13.35
C THR C 74 9.46 -19.54 12.30
N LYS C 75 9.37 -20.86 12.43
CA LYS C 75 10.02 -21.75 11.47
C LYS C 75 9.43 -21.57 10.08
N SER C 76 8.12 -21.41 9.98
CA SER C 76 7.51 -21.25 8.67
C SER C 76 7.96 -19.96 8.02
N ALA C 77 7.89 -18.84 8.74
CA ALA C 77 8.34 -17.57 8.21
C ALA C 77 9.81 -17.63 7.80
N LEU C 78 10.63 -18.33 8.57
CA LEU C 78 12.06 -18.39 8.26
C LEU C 78 12.31 -19.08 6.93
N ARG C 79 11.68 -20.23 6.71
CA ARG C 79 11.87 -20.92 5.44
C ARG C 79 11.23 -20.16 4.29
N GLU C 80 10.16 -19.41 4.54
CA GLU C 80 9.50 -18.68 3.47
C GLU C 80 10.44 -17.70 2.79
N LEU C 81 11.36 -17.10 3.53
CA LEU C 81 12.30 -16.16 2.91
C LEU C 81 13.21 -16.85 1.90
N ARG C 82 13.59 -18.09 2.13
CA ARG C 82 14.46 -18.78 1.17
C ARG C 82 13.77 -18.95 -0.18
N THR C 83 12.45 -19.03 -0.21
CA THR C 83 11.73 -19.18 -1.48
C THR C 83 11.55 -17.87 -2.22
N CYS C 84 12.10 -16.77 -1.73
CA CYS C 84 11.83 -15.44 -2.25
C CYS C 84 13.03 -14.94 -3.02
N SER C 85 12.78 -14.40 -4.21
CA SER C 85 13.85 -13.93 -5.10
C SER C 85 14.84 -15.06 -5.37
N PHE C 103 8.46 16.44 -26.50
CA PHE C 103 8.91 15.53 -25.46
C PHE C 103 8.03 15.67 -24.23
N VAL C 104 7.58 14.53 -23.69
CA VAL C 104 6.77 14.53 -22.48
C VAL C 104 7.74 14.36 -21.31
N LEU C 105 8.18 15.49 -20.78
CA LEU C 105 9.19 15.46 -19.72
C LEU C 105 8.69 14.70 -18.50
N GLY C 106 7.39 14.76 -18.21
CA GLY C 106 6.85 14.02 -17.09
C GLY C 106 6.96 12.53 -17.23
N ALA C 107 7.06 12.01 -18.44
CA ALA C 107 7.27 10.57 -18.60
C ALA C 107 8.74 10.20 -18.45
N ILE C 108 9.62 10.94 -19.12
CA ILE C 108 11.05 10.64 -19.09
C ILE C 108 11.57 10.65 -17.66
N ALA C 109 11.31 11.74 -16.93
CA ALA C 109 12.01 11.96 -15.67
C ALA C 109 11.74 10.86 -14.66
N CYS C 110 10.50 10.38 -14.57
CA CYS C 110 10.17 9.40 -13.55
C CYS C 110 10.75 8.03 -13.89
N GLY C 111 10.97 7.75 -15.17
CA GLY C 111 11.72 6.55 -15.53
C GLY C 111 13.16 6.62 -15.06
N VAL C 112 13.83 7.74 -15.36
CA VAL C 112 15.19 7.94 -14.89
C VAL C 112 15.27 7.83 -13.37
N ALA C 113 14.29 8.40 -12.67
CA ALA C 113 14.34 8.40 -11.21
C ALA C 113 14.35 6.99 -10.65
N THR C 114 13.38 6.16 -11.04
CA THR C 114 13.29 4.83 -10.47
C THR C 114 14.42 3.93 -10.95
N ALA C 115 14.88 4.11 -12.19
CA ALA C 115 16.05 3.36 -12.65
C ALA C 115 17.26 3.66 -11.77
N ALA C 116 17.51 4.94 -11.50
CA ALA C 116 18.65 5.31 -10.66
C ALA C 116 18.53 4.70 -9.27
N ALA C 117 17.33 4.73 -8.69
CA ALA C 117 17.13 4.16 -7.37
C ALA C 117 17.40 2.66 -7.35
N VAL C 118 16.78 1.92 -8.27
CA VAL C 118 16.88 0.47 -8.23
C VAL C 118 18.29 0.01 -8.52
N THR C 119 18.94 0.59 -9.52
CA THR C 119 20.29 0.17 -9.85
C THR C 119 21.25 0.44 -8.70
N ALA C 120 21.13 1.59 -8.06
CA ALA C 120 22.00 1.90 -6.94
C ALA C 120 21.82 0.89 -5.82
N GLY C 121 20.58 0.48 -5.57
CA GLY C 121 20.34 -0.52 -4.54
C GLY C 121 20.83 -1.90 -4.93
N VAL C 122 20.43 -2.38 -6.10
CA VAL C 122 20.84 -3.71 -6.54
C VAL C 122 22.35 -3.77 -6.72
N ALA C 123 22.95 -2.70 -7.23
CA ALA C 123 24.39 -2.70 -7.44
C ALA C 123 25.17 -2.89 -6.15
N ILE C 124 24.68 -2.33 -5.04
CA ILE C 124 25.37 -2.54 -3.77
C ILE C 124 24.95 -3.85 -3.12
N ALA C 125 23.68 -4.24 -3.26
CA ALA C 125 23.25 -5.52 -2.71
C ALA C 125 24.06 -6.66 -3.31
N LYS C 126 24.24 -6.65 -4.63
CA LYS C 126 25.03 -7.68 -5.29
C LYS C 126 26.45 -7.77 -4.76
N CYS C 127 26.96 -6.68 -4.17
CA CYS C 127 28.29 -6.71 -3.59
C CYS C 127 28.31 -7.30 -2.19
N ILE C 128 27.23 -7.16 -1.43
CA ILE C 128 27.15 -7.77 -0.11
C ILE C 128 26.81 -9.26 -0.20
N ARG C 129 26.10 -9.69 -1.24
CA ARG C 129 25.53 -11.04 -1.26
C ARG C 129 26.57 -12.15 -1.28
N LEU C 130 27.84 -11.84 -1.49
CA LEU C 130 28.86 -12.88 -1.50
C LEU C 130 29.04 -13.45 -0.08
N GLU C 131 29.39 -14.74 -0.03
CA GLU C 131 29.63 -15.39 1.25
C GLU C 131 30.82 -14.80 1.99
N SER C 132 31.86 -14.38 1.26
CA SER C 132 32.98 -13.71 1.89
C SER C 132 32.53 -12.51 2.70
N GLU C 133 31.60 -11.72 2.17
CA GLU C 133 31.19 -10.50 2.83
C GLU C 133 30.21 -10.75 3.96
N VAL C 134 29.30 -11.70 3.79
CA VAL C 134 28.37 -12.02 4.87
C VAL C 134 29.12 -12.51 6.09
N THR C 135 30.17 -13.31 5.89
CA THR C 135 31.02 -13.70 7.02
C THR C 135 31.78 -12.50 7.58
N ALA C 136 32.21 -11.57 6.72
CA ALA C 136 32.86 -10.37 7.22
C ALA C 136 31.91 -9.52 8.06
N ILE C 137 30.67 -9.34 7.60
CA ILE C 137 29.71 -8.57 8.38
C ILE C 137 29.45 -9.24 9.71
N LYS C 138 29.22 -10.55 9.71
CA LYS C 138 29.01 -11.27 10.96
C LYS C 138 30.24 -11.20 11.85
N ASN C 139 31.43 -11.21 11.24
CA ASN C 139 32.66 -11.06 12.03
C ASN C 139 32.77 -9.67 12.62
N CYS C 140 32.37 -8.64 11.88
CA CYS C 140 32.35 -7.29 12.44
C CYS C 140 31.47 -7.22 13.68
N LEU C 141 30.23 -7.68 13.57
CA LEU C 141 29.21 -7.52 14.61
C LEU C 141 29.29 -8.55 15.71
N LYS C 142 30.31 -9.40 15.73
CA LYS C 142 30.26 -10.57 16.60
C LYS C 142 30.28 -10.19 18.07
N LYS C 143 30.97 -9.11 18.43
CA LYS C 143 31.07 -8.69 19.81
C LYS C 143 30.09 -7.59 20.20
N THR C 144 29.63 -6.79 19.24
CA THR C 144 28.89 -5.57 19.58
C THR C 144 27.91 -5.25 18.46
N ASN C 145 26.95 -4.39 18.77
CA ASN C 145 25.75 -4.24 17.96
C ASN C 145 25.88 -3.26 16.80
N GLU C 146 27.00 -2.55 16.67
CA GLU C 146 27.20 -1.69 15.51
C GLU C 146 28.64 -1.73 15.08
N CYS C 147 28.86 -1.74 13.76
CA CYS C 147 30.19 -1.90 13.20
C CYS C 147 30.23 -1.18 11.86
N VAL C 148 31.43 -0.82 11.43
CA VAL C 148 31.65 -0.17 10.15
C VAL C 148 32.43 -1.13 9.26
N SER C 149 32.00 -1.29 8.02
CA SER C 149 32.60 -2.23 7.10
C SER C 149 32.80 -1.60 5.74
N THR C 150 33.92 -1.93 5.10
CA THR C 150 34.18 -1.59 3.71
C THR C 150 33.97 -2.84 2.86
N LEU C 151 33.09 -2.75 1.87
CA LEU C 151 32.89 -3.88 0.98
C LEU C 151 34.04 -3.97 -0.01
N GLY C 152 34.16 -5.13 -0.65
CA GLY C 152 35.19 -5.28 -1.66
C GLY C 152 35.07 -4.28 -2.77
N CYS C 153 33.84 -3.89 -3.09
CA CYS C 153 33.54 -2.86 -4.09
C CYS C 153 33.85 -1.42 -3.60
N GLY C 154 34.44 -1.23 -2.42
CA GLY C 154 34.97 0.05 -2.01
C GLY C 154 34.00 0.98 -1.30
N VAL C 155 32.71 0.66 -1.28
CA VAL C 155 31.76 1.48 -0.53
C VAL C 155 31.83 1.14 0.95
N ARG C 156 31.53 2.12 1.79
CA ARG C 156 31.54 1.98 3.24
C ARG C 156 30.11 1.98 3.74
N VAL C 157 29.78 1.01 4.60
CA VAL C 157 28.43 0.84 5.10
C VAL C 157 28.46 0.85 6.62
N LEU C 158 27.38 1.33 7.22
CA LEU C 158 27.08 1.02 8.60
C LEU C 158 26.47 -0.36 8.70
N ALA C 159 26.73 -1.04 9.80
CA ALA C 159 26.18 -2.37 10.05
C ALA C 159 25.56 -2.44 11.43
N THR C 160 24.46 -3.18 11.54
CA THR C 160 23.65 -3.24 12.76
C THR C 160 23.17 -4.66 12.97
N ALA C 161 23.18 -5.12 14.22
CA ALA C 161 22.66 -6.43 14.59
C ALA C 161 21.38 -6.27 15.39
N VAL C 162 20.30 -6.86 14.91
CA VAL C 162 19.05 -6.97 15.67
C VAL C 162 19.07 -8.36 16.31
N ARG C 163 19.69 -8.44 17.48
CA ARG C 163 20.10 -9.71 18.07
C ARG C 163 19.06 -10.32 19.01
N GLU C 164 17.98 -9.60 19.31
CA GLU C 164 17.19 -9.92 20.50
C GLU C 164 16.57 -11.31 20.43
N LEU C 165 16.08 -11.72 19.26
CA LEU C 165 15.37 -13.00 19.17
C LEU C 165 16.30 -14.19 19.38
N LYS C 166 17.49 -14.16 18.80
CA LYS C 166 18.47 -15.22 19.07
C LYS C 166 18.77 -15.35 20.55
N ASP C 167 18.90 -14.22 21.24
CA ASP C 167 19.21 -14.26 22.67
C ASP C 167 18.13 -14.99 23.44
N PHE C 168 16.86 -14.71 23.15
CA PHE C 168 15.78 -15.43 23.82
C PHE C 168 15.75 -16.90 23.43
N VAL C 169 15.86 -17.21 22.14
CA VAL C 169 15.75 -18.60 21.71
C VAL C 169 16.88 -19.44 22.30
N SER C 170 18.09 -18.89 22.36
CA SER C 170 19.21 -19.63 22.93
C SER C 170 19.16 -19.68 24.46
N LYS C 171 19.09 -18.53 25.11
CA LYS C 171 19.28 -18.49 26.56
C LYS C 171 18.07 -18.94 27.37
N ASN C 172 16.86 -18.94 26.81
CA ASN C 172 15.69 -19.25 27.62
C ASN C 172 14.84 -20.37 27.03
N LEU C 173 14.35 -20.18 25.81
CA LEU C 173 13.41 -21.15 25.24
C LEU C 173 14.02 -22.52 25.11
N THR C 174 15.30 -22.60 24.72
CA THR C 174 15.93 -23.90 24.49
C THR C 174 16.02 -24.73 25.77
N ARG C 175 16.22 -24.11 26.93
CA ARG C 175 16.22 -24.87 28.15
C ARG C 175 14.82 -25.16 28.67
N ALA C 176 13.82 -24.35 28.30
CA ALA C 176 12.47 -24.61 28.75
C ALA C 176 11.90 -25.88 28.15
N ILE C 177 12.06 -26.05 26.84
CA ILE C 177 11.62 -27.27 26.18
C ILE C 177 12.64 -28.38 26.41
N ASN C 178 12.60 -28.99 27.59
CA ASN C 178 13.25 -30.28 27.79
C ASN C 178 12.54 -31.37 27.02
N LYS C 179 13.31 -32.28 26.44
CA LYS C 179 12.79 -33.54 25.93
C LYS C 179 11.60 -33.35 25.00
N ASN C 180 11.63 -32.27 24.21
CA ASN C 180 10.58 -31.95 23.25
C ASN C 180 9.19 -31.81 23.87
N LYS C 181 9.07 -31.63 25.17
CA LYS C 181 7.76 -31.36 25.78
C LYS C 181 7.50 -29.87 25.70
N CYS C 182 6.73 -29.45 24.68
CA CYS C 182 6.47 -28.04 24.47
C CYS C 182 5.34 -27.49 25.33
N ASP C 183 4.37 -28.32 25.72
CA ASP C 183 3.19 -27.80 26.40
C ASP C 183 3.44 -27.59 27.90
N ILE C 184 4.54 -26.94 28.24
CA ILE C 184 4.95 -26.74 29.62
C ILE C 184 3.88 -25.99 30.41
N PRO C 185 3.91 -26.03 31.75
CA PRO C 185 2.89 -25.31 32.53
C PRO C 185 3.08 -23.81 32.61
N ASP C 186 4.29 -23.29 32.43
CA ASP C 186 4.54 -21.85 32.58
C ASP C 186 4.10 -21.10 31.32
N LEU C 187 3.06 -20.29 31.46
CA LEU C 187 2.61 -19.48 30.34
C LEU C 187 3.58 -18.35 30.02
N LYS C 188 4.42 -17.95 30.98
CA LYS C 188 5.24 -16.77 30.77
C LYS C 188 6.16 -16.92 29.57
N MET C 189 6.56 -18.14 29.24
CA MET C 189 7.36 -18.34 28.05
C MET C 189 6.55 -18.05 26.79
N ALA C 190 5.31 -18.52 26.73
CA ALA C 190 4.52 -18.37 25.53
C ALA C 190 4.24 -16.91 25.21
N VAL C 191 3.81 -16.14 26.21
CA VAL C 191 3.52 -14.72 25.98
C VAL C 191 4.79 -13.97 25.62
N SER C 192 5.89 -14.27 26.30
CA SER C 192 7.15 -13.60 25.98
C SER C 192 7.57 -13.87 24.56
N PHE C 193 7.44 -15.13 24.11
CA PHE C 193 7.90 -15.50 22.79
C PHE C 193 7.12 -14.78 21.71
N SER C 194 5.81 -14.60 21.91
CA SER C 194 5.02 -13.82 20.96
C SER C 194 5.51 -12.40 20.83
N GLN C 195 6.10 -11.84 21.87
CA GLN C 195 6.66 -10.49 21.79
C GLN C 195 7.98 -10.46 21.03
N PHE C 196 8.90 -11.37 21.33
CA PHE C 196 10.22 -11.29 20.72
C PHE C 196 10.17 -11.57 19.22
N ASN C 197 9.37 -12.54 18.78
CA ASN C 197 9.33 -12.82 17.36
C ASN C 197 8.45 -11.84 16.58
N ARG C 198 7.75 -10.94 17.27
CA ARG C 198 6.83 -10.04 16.59
C ARG C 198 7.53 -9.24 15.51
N ARG C 199 8.70 -8.68 15.82
CA ARG C 199 9.44 -7.91 14.82
C ARG C 199 9.84 -8.79 13.64
N PHE C 200 10.37 -9.97 13.92
CA PHE C 200 10.86 -10.82 12.84
C PHE C 200 9.75 -11.14 11.85
N LEU C 201 8.57 -11.50 12.35
CA LEU C 201 7.46 -11.84 11.45
C LEU C 201 7.03 -10.67 10.60
N ASN C 202 7.09 -9.44 11.15
CA ASN C 202 6.71 -8.27 10.35
C ASN C 202 7.68 -8.02 9.21
N VAL C 203 8.98 -8.22 9.44
CA VAL C 203 9.95 -8.01 8.37
C VAL C 203 9.67 -8.97 7.22
N VAL C 204 9.45 -10.24 7.53
CA VAL C 204 9.12 -11.21 6.49
C VAL C 204 7.89 -10.79 5.73
N ARG C 205 6.85 -10.37 6.45
CA ARG C 205 5.60 -9.97 5.81
C ARG C 205 5.82 -8.87 4.77
N GLN C 206 6.64 -7.87 5.07
CA GLN C 206 6.83 -6.78 4.13
C GLN C 206 7.66 -7.20 2.91
N PHE C 207 8.71 -7.98 3.12
CA PHE C 207 9.49 -8.46 1.99
C PHE C 207 8.69 -9.45 1.14
N SER C 208 7.97 -10.36 1.79
CA SER C 208 7.26 -11.39 1.04
C SER C 208 6.20 -10.78 0.12
N ASP C 209 5.50 -9.75 0.60
CA ASP C 209 4.53 -9.07 -0.24
C ASP C 209 5.14 -8.21 -1.33
N ASN C 210 6.44 -7.92 -1.28
CA ASN C 210 7.06 -7.00 -2.23
C ASN C 210 8.14 -7.66 -3.07
N ALA C 211 8.34 -8.97 -2.96
CA ALA C 211 9.35 -9.66 -3.73
C ALA C 211 10.72 -9.02 -3.55
N GLY C 212 11.08 -8.74 -2.30
CA GLY C 212 12.44 -8.43 -1.95
C GLY C 212 12.83 -6.96 -1.95
N ILE C 213 12.02 -6.08 -2.51
CA ILE C 213 12.30 -4.65 -2.50
C ILE C 213 11.07 -3.93 -2.01
N THR C 214 11.13 -3.43 -0.78
CA THR C 214 9.97 -2.80 -0.16
C THR C 214 9.83 -1.36 -0.64
N PRO C 215 8.61 -0.81 -0.61
CA PRO C 215 8.41 0.56 -1.09
C PRO C 215 8.85 1.63 -0.11
N ALA C 216 8.90 1.34 1.18
CA ALA C 216 9.28 2.33 2.17
C ALA C 216 9.87 1.62 3.38
N ILE C 217 10.59 2.37 4.21
CA ILE C 217 11.29 1.83 5.37
C ILE C 217 10.26 1.67 6.48
N SER C 218 9.71 0.47 6.64
CA SER C 218 8.71 0.23 7.66
C SER C 218 9.28 0.52 9.04
N LYS C 219 8.35 0.70 9.99
CA LYS C 219 8.70 0.70 11.40
C LYS C 219 9.60 -0.47 11.79
N ASP C 220 9.45 -1.61 11.11
CA ASP C 220 10.12 -2.83 11.55
C ASP C 220 11.47 -3.08 10.89
N LEU C 221 11.66 -2.64 9.65
CA LEU C 221 12.99 -2.77 9.04
C LEU C 221 14.01 -1.97 9.82
N MET C 222 13.62 -0.80 10.32
CA MET C 222 14.53 0.08 11.02
C MET C 222 13.73 0.86 12.06
N THR C 223 14.04 0.64 13.33
CA THR C 223 13.32 1.33 14.40
C THR C 223 13.68 2.80 14.43
N ASP C 224 12.99 3.53 15.30
CA ASP C 224 13.28 4.95 15.47
C ASP C 224 14.70 5.17 15.95
N ALA C 225 15.10 4.45 17.00
CA ALA C 225 16.46 4.62 17.51
C ALA C 225 17.50 4.24 16.47
N GLU C 226 17.28 3.14 15.75
CA GLU C 226 18.21 2.75 14.70
C GLU C 226 18.24 3.79 13.58
N LEU C 227 17.10 4.37 13.25
CA LEU C 227 17.07 5.37 12.19
C LEU C 227 17.82 6.63 12.60
N ALA C 228 17.57 7.12 13.81
CA ALA C 228 18.24 8.34 14.26
C ALA C 228 19.75 8.15 14.31
N ARG C 229 20.20 7.02 14.82
CA ARG C 229 21.63 6.74 14.87
C ARG C 229 22.23 6.48 13.50
N ALA C 230 21.41 6.11 12.51
CA ALA C 230 21.90 5.99 11.15
C ALA C 230 22.07 7.35 10.48
N ILE C 231 21.04 8.19 10.55
CA ILE C 231 21.10 9.51 9.93
C ILE C 231 22.29 10.30 10.46
N SER C 232 22.56 10.20 11.76
CA SER C 232 23.63 11.00 12.36
C SER C 232 25.00 10.71 11.78
N ASN C 233 25.17 9.62 11.03
CA ASN C 233 26.46 9.29 10.42
C ASN C 233 26.57 9.72 8.96
N MET C 234 25.51 10.29 8.38
CA MET C 234 25.50 10.53 6.95
C MET C 234 26.60 11.51 6.55
N PRO C 235 27.05 11.44 5.31
CA PRO C 235 28.13 12.31 4.80
C PRO C 235 27.69 13.72 4.46
N THR C 236 27.09 14.41 5.43
CA THR C 236 26.65 15.78 5.19
C THR C 236 26.73 16.58 6.49
N SER C 237 26.78 17.90 6.33
CA SER C 237 27.02 18.81 7.46
C SER C 237 25.83 18.82 8.41
N ALA C 238 26.07 19.37 9.60
CA ALA C 238 25.10 19.27 10.68
C ALA C 238 23.78 19.94 10.34
N GLY C 239 23.80 21.03 9.57
CA GLY C 239 22.56 21.70 9.25
C GLY C 239 21.56 20.76 8.59
N GLN C 240 21.98 20.05 7.56
CA GLN C 240 21.10 19.08 6.92
C GLN C 240 20.64 18.01 7.89
N ILE C 241 21.56 17.49 8.71
CA ILE C 241 21.22 16.39 9.61
C ILE C 241 20.21 16.82 10.65
N LYS C 242 20.35 18.02 11.19
CA LYS C 242 19.39 18.50 12.17
C LYS C 242 17.99 18.56 11.59
N LEU C 243 17.87 18.96 10.33
CA LEU C 243 16.57 18.95 9.67
C LEU C 243 16.06 17.53 9.49
N MET C 244 16.90 16.63 8.96
CA MET C 244 16.46 15.26 8.75
C MET C 244 15.96 14.62 10.04
N LEU C 245 16.64 14.87 11.15
CA LEU C 245 16.21 14.26 12.41
C LEU C 245 14.85 14.80 12.86
N GLU C 246 14.59 16.08 12.63
CA GLU C 246 13.29 16.66 12.96
C GLU C 246 12.22 16.34 11.92
N ASN C 247 12.56 15.58 10.88
CA ASN C 247 11.64 15.33 9.78
C ASN C 247 11.74 13.89 9.30
N ARG C 248 12.10 12.97 10.20
CA ARG C 248 12.49 11.63 9.78
C ARG C 248 11.36 10.85 9.16
N CYS C 249 10.11 11.26 9.36
CA CYS C 249 9.01 10.59 8.67
C CYS C 249 9.12 10.73 7.16
N MET C 250 9.72 11.83 6.67
CA MET C 250 9.97 11.93 5.23
C MET C 250 11.20 11.12 4.81
N VAL C 251 12.24 11.09 5.62
CA VAL C 251 13.39 10.24 5.29
C VAL C 251 12.96 8.79 5.21
N ARG C 252 12.15 8.37 6.18
CA ARG C 252 11.64 7.00 6.20
C ARG C 252 10.80 6.71 4.96
N ARG C 253 9.97 7.66 4.56
CA ARG C 253 9.06 7.45 3.42
C ARG C 253 9.79 7.28 2.09
N LYS C 254 10.91 7.97 1.89
CA LYS C 254 11.55 7.95 0.58
C LYS C 254 12.58 6.84 0.40
N GLY C 255 13.13 6.29 1.48
CA GLY C 255 14.03 5.17 1.36
C GLY C 255 13.33 3.87 1.03
N PHE C 256 14.13 2.82 0.93
CA PHE C 256 13.62 1.48 0.64
C PHE C 256 14.64 0.45 1.12
N GLY C 257 14.19 -0.80 1.21
CA GLY C 257 15.03 -1.88 1.67
C GLY C 257 15.14 -2.99 0.64
N ILE C 258 16.24 -3.75 0.71
CA ILE C 258 16.51 -4.86 -0.18
C ILE C 258 16.88 -6.08 0.66
N LEU C 259 16.30 -7.23 0.34
CA LEU C 259 16.66 -8.47 1.02
C LEU C 259 17.93 -9.06 0.40
N ILE C 260 18.96 -9.24 1.23
CA ILE C 260 20.15 -9.94 0.76
C ILE C 260 19.94 -11.45 0.79
N GLY C 261 19.39 -11.98 1.87
CA GLY C 261 19.01 -13.38 1.93
C GLY C 261 19.01 -13.86 3.36
N VAL C 262 18.75 -15.15 3.51
CA VAL C 262 18.87 -15.84 4.78
C VAL C 262 20.12 -16.68 4.76
N TYR C 263 21.04 -16.42 5.69
CA TYR C 263 22.31 -17.13 5.80
C TYR C 263 22.40 -17.78 7.17
N GLY C 264 22.57 -19.09 7.19
CA GLY C 264 22.42 -19.83 8.42
C GLY C 264 21.03 -19.60 9.01
N SER C 265 20.98 -19.01 10.20
CA SER C 265 19.74 -18.55 10.79
C SER C 265 19.80 -17.07 11.14
N SER C 266 20.39 -16.28 10.25
CA SER C 266 20.33 -14.82 10.32
C SER C 266 19.71 -14.29 9.04
N VAL C 267 18.69 -13.46 9.16
CA VAL C 267 18.21 -12.67 8.04
C VAL C 267 19.12 -11.47 7.85
N ILE C 268 19.56 -11.24 6.61
CA ILE C 268 20.37 -10.09 6.26
C ILE C 268 19.61 -9.26 5.24
N TYR C 269 19.42 -7.98 5.54
CA TYR C 269 18.75 -7.04 4.66
C TYR C 269 19.44 -5.70 4.78
N MET C 270 19.22 -4.85 3.80
CA MET C 270 19.86 -3.53 3.75
C MET C 270 18.81 -2.46 3.52
N VAL C 271 19.11 -1.25 3.98
CA VAL C 271 18.21 -0.10 3.84
C VAL C 271 18.95 1.02 3.16
N GLN C 272 18.33 1.62 2.15
CA GLN C 272 18.87 2.77 1.44
C GLN C 272 18.22 4.04 1.98
N LEU C 273 19.02 4.91 2.58
CA LEU C 273 18.49 6.13 3.16
C LEU C 273 18.80 7.34 2.29
N PRO C 274 17.85 8.24 2.07
CA PRO C 274 18.09 9.43 1.25
C PRO C 274 18.97 10.45 1.95
N ILE C 275 20.08 10.82 1.32
CA ILE C 275 20.88 11.96 1.76
C ILE C 275 20.27 13.23 1.18
N PHE C 276 19.61 14.02 2.03
CA PHE C 276 19.09 15.34 1.65
C PHE C 276 20.21 16.38 1.74
N GLY C 277 21.17 16.26 0.82
CA GLY C 277 22.42 16.97 0.95
C GLY C 277 22.36 18.46 0.70
N VAL C 278 21.28 18.97 0.11
CA VAL C 278 21.14 20.40 -0.15
C VAL C 278 19.79 20.86 0.37
N ILE C 279 19.79 21.96 1.13
CA ILE C 279 18.57 22.50 1.72
C ILE C 279 18.53 24.02 1.57
N ASP C 280 17.33 24.56 1.67
CA ASP C 280 17.09 26.01 1.70
C ASP C 280 17.64 26.71 0.45
N THR C 281 17.52 26.09 -0.70
CA THR C 281 17.63 26.87 -1.93
C THR C 281 16.24 27.29 -2.41
N PRO C 282 16.16 28.28 -3.30
CA PRO C 282 14.85 28.77 -3.74
C PRO C 282 14.13 27.78 -4.66
N CYS C 283 12.81 27.73 -4.52
CA CYS C 283 11.95 26.98 -5.44
C CYS C 283 10.71 27.78 -5.74
N TRP C 284 10.05 27.45 -6.85
CA TRP C 284 8.76 28.05 -7.17
C TRP C 284 7.92 27.06 -7.96
N ILE C 285 6.60 27.19 -7.85
CA ILE C 285 5.65 26.32 -8.54
C ILE C 285 4.91 27.14 -9.59
N VAL C 286 4.72 26.55 -10.77
CA VAL C 286 3.95 27.15 -11.86
C VAL C 286 2.65 26.38 -12.05
N LYS C 287 1.53 27.10 -12.10
CA LYS C 287 0.22 26.56 -12.43
C LYS C 287 -0.34 27.29 -13.64
N ALA C 288 -1.23 26.63 -14.38
CA ALA C 288 -1.79 27.23 -15.58
C ALA C 288 -3.22 26.74 -15.79
N ALA C 289 -3.96 27.48 -16.61
CA ALA C 289 -5.30 27.10 -17.00
C ALA C 289 -5.56 27.59 -18.42
N PRO C 290 -6.57 27.04 -19.09
CA PRO C 290 -6.78 27.35 -20.52
C PRO C 290 -7.10 28.82 -20.76
N SER C 291 -6.22 29.50 -21.50
CA SER C 291 -6.34 30.93 -21.74
C SER C 291 -7.20 31.26 -22.95
N CYS C 292 -8.34 30.61 -23.11
CA CYS C 292 -9.12 30.77 -24.33
C CYS C 292 -9.70 32.17 -24.46
N SER C 293 -9.85 32.61 -25.70
CA SER C 293 -10.49 33.87 -26.01
C SER C 293 -11.04 33.77 -27.43
N GLU C 294 -11.92 34.71 -27.78
CA GLU C 294 -12.83 34.51 -28.90
C GLU C 294 -12.79 35.70 -29.85
N LYS C 295 -12.84 35.40 -31.15
CA LYS C 295 -13.08 36.39 -32.19
C LYS C 295 -14.08 35.86 -33.19
N LYS C 296 -15.00 36.74 -33.62
CA LYS C 296 -16.05 36.42 -34.57
C LYS C 296 -16.77 35.11 -34.26
N GLY C 297 -16.89 34.78 -32.98
CA GLY C 297 -17.59 33.58 -32.57
C GLY C 297 -16.78 32.30 -32.56
N ASN C 298 -15.48 32.36 -32.84
CA ASN C 298 -14.61 31.19 -32.78
C ASN C 298 -13.62 31.39 -31.64
N TYR C 299 -13.50 30.39 -30.78
CA TYR C 299 -12.48 30.41 -29.74
C TYR C 299 -11.11 30.08 -30.29
N ALA C 300 -10.10 30.58 -29.59
CA ALA C 300 -8.72 30.13 -29.74
C ALA C 300 -8.16 29.99 -28.34
N CYS C 301 -7.38 28.94 -28.12
CA CYS C 301 -6.97 28.58 -26.76
C CYS C 301 -5.47 28.37 -26.69
N LEU C 302 -4.96 28.51 -25.48
CA LEU C 302 -3.57 28.22 -25.16
C LEU C 302 -3.53 27.70 -23.73
N LEU C 303 -2.76 26.63 -23.51
CA LEU C 303 -2.45 26.20 -22.16
C LEU C 303 -0.96 25.94 -22.03
N ARG C 304 -0.36 26.44 -20.96
CA ARG C 304 1.05 26.24 -20.70
C ARG C 304 1.32 24.82 -20.26
N GLU C 305 2.31 24.18 -20.89
CA GLU C 305 2.65 22.79 -20.62
C GLU C 305 3.83 22.63 -19.68
N ASP C 306 4.39 23.73 -19.17
CA ASP C 306 5.56 23.69 -18.29
C ASP C 306 5.15 23.85 -16.83
N GLN C 307 4.04 23.26 -16.44
CA GLN C 307 3.58 23.32 -15.06
C GLN C 307 4.47 22.44 -14.17
N GLY C 308 4.33 22.64 -12.87
CA GLY C 308 5.07 21.88 -11.88
C GLY C 308 6.19 22.67 -11.23
N TRP C 309 7.08 21.93 -10.57
CA TRP C 309 8.07 22.49 -9.67
C TRP C 309 9.36 22.87 -10.37
N TYR C 310 9.93 24.00 -9.96
CA TYR C 310 11.28 24.40 -10.32
C TYR C 310 12.05 24.69 -9.05
N CYS C 311 13.33 24.36 -9.04
CA CYS C 311 14.21 24.81 -7.96
C CYS C 311 15.54 25.26 -8.55
N GLN C 312 16.09 26.32 -7.98
CA GLN C 312 17.37 26.85 -8.39
C GLN C 312 18.44 26.41 -7.40
N ASN C 313 19.58 25.98 -7.92
CA ASN C 313 20.60 25.34 -7.10
C ASN C 313 21.98 25.67 -7.65
N ALA C 314 22.77 26.37 -6.84
CA ALA C 314 24.15 26.71 -7.20
C ALA C 314 24.25 27.32 -8.59
N GLY C 315 23.28 28.13 -8.96
CA GLY C 315 23.35 28.85 -10.21
C GLY C 315 22.84 28.13 -11.44
N SER C 316 22.04 27.09 -11.29
CA SER C 316 21.32 26.52 -12.42
C SER C 316 19.91 26.17 -11.99
N THR C 317 19.03 26.04 -12.98
CA THR C 317 17.62 25.79 -12.75
C THR C 317 17.31 24.34 -13.07
N VAL C 318 16.67 23.65 -12.14
CA VAL C 318 16.24 22.27 -12.33
C VAL C 318 14.72 22.25 -12.36
N TYR C 319 14.17 21.56 -13.34
CA TYR C 319 12.73 21.40 -13.50
C TYR C 319 12.35 19.98 -13.09
N TYR C 320 11.32 19.84 -12.27
CA TYR C 320 10.93 18.56 -11.67
C TYR C 320 9.54 18.18 -12.15
N PRO C 321 9.42 17.51 -13.31
CA PRO C 321 8.10 17.37 -13.93
C PRO C 321 7.26 16.23 -13.40
N CYS C 322 7.84 15.24 -12.76
CA CYS C 322 7.05 14.10 -12.31
C CYS C 322 5.94 14.56 -11.39
N GLU C 323 4.76 13.96 -11.57
CA GLU C 323 3.58 14.33 -10.79
C GLU C 323 3.70 13.96 -9.33
N LYS C 324 4.70 13.17 -8.95
CA LYS C 324 4.70 12.54 -7.63
C LYS C 324 6.08 12.49 -6.99
N ASP C 325 7.06 13.21 -7.53
CA ASP C 325 8.41 13.21 -6.97
C ASP C 325 8.78 14.53 -6.32
N CYS C 326 7.82 15.42 -6.09
CA CYS C 326 7.99 16.52 -5.15
C CYS C 326 6.78 16.60 -4.23
N GLU C 327 7.04 16.83 -2.94
CA GLU C 327 6.00 16.90 -1.94
C GLU C 327 6.30 18.03 -0.98
N THR C 328 5.26 18.70 -0.51
CA THR C 328 5.41 19.89 0.32
C THR C 328 4.99 19.61 1.76
N ARG C 329 5.62 20.33 2.68
CA ARG C 329 5.23 20.37 4.08
C ARG C 329 5.52 21.78 4.58
N GLY C 330 4.53 22.65 4.46
CA GLY C 330 4.79 24.07 4.67
C GLY C 330 5.61 24.66 3.54
N ASP C 331 6.57 25.51 3.91
CA ASP C 331 7.44 26.11 2.91
C ASP C 331 8.44 25.14 2.32
N HIS C 332 8.73 24.03 3.00
CA HIS C 332 9.67 23.06 2.50
C HIS C 332 9.03 22.19 1.43
N VAL C 333 9.73 21.96 0.33
CA VAL C 333 9.34 21.01 -0.69
C VAL C 333 10.44 19.96 -0.82
N PHE C 334 10.07 18.70 -0.70
CA PHE C 334 11.00 17.59 -0.77
C PHE C 334 11.00 17.02 -2.18
N CYS C 335 12.17 16.93 -2.80
CA CYS C 335 12.27 16.55 -4.20
C CYS C 335 13.48 15.65 -4.38
N ASP C 336 13.47 14.90 -5.48
CA ASP C 336 14.53 13.96 -5.82
C ASP C 336 15.32 14.51 -7.00
N THR C 337 16.62 14.72 -6.80
CA THR C 337 17.45 15.29 -7.85
C THR C 337 17.52 14.42 -9.09
N ALA C 338 17.30 13.12 -8.96
CA ALA C 338 17.34 12.24 -10.13
C ALA C 338 16.13 12.45 -11.03
N ALA C 339 15.03 12.97 -10.51
CA ALA C 339 13.87 13.30 -11.32
C ALA C 339 13.96 14.67 -11.98
N GLY C 340 15.08 15.37 -11.83
CA GLY C 340 15.19 16.72 -12.34
C GLY C 340 15.71 16.76 -13.77
N ILE C 341 15.07 17.60 -14.58
CA ILE C 341 15.53 17.90 -15.93
C ILE C 341 16.11 19.30 -15.92
N ASN C 342 17.35 19.44 -16.38
CA ASN C 342 17.99 20.74 -16.41
C ASN C 342 17.40 21.59 -17.52
N VAL C 343 17.09 22.84 -17.21
CA VAL C 343 16.55 23.80 -18.16
C VAL C 343 17.43 25.03 -18.16
N ALA C 344 17.54 25.65 -19.33
CA ALA C 344 18.33 26.86 -19.43
C ALA C 344 17.75 27.93 -18.52
N GLU C 345 18.62 28.77 -17.98
CA GLU C 345 18.19 29.76 -17.00
C GLU C 345 17.27 30.81 -17.61
N GLN C 346 17.36 31.04 -18.92
CA GLN C 346 16.43 31.94 -19.59
C GLN C 346 14.99 31.45 -19.53
N SER C 347 14.77 30.19 -19.18
CA SER C 347 13.41 29.64 -19.16
C SER C 347 12.46 30.41 -18.26
N LYS C 348 12.96 31.12 -17.25
CA LYS C 348 12.09 31.96 -16.45
C LYS C 348 11.40 33.06 -17.24
N GLU C 349 11.85 33.36 -18.45
CA GLU C 349 11.21 34.41 -19.23
C GLU C 349 9.80 34.06 -19.66
N CYS C 350 9.44 32.78 -19.71
CA CYS C 350 8.05 32.42 -19.96
C CYS C 350 7.12 32.87 -18.84
N ASN C 351 7.65 33.23 -17.68
CA ASN C 351 6.85 33.77 -16.59
C ASN C 351 6.78 35.29 -16.57
N ILE C 352 7.34 35.98 -17.56
CA ILE C 352 7.44 37.44 -17.48
C ILE C 352 6.87 38.08 -18.74
N ASN C 353 7.38 37.69 -19.91
CA ASN C 353 6.93 38.28 -21.17
C ASN C 353 6.95 37.22 -22.26
N ILE C 354 6.16 36.17 -22.04
CA ILE C 354 6.05 35.01 -22.93
C ILE C 354 5.71 35.42 -24.35
N SER C 355 4.97 36.53 -24.51
CA SER C 355 4.66 37.01 -25.84
C SER C 355 5.88 37.33 -26.68
N THR C 356 7.04 37.56 -26.05
CA THR C 356 8.19 38.06 -26.80
C THR C 356 9.53 37.44 -26.43
N THR C 357 9.59 36.56 -25.43
CA THR C 357 10.82 35.85 -25.17
C THR C 357 11.21 34.99 -26.37
N ASN C 358 12.52 34.87 -26.59
CA ASN C 358 13.04 34.00 -27.63
C ASN C 358 13.12 32.54 -27.19
N TYR C 359 13.03 32.28 -25.89
CA TYR C 359 13.02 30.91 -25.42
C TYR C 359 11.74 30.22 -25.86
N PRO C 360 11.81 29.00 -26.38
CA PRO C 360 10.59 28.33 -26.87
C PRO C 360 9.69 27.85 -25.76
N CYS C 361 8.80 28.70 -25.27
CA CYS C 361 7.91 28.32 -24.19
C CYS C 361 6.93 27.26 -24.67
N LYS C 362 6.87 26.14 -23.95
CA LYS C 362 6.01 25.04 -24.35
C LYS C 362 4.55 25.37 -24.03
N VAL C 363 3.69 25.29 -25.06
CA VAL C 363 2.26 25.52 -24.89
C VAL C 363 1.49 24.52 -25.74
N SER C 364 0.26 24.27 -25.33
CA SER C 364 -0.69 23.49 -26.11
C SER C 364 -1.78 24.39 -26.68
N CYS C 365 -2.10 24.20 -27.94
CA CYS C 365 -3.02 25.06 -28.66
C CYS C 365 -4.23 24.26 -29.09
N GLY C 366 -5.37 24.93 -29.21
CA GLY C 366 -6.60 24.24 -29.54
C GLY C 366 -7.72 25.22 -29.81
N ARG C 367 -8.79 24.70 -30.41
CA ARG C 367 -9.95 25.49 -30.76
C ARG C 367 -11.09 25.39 -29.75
N HIS C 368 -11.22 24.26 -29.05
CA HIS C 368 -12.36 24.03 -28.12
C HIS C 368 -11.95 24.46 -26.69
N PRO C 369 -12.65 25.42 -26.04
CA PRO C 369 -12.30 25.79 -24.67
C PRO C 369 -12.74 24.75 -23.65
N ILE C 370 -11.91 24.57 -22.63
CA ILE C 370 -12.24 23.76 -21.47
C ILE C 370 -12.43 24.69 -20.30
N SER C 371 -13.47 24.44 -19.52
CA SER C 371 -13.70 25.16 -18.27
C SER C 371 -13.24 24.29 -17.11
N MET C 372 -12.50 24.89 -16.19
CA MET C 372 -11.89 24.15 -15.10
C MET C 372 -11.44 25.13 -14.03
N VAL C 373 -11.19 24.60 -12.84
CA VAL C 373 -10.55 25.34 -11.75
C VAL C 373 -9.17 24.73 -11.53
N ALA C 374 -8.14 25.55 -11.63
CA ALA C 374 -6.79 25.15 -11.24
C ALA C 374 -6.47 25.83 -9.92
N LEU C 375 -6.43 25.04 -8.85
CA LEU C 375 -6.14 25.59 -7.54
C LEU C 375 -4.66 25.91 -7.40
N SER C 376 -4.37 26.91 -6.59
CA SER C 376 -3.02 27.35 -6.30
C SER C 376 -2.86 27.47 -4.79
N PRO C 377 -1.63 27.53 -4.30
CA PRO C 377 -1.43 27.64 -2.84
C PRO C 377 -2.16 28.83 -2.21
N LEU C 378 -2.24 29.96 -2.89
CA LEU C 378 -2.89 31.15 -2.34
C LEU C 378 -4.17 31.55 -3.07
N GLY C 379 -4.72 30.67 -3.91
CA GLY C 379 -5.88 31.08 -4.68
C GLY C 379 -6.25 30.01 -5.69
N ALA C 380 -7.08 30.40 -6.64
CA ALA C 380 -7.54 29.51 -7.68
C ALA C 380 -7.67 30.29 -8.98
N LEU C 381 -7.19 29.72 -10.07
CA LEU C 381 -7.55 30.20 -11.40
C LEU C 381 -8.89 29.60 -11.78
N VAL C 382 -9.83 30.43 -12.19
CA VAL C 382 -11.10 29.96 -12.74
C VAL C 382 -11.11 30.25 -14.22
N ALA C 383 -11.17 29.18 -15.02
CA ALA C 383 -11.43 29.28 -16.45
C ALA C 383 -12.91 28.95 -16.66
N CYS C 384 -13.64 29.86 -17.29
CA CYS C 384 -15.09 29.75 -17.33
C CYS C 384 -15.56 30.29 -18.67
N TYR C 385 -16.05 29.41 -19.54
CA TYR C 385 -16.36 29.79 -20.91
C TYR C 385 -17.77 29.36 -21.30
N LYS C 386 -18.09 29.46 -22.59
CA LYS C 386 -19.46 29.35 -23.07
C LYS C 386 -20.23 28.21 -22.42
N GLY C 387 -21.43 28.52 -21.96
CA GLY C 387 -22.36 27.52 -21.46
C GLY C 387 -22.06 26.96 -20.10
N VAL C 388 -21.16 27.55 -19.35
CA VAL C 388 -20.90 27.16 -17.97
C VAL C 388 -21.07 28.38 -17.08
N SER C 389 -21.63 28.18 -15.90
CA SER C 389 -21.90 29.26 -14.95
C SER C 389 -21.02 29.10 -13.73
N CYS C 390 -20.35 30.19 -13.34
CA CYS C 390 -19.30 30.16 -12.33
C CYS C 390 -19.53 31.27 -11.33
N SER C 391 -19.37 30.96 -10.04
CA SER C 391 -19.66 31.92 -8.99
C SER C 391 -18.82 31.58 -7.76
N ILE C 392 -18.55 32.61 -6.96
CA ILE C 392 -17.70 32.48 -5.78
C ILE C 392 -18.54 32.74 -4.53
N GLY C 393 -18.15 32.09 -3.43
CA GLY C 393 -18.97 32.08 -2.24
C GLY C 393 -18.13 32.15 -0.99
N SER C 394 -18.81 32.24 0.15
CA SER C 394 -18.14 32.38 1.44
C SER C 394 -18.93 31.64 2.51
N ASN C 395 -18.26 31.39 3.64
CA ASN C 395 -18.88 30.79 4.80
C ASN C 395 -19.74 31.75 5.60
N ARG C 396 -19.55 33.06 5.42
CA ARG C 396 -20.46 34.03 6.01
C ARG C 396 -21.75 34.14 5.21
N VAL C 397 -21.63 34.24 3.88
CA VAL C 397 -22.78 34.28 2.99
C VAL C 397 -22.47 33.37 1.81
N GLY C 398 -23.49 32.59 1.41
CA GLY C 398 -23.23 31.49 0.50
C GLY C 398 -22.75 31.93 -0.86
N ILE C 399 -23.24 33.07 -1.35
CA ILE C 399 -22.91 33.57 -2.68
C ILE C 399 -22.48 35.02 -2.58
N ILE C 400 -21.39 35.36 -3.26
CA ILE C 400 -20.84 36.71 -3.23
C ILE C 400 -20.93 37.38 -4.59
N LYS C 401 -20.66 36.64 -5.66
CA LYS C 401 -20.63 37.18 -7.00
C LYS C 401 -20.69 36.02 -7.98
N GLN C 402 -21.14 36.31 -9.20
CA GLN C 402 -20.94 35.41 -10.33
C GLN C 402 -19.92 36.03 -11.28
N LEU C 403 -18.97 35.21 -11.72
CA LEU C 403 -17.79 35.71 -12.41
C LEU C 403 -18.10 36.02 -13.87
N ASN C 404 -17.37 37.00 -14.41
CA ASN C 404 -17.35 37.21 -15.84
C ASN C 404 -16.67 36.03 -16.54
N LYS C 405 -17.00 35.86 -17.82
CA LYS C 405 -16.35 34.85 -18.62
C LYS C 405 -14.86 35.16 -18.79
N GLY C 406 -14.11 34.13 -19.15
CA GLY C 406 -12.68 34.24 -19.33
C GLY C 406 -11.90 33.85 -18.09
N CYS C 407 -10.59 33.76 -18.26
CA CYS C 407 -9.71 33.44 -17.14
C CYS C 407 -9.76 34.53 -16.09
N SER C 408 -9.91 34.14 -14.83
CA SER C 408 -9.97 35.07 -13.71
C SER C 408 -9.28 34.43 -12.52
N TYR C 409 -8.68 35.27 -11.67
CA TYR C 409 -7.93 34.82 -10.51
C TYR C 409 -8.71 35.17 -9.25
N ILE C 410 -9.14 34.15 -8.53
CA ILE C 410 -9.92 34.32 -7.31
C ILE C 410 -9.00 34.10 -6.12
N THR C 411 -9.00 35.04 -5.19
CA THR C 411 -8.00 35.08 -4.13
C THR C 411 -8.59 34.53 -2.84
N ASN C 412 -7.82 33.72 -2.12
CA ASN C 412 -8.34 33.07 -0.93
C ASN C 412 -8.69 34.06 0.17
N GLN C 413 -8.33 35.33 0.03
CA GLN C 413 -8.77 36.36 0.94
C GLN C 413 -10.13 36.94 0.55
N ASP C 414 -10.56 36.72 -0.70
CA ASP C 414 -11.78 37.32 -1.22
C ASP C 414 -12.95 36.35 -1.24
N ALA C 415 -12.68 35.05 -1.20
CA ALA C 415 -13.72 34.05 -1.15
C ALA C 415 -13.22 32.86 -0.35
N ASP C 416 -14.14 32.09 0.22
CA ASP C 416 -13.80 30.81 0.81
C ASP C 416 -14.07 29.64 -0.13
N THR C 417 -15.01 29.78 -1.05
CA THR C 417 -15.33 28.72 -1.99
C THR C 417 -15.53 29.30 -3.38
N VAL C 418 -15.29 28.47 -4.39
CA VAL C 418 -15.60 28.79 -5.78
C VAL C 418 -16.28 27.59 -6.39
N THR C 419 -17.26 27.84 -7.26
CA THR C 419 -18.12 26.79 -7.76
C THR C 419 -18.27 26.91 -9.27
N ILE C 420 -18.25 25.77 -9.95
CA ILE C 420 -18.50 25.70 -11.38
C ILE C 420 -19.57 24.64 -11.60
N ASP C 421 -20.67 25.03 -12.23
CA ASP C 421 -21.68 24.10 -12.71
C ASP C 421 -22.03 23.06 -11.64
N ASN C 422 -22.41 23.55 -10.47
CA ASN C 422 -22.78 22.77 -9.30
C ASN C 422 -21.61 22.01 -8.65
N THR C 423 -20.40 22.11 -9.17
CA THR C 423 -19.23 21.62 -8.47
C THR C 423 -18.71 22.69 -7.52
N VAL C 424 -18.15 22.26 -6.39
CA VAL C 424 -17.71 23.18 -5.34
C VAL C 424 -16.27 22.84 -4.96
N TYR C 425 -15.44 23.88 -4.86
CA TYR C 425 -14.04 23.75 -4.46
C TYR C 425 -13.76 24.63 -3.26
N GLN C 426 -12.87 24.16 -2.38
CA GLN C 426 -12.46 24.88 -1.19
C GLN C 426 -11.08 25.50 -1.40
N LEU C 427 -10.97 26.80 -1.16
CA LEU C 427 -9.71 27.50 -1.37
C LEU C 427 -8.76 27.29 -0.20
N SER C 428 -7.47 27.32 -0.51
CA SER C 428 -6.42 27.23 0.51
C SER C 428 -6.40 28.50 1.35
N LYS C 429 -6.60 28.35 2.66
CA LYS C 429 -6.78 29.47 3.56
C LYS C 429 -5.48 30.08 4.04
N VAL C 430 -4.33 29.61 3.56
CA VAL C 430 -3.06 30.10 4.06
C VAL C 430 -2.86 31.56 3.67
N GLU C 431 -2.33 32.34 4.61
CA GLU C 431 -2.07 33.76 4.38
C GLU C 431 -0.80 33.96 3.54
N GLY C 432 -0.77 35.08 2.83
CA GLY C 432 0.39 35.43 2.04
C GLY C 432 0.14 36.75 1.35
N GLU C 433 0.84 36.98 0.25
CA GLU C 433 0.60 38.17 -0.56
C GLU C 433 0.44 37.78 -2.01
N GLN C 434 -0.40 38.54 -2.72
CA GLN C 434 -0.69 38.30 -4.13
C GLN C 434 -0.32 39.51 -4.96
N HIS C 435 0.11 39.25 -6.19
CA HIS C 435 0.36 40.28 -7.17
C HIS C 435 -0.39 39.93 -8.45
N VAL C 436 -0.68 40.95 -9.24
CA VAL C 436 -1.17 40.76 -10.60
C VAL C 436 -0.24 41.47 -11.56
N ILE C 437 0.25 40.75 -12.56
CA ILE C 437 1.04 41.33 -13.64
C ILE C 437 0.10 41.54 -14.81
N LYS C 438 -0.29 42.79 -15.03
CA LYS C 438 -1.19 43.13 -16.11
C LYS C 438 -0.55 42.88 -17.47
N GLY C 439 -1.40 42.56 -18.44
CA GLY C 439 -1.00 42.39 -19.82
C GLY C 439 -2.08 41.68 -20.61
N ARG C 440 -2.44 42.21 -21.77
CA ARG C 440 -3.50 41.63 -22.57
C ARG C 440 -3.14 40.20 -22.97
N PRO C 441 -4.06 39.24 -22.83
CA PRO C 441 -3.67 37.84 -22.99
C PRO C 441 -3.13 37.52 -24.38
N VAL C 442 -2.18 36.57 -24.41
CA VAL C 442 -1.57 36.15 -25.65
C VAL C 442 -2.62 35.72 -26.66
N SER C 443 -3.56 34.88 -26.23
CA SER C 443 -4.55 34.34 -27.15
C SER C 443 -5.41 35.41 -27.78
N SER C 444 -5.55 36.56 -27.13
CA SER C 444 -6.31 37.66 -27.70
C SER C 444 -5.46 38.56 -28.59
N SER C 445 -4.16 38.62 -28.35
CA SER C 445 -3.31 39.59 -29.05
C SER C 445 -2.91 39.12 -30.43
N PHE C 446 -2.64 37.83 -30.61
CA PHE C 446 -2.19 37.32 -31.90
C PHE C 446 -3.35 36.64 -32.64
N ASP C 447 -3.12 36.36 -33.92
CA ASP C 447 -4.06 35.57 -34.71
C ASP C 447 -3.55 34.14 -34.86
N PRO C 448 -4.40 33.14 -34.71
CA PRO C 448 -3.91 31.76 -34.70
C PRO C 448 -3.62 31.21 -36.08
N VAL C 449 -2.66 30.27 -36.12
CA VAL C 449 -2.30 29.62 -37.37
C VAL C 449 -3.48 28.83 -37.90
N LYS C 450 -3.66 28.87 -39.23
CA LYS C 450 -4.84 28.26 -39.82
C LYS C 450 -4.77 26.75 -39.89
N PHE C 451 -3.59 26.16 -40.03
CA PHE C 451 -3.51 24.72 -40.02
C PHE C 451 -2.12 24.26 -39.63
N PRO C 452 -1.97 23.21 -38.80
CA PRO C 452 -3.00 22.63 -37.94
C PRO C 452 -3.18 23.44 -36.67
N GLN C 453 -4.40 23.62 -36.21
CA GLN C 453 -4.62 23.92 -34.80
C GLN C 453 -4.46 22.62 -34.00
N ASP C 454 -4.85 22.65 -32.74
CA ASP C 454 -4.84 21.47 -31.88
C ASP C 454 -3.45 20.84 -31.77
N GLN C 455 -2.39 21.65 -31.88
CA GLN C 455 -1.04 21.13 -31.69
C GLN C 455 -0.80 20.88 -30.21
N PHE C 456 -0.38 19.66 -29.88
CA PHE C 456 -0.09 19.30 -28.49
C PHE C 456 1.39 19.48 -28.19
N ASN C 457 1.68 20.20 -27.12
CA ASN C 457 3.03 20.36 -26.58
C ASN C 457 4.02 20.82 -27.66
N VAL C 458 3.84 22.08 -28.06
CA VAL C 458 4.67 22.71 -29.07
C VAL C 458 5.12 24.07 -28.55
N ALA C 459 6.12 24.63 -29.21
CA ALA C 459 6.57 25.97 -28.86
C ALA C 459 5.60 27.01 -29.40
N LEU C 460 5.45 28.10 -28.64
CA LEU C 460 4.38 29.05 -28.90
C LEU C 460 4.47 29.66 -30.29
N ASP C 461 5.68 29.86 -30.80
CA ASP C 461 5.83 30.44 -32.13
C ASP C 461 5.12 29.64 -33.19
N GLN C 462 4.90 28.35 -32.94
CA GLN C 462 4.28 27.46 -33.90
C GLN C 462 2.76 27.59 -33.95
N CYS C 463 2.15 28.36 -33.04
CA CYS C 463 0.71 28.52 -33.00
C CYS C 463 0.19 29.89 -33.39
N PHE C 464 1.01 30.94 -33.24
CA PHE C 464 0.49 32.30 -33.32
C PHE C 464 1.40 33.14 -34.21
N GLU C 465 0.82 34.21 -34.76
CA GLU C 465 1.51 35.12 -35.67
C GLU C 465 2.13 34.34 -36.83
N SER C 466 1.31 33.52 -37.46
CA SER C 466 1.75 32.67 -38.56
C SER C 466 2.24 33.49 -39.74
N LEU D 1 -14.84 -48.52 0.79
CA LEU D 1 -15.42 -48.66 -0.57
C LEU D 1 -16.04 -50.05 -0.72
N VAL D 2 -17.15 -50.14 -1.44
CA VAL D 2 -17.60 -51.42 -1.97
C VAL D 2 -16.79 -51.76 -3.21
N GLN D 3 -16.26 -52.97 -3.27
CA GLN D 3 -15.68 -53.50 -4.49
C GLN D 3 -16.14 -54.93 -4.65
N SER D 4 -16.56 -55.29 -5.86
CA SER D 4 -17.29 -56.54 -6.05
C SER D 4 -16.94 -57.14 -7.40
N GLY D 5 -17.26 -58.42 -7.54
CA GLY D 5 -17.02 -59.15 -8.76
C GLY D 5 -15.71 -59.92 -8.79
N GLY D 6 -14.90 -59.81 -7.74
CA GLY D 6 -13.65 -60.54 -7.71
C GLY D 6 -13.90 -62.02 -7.49
N GLY D 7 -13.46 -62.85 -8.42
CA GLY D 7 -13.60 -64.28 -8.25
C GLY D 7 -12.71 -65.03 -9.22
N VAL D 8 -12.73 -66.35 -9.08
CA VAL D 8 -12.08 -67.23 -10.03
C VAL D 8 -12.93 -67.37 -11.27
N VAL D 9 -12.26 -67.55 -12.42
CA VAL D 9 -12.93 -67.97 -13.64
C VAL D 9 -11.90 -68.66 -14.51
N ARG D 10 -12.36 -69.53 -15.40
CA ARG D 10 -11.48 -70.10 -16.39
C ARG D 10 -11.04 -69.05 -17.39
N PRO D 11 -9.83 -69.17 -17.94
CA PRO D 11 -9.41 -68.24 -18.99
C PRO D 11 -10.33 -68.29 -20.19
N GLY D 12 -10.31 -67.22 -20.97
CA GLY D 12 -11.17 -67.12 -22.14
C GLY D 12 -12.60 -66.75 -21.85
N THR D 13 -12.90 -66.29 -20.64
CA THR D 13 -14.24 -65.89 -20.25
C THR D 13 -14.24 -64.40 -19.95
N SER D 14 -15.35 -63.91 -19.40
CA SER D 14 -15.52 -62.49 -19.12
C SER D 14 -15.98 -62.30 -17.68
N LEU D 15 -15.73 -61.10 -17.18
CA LEU D 15 -16.01 -60.77 -15.78
C LEU D 15 -16.16 -59.26 -15.67
N ARG D 16 -16.82 -58.82 -14.62
CA ARG D 16 -16.99 -57.39 -14.35
C ARG D 16 -16.61 -57.07 -12.92
N VAL D 17 -15.83 -56.01 -12.73
CA VAL D 17 -15.46 -55.52 -11.41
C VAL D 17 -15.95 -54.08 -11.28
N SER D 18 -16.33 -53.69 -10.07
CA SER D 18 -16.96 -52.41 -9.84
C SER D 18 -16.45 -51.79 -8.55
N CYS D 19 -16.53 -50.46 -8.48
CA CYS D 19 -16.06 -49.67 -7.36
C CYS D 19 -17.13 -48.65 -7.03
N ALA D 20 -17.53 -48.57 -5.76
CA ALA D 20 -18.77 -47.88 -5.42
C ALA D 20 -18.73 -47.46 -3.95
N ALA D 21 -19.78 -46.76 -3.54
CA ALA D 21 -19.93 -46.26 -2.17
C ALA D 21 -18.84 -45.25 -1.81
N PHE D 22 -18.43 -44.45 -2.79
CA PHE D 22 -17.42 -43.43 -2.55
C PHE D 22 -17.89 -42.44 -1.49
N ASP D 23 -16.96 -42.04 -0.62
CA ASP D 23 -17.24 -40.99 0.36
C ASP D 23 -17.08 -39.59 -0.22
N PHE D 24 -16.13 -39.40 -1.13
CA PHE D 24 -15.93 -38.10 -1.76
C PHE D 24 -16.94 -37.86 -2.88
N ASN D 25 -16.97 -36.62 -3.37
CA ASN D 25 -17.84 -36.20 -4.46
C ASN D 25 -17.38 -36.83 -5.77
N PHE D 26 -17.69 -38.12 -5.92
CA PHE D 26 -17.23 -38.90 -7.06
C PHE D 26 -17.47 -38.21 -8.40
N ARG D 27 -18.53 -37.43 -8.52
CA ARG D 27 -18.88 -36.81 -9.79
C ARG D 27 -17.79 -35.92 -10.37
N ASP D 28 -16.87 -35.41 -9.57
CA ASP D 28 -15.94 -34.39 -10.05
C ASP D 28 -14.51 -34.89 -10.25
N TYR D 29 -14.20 -36.14 -9.91
CA TYR D 29 -12.84 -36.65 -9.95
C TYR D 29 -12.67 -37.64 -11.10
N GLY D 30 -11.52 -37.57 -11.76
CA GLY D 30 -11.10 -38.66 -12.61
C GLY D 30 -10.77 -39.90 -11.80
N MET D 31 -10.82 -41.06 -12.45
CA MET D 31 -10.61 -42.31 -11.75
C MET D 31 -9.75 -43.24 -12.60
N HIS D 32 -9.04 -44.15 -11.92
CA HIS D 32 -8.07 -45.02 -12.55
C HIS D 32 -8.14 -46.41 -11.92
N TRP D 33 -7.73 -47.42 -12.68
CA TRP D 33 -7.54 -48.76 -12.13
C TRP D 33 -6.06 -49.11 -12.10
N VAL D 34 -5.62 -49.69 -11.00
CA VAL D 34 -4.26 -50.15 -10.82
C VAL D 34 -4.29 -51.56 -10.27
N ARG D 35 -3.45 -52.43 -10.80
CA ARG D 35 -3.50 -53.85 -10.46
C ARG D 35 -2.14 -54.33 -9.97
N GLN D 36 -2.17 -55.36 -9.14
CA GLN D 36 -0.98 -55.92 -8.52
C GLN D 36 -1.04 -57.44 -8.61
N ALA D 37 -0.22 -58.02 -9.48
CA ALA D 37 -0.09 -59.47 -9.50
C ALA D 37 0.57 -59.94 -8.21
N PRO D 38 0.26 -61.14 -7.73
CA PRO D 38 0.72 -61.54 -6.40
C PRO D 38 2.22 -61.41 -6.21
N GLY D 39 2.62 -60.57 -5.26
CA GLY D 39 4.02 -60.33 -4.96
C GLY D 39 4.74 -59.41 -5.92
N LYS D 40 4.19 -59.14 -7.09
CA LYS D 40 4.83 -58.30 -8.07
C LYS D 40 4.56 -56.82 -7.79
N GLY D 41 5.22 -55.96 -8.55
CA GLY D 41 4.96 -54.53 -8.49
C GLY D 41 3.67 -54.15 -9.18
N LEU D 42 3.34 -52.86 -9.04
CA LEU D 42 2.08 -52.33 -9.54
C LEU D 42 2.14 -52.08 -11.04
N GLU D 43 1.00 -52.23 -11.70
CA GLU D 43 0.83 -51.85 -13.10
C GLU D 43 -0.44 -51.03 -13.25
N TRP D 44 -0.34 -49.90 -13.94
CA TRP D 44 -1.53 -49.14 -14.31
C TRP D 44 -2.32 -49.87 -15.40
N VAL D 45 -3.65 -49.84 -15.28
CA VAL D 45 -4.54 -50.63 -16.14
C VAL D 45 -5.33 -49.75 -17.10
N ALA D 46 -6.08 -48.78 -16.59
CA ALA D 46 -6.94 -47.96 -17.43
C ALA D 46 -7.25 -46.65 -16.72
N GLY D 47 -7.87 -45.72 -17.45
CA GLY D 47 -8.23 -44.43 -16.87
C GLY D 47 -9.41 -43.79 -17.56
N ILE D 48 -10.08 -42.92 -16.81
CA ILE D 48 -11.25 -42.19 -17.33
C ILE D 48 -11.30 -40.81 -16.69
N TRP D 49 -11.72 -39.82 -17.46
CA TRP D 49 -11.86 -38.45 -16.96
C TRP D 49 -13.30 -38.23 -16.48
N TYR D 50 -13.52 -37.12 -15.79
CA TYR D 50 -14.72 -37.02 -14.96
C TYR D 50 -16.00 -36.98 -15.77
N ASP D 51 -15.96 -36.43 -16.98
CA ASP D 51 -17.14 -36.40 -17.83
C ASP D 51 -17.26 -37.65 -18.70
N GLY D 52 -16.41 -38.65 -18.46
CA GLY D 52 -16.44 -39.88 -19.22
C GLY D 52 -15.70 -39.85 -20.53
N SER D 53 -15.13 -38.72 -20.91
CA SER D 53 -14.21 -38.68 -22.04
C SER D 53 -12.87 -39.28 -21.65
N ASN D 54 -11.96 -39.34 -22.62
CA ASN D 54 -10.57 -39.73 -22.39
C ASN D 54 -10.44 -41.09 -21.71
N LYS D 55 -11.07 -42.11 -22.28
CA LYS D 55 -10.73 -43.47 -21.91
C LYS D 55 -9.35 -43.82 -22.44
N ASP D 56 -8.48 -44.35 -21.59
CA ASP D 56 -7.14 -44.75 -21.98
C ASP D 56 -6.81 -46.09 -21.38
N TYR D 57 -5.85 -46.79 -22.00
CA TYR D 57 -5.51 -48.13 -21.56
C TYR D 57 -4.02 -48.38 -21.71
N ALA D 58 -3.50 -49.26 -20.85
CA ALA D 58 -2.18 -49.82 -21.05
C ALA D 58 -2.22 -50.84 -22.19
N ASP D 59 -1.10 -50.98 -22.88
CA ASP D 59 -1.05 -51.85 -24.04
C ASP D 59 -1.25 -53.31 -23.71
N SER D 60 -1.03 -53.73 -22.46
CA SER D 60 -1.32 -55.10 -22.08
C SER D 60 -2.81 -55.41 -22.13
N VAL D 61 -3.67 -54.39 -22.19
CA VAL D 61 -5.12 -54.57 -22.19
C VAL D 61 -5.80 -53.73 -23.26
N LYS D 62 -5.05 -52.93 -24.01
CA LYS D 62 -5.63 -51.93 -24.92
C LYS D 62 -6.76 -52.50 -25.75
N GLY D 63 -6.65 -53.76 -26.17
CA GLY D 63 -7.69 -54.34 -26.99
C GLY D 63 -8.88 -54.95 -26.27
N ARG D 64 -8.75 -55.22 -24.98
CA ARG D 64 -9.67 -56.10 -24.28
C ARG D 64 -10.61 -55.36 -23.34
N PHE D 65 -10.09 -54.67 -22.34
CA PHE D 65 -10.91 -54.14 -21.25
C PHE D 65 -11.70 -52.92 -21.72
N THR D 66 -12.70 -52.57 -20.91
CA THR D 66 -13.45 -51.34 -21.09
C THR D 66 -13.63 -50.68 -19.73
N ILE D 67 -13.44 -49.37 -19.68
CA ILE D 67 -13.57 -48.59 -18.45
C ILE D 67 -14.79 -47.70 -18.60
N SER D 68 -15.69 -47.75 -17.62
CA SER D 68 -16.97 -47.07 -17.71
C SER D 68 -17.33 -46.53 -16.34
N ARG D 69 -18.18 -45.50 -16.33
CA ARG D 69 -18.58 -44.89 -15.07
C ARG D 69 -20.02 -44.41 -15.17
N ASP D 70 -20.68 -44.35 -14.02
CA ASP D 70 -22.06 -43.89 -13.90
C ASP D 70 -22.10 -42.79 -12.85
N ASN D 71 -22.16 -41.53 -13.30
CA ASN D 71 -22.15 -40.40 -12.39
C ASN D 71 -23.46 -40.21 -11.63
N SER D 72 -24.52 -40.97 -11.96
CA SER D 72 -25.76 -40.84 -11.21
C SER D 72 -25.87 -41.84 -10.07
N GLN D 73 -25.43 -43.08 -10.29
CA GLN D 73 -25.38 -44.06 -9.22
C GLN D 73 -24.15 -43.90 -8.35
N ASN D 74 -23.12 -43.20 -8.84
CA ASN D 74 -21.78 -43.22 -8.25
C ASN D 74 -21.21 -44.63 -8.20
N THR D 75 -20.82 -45.10 -9.38
CA THR D 75 -20.13 -46.39 -9.51
C THR D 75 -19.16 -46.33 -10.68
N LEU D 76 -18.02 -46.98 -10.51
CA LEU D 76 -17.01 -47.12 -11.55
C LEU D 76 -16.90 -48.59 -11.95
N TYR D 77 -16.80 -48.85 -13.25
CA TYR D 77 -16.84 -50.21 -13.77
C TYR D 77 -15.64 -50.45 -14.68
N LEU D 78 -15.00 -51.61 -14.51
CA LEU D 78 -14.04 -52.13 -15.47
C LEU D 78 -14.49 -53.52 -15.88
N GLN D 79 -14.73 -53.72 -17.17
CA GLN D 79 -15.23 -54.99 -17.68
C GLN D 79 -14.15 -55.71 -18.46
N MET D 80 -13.90 -56.96 -18.10
CA MET D 80 -12.79 -57.75 -18.63
C MET D 80 -13.34 -58.76 -19.61
N ASN D 81 -12.77 -58.80 -20.81
CA ASN D 81 -13.14 -59.78 -21.82
C ASN D 81 -11.90 -60.54 -22.25
N SER D 82 -12.08 -61.83 -22.54
CA SER D 82 -10.96 -62.69 -22.91
C SER D 82 -9.87 -62.62 -21.85
N LEU D 83 -10.24 -62.98 -20.62
CA LEU D 83 -9.26 -63.06 -19.55
C LEU D 83 -8.17 -64.05 -19.90
N ARG D 84 -6.93 -63.66 -19.62
CA ARG D 84 -5.77 -64.51 -19.82
C ARG D 84 -5.02 -64.65 -18.50
N VAL D 85 -4.35 -65.79 -18.34
CA VAL D 85 -3.88 -66.20 -17.02
C VAL D 85 -2.90 -65.21 -16.41
N GLU D 86 -2.23 -64.40 -17.22
CA GLU D 86 -1.38 -63.34 -16.70
C GLU D 86 -2.16 -62.25 -15.95
N ASP D 87 -3.48 -62.22 -16.05
CA ASP D 87 -4.27 -61.16 -15.44
C ASP D 87 -4.59 -61.38 -13.97
N THR D 88 -4.13 -62.46 -13.34
CA THR D 88 -4.41 -62.65 -11.92
C THR D 88 -3.82 -61.50 -11.11
N ALA D 89 -4.67 -60.68 -10.50
CA ALA D 89 -4.15 -59.56 -9.72
C ALA D 89 -5.24 -59.05 -8.79
N VAL D 90 -4.80 -58.37 -7.74
CA VAL D 90 -5.64 -57.47 -6.96
C VAL D 90 -5.83 -56.19 -7.75
N TYR D 91 -7.10 -55.83 -8.01
CA TYR D 91 -7.43 -54.60 -8.71
C TYR D 91 -7.87 -53.52 -7.72
N TYR D 92 -7.05 -52.49 -7.56
CA TYR D 92 -7.41 -51.34 -6.74
C TYR D 92 -8.12 -50.30 -7.57
N CYS D 93 -8.97 -49.53 -6.90
CA CYS D 93 -9.70 -48.41 -7.47
C CYS D 93 -9.07 -47.13 -6.93
N ALA D 94 -8.71 -46.20 -7.80
CA ALA D 94 -7.92 -45.05 -7.39
C ALA D 94 -8.39 -43.77 -8.05
N ARG D 95 -8.10 -42.66 -7.38
CA ARG D 95 -8.65 -41.35 -7.69
C ARG D 95 -7.56 -40.41 -8.19
N ASP D 96 -7.93 -39.56 -9.15
CA ASP D 96 -6.98 -38.63 -9.76
C ASP D 96 -7.35 -37.20 -9.38
N PRO D 97 -6.45 -36.42 -8.77
CA PRO D 97 -6.83 -35.10 -8.28
C PRO D 97 -6.77 -33.98 -9.31
N ARG D 98 -6.24 -34.24 -10.51
CA ARG D 98 -6.02 -33.19 -11.49
C ARG D 98 -7.29 -32.38 -11.73
N THR D 99 -7.17 -31.05 -11.61
CA THR D 99 -8.26 -30.17 -11.99
C THR D 99 -8.33 -29.98 -13.50
N HIS D 100 -7.19 -30.03 -14.18
CA HIS D 100 -7.11 -29.85 -15.62
C HIS D 100 -6.22 -30.95 -16.18
N ARG D 101 -6.58 -31.48 -17.35
CA ARG D 101 -5.86 -32.62 -17.88
C ARG D 101 -4.41 -32.27 -18.18
N GLU D 102 -4.16 -31.07 -18.66
CA GLU D 102 -2.82 -30.67 -19.05
C GLU D 102 -1.93 -30.29 -17.86
N GLY D 103 -2.36 -30.57 -16.64
CA GLY D 103 -1.50 -30.33 -15.50
C GLY D 103 -0.38 -31.34 -15.39
N ALA D 104 0.60 -30.99 -14.57
CA ALA D 104 1.80 -31.82 -14.42
C ALA D 104 1.66 -32.87 -13.33
N LEU D 105 0.63 -32.81 -12.51
CA LEU D 105 0.44 -33.80 -11.47
C LEU D 105 0.15 -35.17 -12.07
N SER D 106 0.61 -36.21 -11.38
CA SER D 106 0.65 -37.54 -11.97
C SER D 106 0.37 -38.64 -10.96
N HIS D 107 -0.03 -38.31 -9.74
CA HIS D 107 -0.21 -39.25 -8.65
C HIS D 107 -1.68 -39.61 -8.44
N PHE D 108 -1.89 -40.68 -7.68
CA PHE D 108 -3.21 -41.13 -7.27
C PHE D 108 -3.33 -41.09 -5.76
N ASP D 109 -4.54 -40.88 -5.27
CA ASP D 109 -4.82 -41.10 -3.86
C ASP D 109 -6.10 -41.91 -3.69
N SER D 110 -6.57 -42.06 -2.44
CA SER D 110 -7.87 -42.65 -2.16
C SER D 110 -7.96 -44.11 -2.62
N TRP D 111 -6.90 -44.87 -2.46
CA TRP D 111 -6.88 -46.26 -2.89
C TRP D 111 -7.90 -47.09 -2.13
N GLY D 112 -8.72 -47.83 -2.88
CA GLY D 112 -9.58 -48.83 -2.29
C GLY D 112 -8.81 -50.04 -1.79
N GLN D 113 -9.52 -50.93 -1.10
CA GLN D 113 -8.92 -52.15 -0.56
C GLN D 113 -8.71 -53.23 -1.62
N GLY D 114 -9.32 -53.12 -2.79
CA GLY D 114 -9.02 -54.01 -3.89
C GLY D 114 -9.72 -55.36 -3.81
N THR D 115 -9.87 -55.97 -4.98
CA THR D 115 -10.53 -57.25 -5.16
C THR D 115 -9.66 -58.17 -5.99
N LEU D 116 -9.72 -59.47 -5.71
CA LEU D 116 -8.73 -60.43 -6.18
C LEU D 116 -9.28 -61.31 -7.29
N VAL D 117 -9.39 -60.75 -8.50
CA VAL D 117 -9.72 -61.54 -9.67
C VAL D 117 -8.63 -62.59 -9.89
N THR D 118 -9.00 -63.85 -9.80
CA THR D 118 -8.03 -64.96 -9.80
C THR D 118 -8.35 -65.90 -10.96
N VAL D 119 -8.08 -65.45 -12.19
CA VAL D 119 -8.20 -66.33 -13.34
C VAL D 119 -7.21 -67.48 -13.18
N SER D 120 -7.69 -68.70 -13.44
CA SER D 120 -6.89 -69.89 -13.18
C SER D 120 -7.49 -71.06 -13.95
N SER D 121 -6.71 -72.13 -14.05
CA SER D 121 -7.15 -73.33 -14.76
C SER D 121 -8.38 -73.94 -14.09
N GLU E 1 10.10 -45.40 -19.37
CA GLU E 1 10.06 -46.43 -18.29
C GLU E 1 10.83 -45.95 -17.07
N LEU E 2 10.15 -45.92 -15.92
CA LEU E 2 10.82 -45.59 -14.68
C LEU E 2 11.67 -46.77 -14.19
N THR E 3 12.76 -46.43 -13.52
CA THR E 3 13.72 -47.41 -13.04
C THR E 3 14.10 -47.09 -11.59
N GLN E 4 14.27 -48.12 -10.78
CA GLN E 4 14.44 -47.92 -9.35
C GLN E 4 15.21 -49.09 -8.76
N ASP E 5 15.96 -48.81 -7.69
CA ASP E 5 16.77 -49.84 -7.05
C ASP E 5 15.89 -50.89 -6.40
N PRO E 6 16.18 -52.19 -6.56
CA PRO E 6 15.28 -53.21 -6.01
C PRO E 6 15.29 -53.30 -4.50
N ALA E 7 16.42 -53.05 -3.83
CA ALA E 7 16.41 -53.11 -2.38
C ALA E 7 17.46 -52.18 -1.79
N VAL E 8 17.15 -51.65 -0.61
CA VAL E 8 18.04 -50.75 0.12
C VAL E 8 17.84 -51.02 1.61
N SER E 9 18.87 -50.77 2.41
CA SER E 9 18.81 -50.94 3.84
C SER E 9 19.35 -49.70 4.54
N VAL E 10 18.82 -49.43 5.73
CA VAL E 10 19.23 -48.27 6.51
C VAL E 10 19.35 -48.66 7.98
N ALA E 11 20.34 -48.09 8.66
CA ALA E 11 20.46 -48.24 10.10
C ALA E 11 19.40 -47.40 10.82
N LEU E 12 18.79 -48.00 11.83
CA LEU E 12 17.75 -47.32 12.59
C LEU E 12 18.22 -45.94 13.02
N GLY E 13 17.36 -44.94 12.80
CA GLY E 13 17.67 -43.57 13.14
C GLY E 13 18.61 -42.89 12.18
N GLN E 14 19.25 -43.62 11.29
CA GLN E 14 19.96 -43.00 10.18
C GLN E 14 18.98 -42.64 9.08
N THR E 15 19.37 -41.69 8.24
CA THR E 15 18.59 -41.35 7.07
C THR E 15 18.93 -42.27 5.91
N VAL E 16 18.03 -42.29 4.92
CA VAL E 16 18.27 -42.99 3.66
C VAL E 16 17.57 -42.23 2.56
N ARG E 17 18.14 -42.27 1.35
CA ARG E 17 17.51 -41.72 0.17
C ARG E 17 17.20 -42.84 -0.80
N ILE E 18 15.93 -43.04 -1.08
CA ILE E 18 15.50 -43.86 -2.20
C ILE E 18 15.42 -42.96 -3.42
N THR E 19 15.81 -43.48 -4.57
CA THR E 19 15.81 -42.70 -5.80
C THR E 19 15.07 -43.44 -6.89
N CYS E 20 14.47 -42.67 -7.79
CA CYS E 20 13.70 -43.17 -8.91
C CYS E 20 14.09 -42.34 -10.12
N GLN E 21 14.37 -42.99 -11.23
CA GLN E 21 14.88 -42.29 -12.40
C GLN E 21 14.15 -42.72 -13.65
N GLY E 22 13.87 -41.74 -14.51
CA GLY E 22 13.35 -41.98 -15.83
C GLY E 22 13.16 -40.65 -16.53
N ASP E 23 13.35 -40.65 -17.85
CA ASP E 23 13.40 -39.39 -18.59
C ASP E 23 12.15 -38.54 -18.33
N SER E 24 10.97 -39.17 -18.32
CA SER E 24 9.74 -38.40 -18.22
C SER E 24 9.59 -37.64 -16.92
N LEU E 25 10.29 -38.03 -15.86
CA LEU E 25 10.21 -37.25 -14.62
C LEU E 25 10.66 -35.82 -14.80
N ARG E 26 11.40 -35.53 -15.87
CA ARG E 26 11.84 -34.19 -16.18
C ARG E 26 10.70 -33.28 -16.62
N ASN E 27 9.54 -33.84 -16.96
CA ASN E 27 8.49 -33.09 -17.61
C ASN E 27 7.17 -33.21 -16.86
N TYR E 28 6.99 -34.32 -16.14
CA TYR E 28 5.87 -34.52 -15.23
C TYR E 28 6.37 -34.81 -13.82
N PHE E 29 5.57 -34.42 -12.83
CA PHE E 29 5.92 -34.69 -11.44
C PHE E 29 5.85 -36.19 -11.17
N ALA E 30 6.13 -36.57 -9.93
CA ALA E 30 6.03 -37.96 -9.50
C ALA E 30 5.27 -38.04 -8.19
N GLY E 31 4.82 -39.25 -7.87
CA GLY E 31 4.24 -39.53 -6.57
C GLY E 31 4.82 -40.79 -5.98
N TRP E 32 5.03 -40.77 -4.67
CA TRP E 32 5.65 -41.87 -3.95
C TRP E 32 4.60 -42.57 -3.10
N TYR E 33 4.48 -43.88 -3.27
CA TYR E 33 3.55 -44.69 -2.47
C TYR E 33 4.30 -45.64 -1.56
N GLN E 34 3.93 -45.64 -0.28
CA GLN E 34 4.29 -46.71 0.64
C GLN E 34 3.33 -47.88 0.44
N GLN E 35 3.84 -49.09 0.64
CA GLN E 35 2.98 -50.27 0.69
C GLN E 35 3.47 -51.21 1.78
N LYS E 36 2.73 -51.31 2.87
CA LYS E 36 2.89 -52.45 3.75
C LYS E 36 2.47 -53.73 3.02
N PRO E 37 3.09 -54.86 3.36
CA PRO E 37 3.09 -55.98 2.42
C PRO E 37 1.72 -56.59 2.17
N GLY E 38 0.75 -56.37 3.05
CA GLY E 38 -0.58 -56.93 2.89
C GLY E 38 -1.68 -55.97 2.51
N GLN E 39 -1.36 -54.75 2.09
CA GLN E 39 -2.28 -53.64 2.24
C GLN E 39 -2.20 -52.72 1.03
N ALA E 40 -3.27 -51.98 0.80
CA ALA E 40 -3.35 -51.11 -0.36
C ALA E 40 -2.33 -49.97 -0.25
N PRO E 41 -1.74 -49.55 -1.37
CA PRO E 41 -0.75 -48.47 -1.31
C PRO E 41 -1.31 -47.20 -0.69
N LEU E 42 -0.43 -46.47 -0.04
CA LEU E 42 -0.77 -45.25 0.67
C LEU E 42 0.18 -44.16 0.21
N LEU E 43 -0.37 -43.04 -0.24
CA LEU E 43 0.48 -41.98 -0.76
C LEU E 43 1.26 -41.32 0.36
N VAL E 44 2.58 -41.27 0.20
CA VAL E 44 3.46 -40.62 1.17
C VAL E 44 3.81 -39.21 0.73
N LEU E 45 4.22 -39.05 -0.52
CA LEU E 45 4.68 -37.77 -1.02
C LEU E 45 4.25 -37.64 -2.47
N TYR E 46 3.95 -36.41 -2.88
CA TYR E 46 3.71 -36.13 -4.28
C TYR E 46 4.25 -34.75 -4.62
N GLY E 47 4.47 -34.54 -5.91
CA GLY E 47 4.92 -33.26 -6.38
C GLY E 47 6.31 -32.91 -5.90
N GLU E 48 6.64 -31.63 -6.03
CA GLU E 48 7.88 -31.09 -5.49
C GLU E 48 7.75 -30.91 -3.98
N ASN E 49 7.86 -32.01 -3.25
CA ASN E 49 7.89 -32.00 -1.80
C ASN E 49 6.60 -31.42 -1.22
N ILE E 50 5.52 -32.17 -1.42
CA ILE E 50 4.27 -31.96 -0.70
C ILE E 50 3.88 -33.26 -0.03
N ARG E 51 3.36 -33.17 1.18
CA ARG E 51 2.87 -34.33 1.89
C ARG E 51 1.36 -34.26 2.07
N PRO E 52 0.66 -35.39 2.00
CA PRO E 52 -0.70 -35.45 2.55
C PRO E 52 -0.69 -35.17 4.05
N SER E 53 -1.88 -34.92 4.58
CA SER E 53 -2.06 -34.91 6.02
C SER E 53 -1.77 -36.30 6.60
N GLY E 54 -1.40 -36.32 7.87
CA GLY E 54 -1.09 -37.56 8.55
C GLY E 54 0.29 -38.11 8.30
N ILE E 55 0.79 -38.01 7.07
CA ILE E 55 2.11 -38.54 6.75
C ILE E 55 3.16 -37.75 7.54
N PRO E 56 3.89 -38.36 8.46
CA PRO E 56 4.70 -37.57 9.39
C PRO E 56 5.76 -36.76 8.68
N ASP E 57 6.20 -35.69 9.35
CA ASP E 57 7.18 -34.75 8.82
C ASP E 57 8.53 -35.41 8.57
N ARG E 58 8.68 -36.68 8.94
CA ARG E 58 9.93 -37.38 8.67
C ARG E 58 10.15 -37.56 7.17
N PHE E 59 9.11 -37.87 6.42
CA PHE E 59 9.23 -38.04 4.98
C PHE E 59 9.41 -36.70 4.29
N SER E 60 10.28 -36.70 3.28
CA SER E 60 10.52 -35.50 2.48
C SER E 60 11.11 -35.96 1.15
N GLY E 61 11.09 -35.07 0.17
CA GLY E 61 11.64 -35.40 -1.12
C GLY E 61 12.25 -34.20 -1.81
N SER E 62 12.86 -34.47 -2.95
CA SER E 62 13.58 -33.47 -3.72
C SER E 62 13.73 -33.99 -5.14
N SER E 63 14.14 -33.11 -6.04
CA SER E 63 14.31 -33.50 -7.43
C SER E 63 15.45 -32.72 -8.05
N SER E 64 16.08 -33.32 -9.04
CA SER E 64 17.03 -32.62 -9.90
C SER E 64 17.13 -33.38 -11.21
N GLY E 65 17.38 -32.64 -12.29
CA GLY E 65 17.51 -33.24 -13.59
C GLY E 65 16.35 -34.14 -13.95
N ASN E 66 16.62 -35.41 -14.20
CA ASN E 66 15.58 -36.40 -14.46
C ASN E 66 15.46 -37.41 -13.32
N THR E 67 15.81 -37.01 -12.10
CA THR E 67 15.74 -37.90 -10.95
C THR E 67 14.91 -37.26 -9.85
N VAL E 68 14.23 -38.10 -9.07
CA VAL E 68 13.53 -37.68 -7.86
C VAL E 68 13.93 -38.64 -6.75
N SER E 69 13.91 -38.14 -5.52
CA SER E 69 14.34 -38.94 -4.37
C SER E 69 13.42 -38.70 -3.18
N LEU E 70 13.20 -39.75 -2.42
CA LEU E 70 12.48 -39.70 -1.15
C LEU E 70 13.47 -39.90 -0.03
N THR E 71 13.63 -38.88 0.82
CA THR E 71 14.53 -38.95 1.96
C THR E 71 13.73 -39.25 3.22
N ILE E 72 13.91 -40.45 3.76
CA ILE E 72 13.39 -40.75 5.09
C ILE E 72 14.38 -40.23 6.13
N THR E 73 13.94 -39.26 6.92
CA THR E 73 14.77 -38.65 7.96
C THR E 73 14.49 -39.32 9.29
N GLY E 74 15.54 -39.86 9.91
CA GLY E 74 15.40 -40.57 11.16
C GLY E 74 14.53 -41.79 11.04
N ALA E 75 14.96 -42.74 10.20
CA ALA E 75 14.16 -43.90 9.87
C ALA E 75 13.65 -44.60 11.12
N GLN E 76 12.34 -44.77 11.20
CA GLN E 76 11.70 -45.44 12.31
C GLN E 76 11.32 -46.86 11.92
N ALA E 77 10.95 -47.65 12.93
CA ALA E 77 10.59 -49.05 12.69
C ALA E 77 9.41 -49.18 11.73
N GLU E 78 8.45 -48.24 11.79
CA GLU E 78 7.28 -48.29 10.93
C GLU E 78 7.57 -47.95 9.47
N ASP E 79 8.79 -47.57 9.11
CA ASP E 79 9.08 -47.19 7.74
C ASP E 79 9.40 -48.36 6.83
N GLU E 80 9.54 -49.57 7.36
CA GLU E 80 9.87 -50.74 6.54
C GLU E 80 8.70 -51.07 5.62
N ALA E 81 8.89 -50.89 4.33
CA ALA E 81 7.82 -51.06 3.36
C ALA E 81 8.43 -51.09 1.97
N ASP E 82 7.62 -51.46 0.99
CA ASP E 82 7.90 -51.13 -0.40
C ASP E 82 7.60 -49.66 -0.66
N TYR E 83 8.41 -49.04 -1.51
CA TYR E 83 8.16 -47.69 -2.01
C TYR E 83 8.11 -47.70 -3.53
N TYR E 84 7.00 -47.21 -4.09
CA TYR E 84 6.79 -47.17 -5.54
C TYR E 84 6.69 -45.72 -6.00
N CYS E 85 7.54 -45.34 -6.93
CA CYS E 85 7.34 -44.11 -7.69
C CYS E 85 6.47 -44.39 -8.91
N ASN E 86 5.68 -43.40 -9.30
CA ASN E 86 5.00 -43.44 -10.58
C ASN E 86 5.02 -42.06 -11.21
N SER E 87 4.87 -42.03 -12.53
CA SER E 87 4.73 -40.78 -13.27
C SER E 87 3.92 -41.06 -14.53
N ARG E 88 4.01 -40.16 -15.50
CA ARG E 88 3.37 -40.33 -16.79
C ARG E 88 4.44 -40.43 -17.87
N ASP E 89 4.12 -41.10 -18.97
CA ASP E 89 5.04 -41.18 -20.08
C ASP E 89 5.11 -39.82 -20.79
N ASN E 90 5.96 -39.75 -21.82
CA ASN E 90 6.14 -38.50 -22.56
C ASN E 90 4.89 -38.07 -23.32
N SER E 91 3.92 -38.96 -23.50
CA SER E 91 2.67 -38.55 -24.14
C SER E 91 1.71 -37.94 -23.15
N GLY E 92 1.69 -38.43 -21.92
CA GLY E 92 0.84 -37.86 -20.89
C GLY E 92 -0.52 -38.51 -20.75
N ASN E 93 -0.78 -39.61 -21.46
CA ASN E 93 -2.01 -40.37 -21.27
C ASN E 93 -1.78 -41.73 -20.62
N HIS E 94 -0.54 -42.16 -20.42
CA HIS E 94 -0.25 -43.47 -19.85
C HIS E 94 0.60 -43.28 -18.61
N TRP E 95 0.14 -43.83 -17.49
CA TRP E 95 0.89 -43.80 -16.25
C TRP E 95 1.81 -45.02 -16.19
N VAL E 96 2.85 -44.93 -15.36
CA VAL E 96 3.83 -46.00 -15.26
C VAL E 96 4.38 -46.02 -13.84
N PHE E 97 4.67 -47.22 -13.35
CA PHE E 97 5.17 -47.44 -11.99
C PHE E 97 6.56 -48.06 -12.05
N GLY E 98 7.45 -47.57 -11.19
CA GLY E 98 8.71 -48.23 -10.99
C GLY E 98 8.60 -49.45 -10.09
N GLY E 99 9.45 -50.44 -10.36
CA GLY E 99 9.52 -51.61 -9.51
C GLY E 99 10.01 -51.27 -8.12
N GLY E 100 9.11 -51.31 -7.15
CA GLY E 100 9.34 -50.57 -5.92
C GLY E 100 10.55 -51.07 -5.15
N THR E 101 11.22 -50.13 -4.48
CA THR E 101 12.32 -50.47 -3.59
C THR E 101 11.78 -51.13 -2.34
N ARG E 102 12.23 -52.35 -2.06
CA ARG E 102 12.00 -52.97 -0.76
C ARG E 102 13.01 -52.44 0.24
N LEU E 103 12.55 -51.67 1.22
CA LEU E 103 13.41 -51.04 2.22
C LEU E 103 13.26 -51.79 3.52
N THR E 104 14.37 -52.12 4.16
CA THR E 104 14.37 -52.82 5.45
C THR E 104 15.19 -52.04 6.47
N VAL E 105 14.74 -52.08 7.72
CA VAL E 105 15.28 -51.25 8.79
C VAL E 105 15.95 -52.15 9.81
N LEU E 106 17.22 -51.89 10.08
CA LEU E 106 18.02 -52.77 10.93
C LEU E 106 18.11 -52.23 12.35
N LEU F 1 43.56 -3.22 24.95
CA LEU F 1 44.61 -2.49 24.19
C LEU F 1 45.93 -2.59 24.93
N VAL F 2 46.92 -3.26 24.32
CA VAL F 2 48.25 -3.37 24.90
C VAL F 2 49.06 -2.17 24.41
N GLN F 3 49.06 -1.10 25.20
CA GLN F 3 49.76 0.12 24.86
C GLN F 3 51.10 0.13 25.59
N SER F 4 52.15 0.53 24.90
CA SER F 4 53.47 0.48 25.51
C SER F 4 54.33 1.61 24.96
N GLY F 5 55.60 1.60 25.33
CA GLY F 5 56.54 2.59 24.85
C GLY F 5 56.58 3.87 25.65
N GLY F 6 55.95 3.88 26.82
CA GLY F 6 55.86 5.10 27.60
C GLY F 6 56.67 5.06 28.86
N GLY F 7 57.62 5.99 28.99
CA GLY F 7 58.47 6.01 30.16
C GLY F 7 58.94 7.41 30.51
N VAL F 8 60.24 7.63 30.45
CA VAL F 8 60.81 8.93 30.78
C VAL F 8 62.12 9.09 30.03
N VAL F 9 62.36 10.30 29.53
CA VAL F 9 63.62 10.63 28.86
C VAL F 9 63.92 12.10 29.10
N ARG F 10 65.20 12.42 29.08
CA ARG F 10 65.61 13.81 29.07
C ARG F 10 65.12 14.48 27.78
N PRO F 11 64.78 15.77 27.83
CA PRO F 11 64.28 16.43 26.63
C PRO F 11 65.28 16.38 25.49
N GLY F 12 64.76 16.56 24.27
CA GLY F 12 65.60 16.52 23.09
C GLY F 12 65.86 15.14 22.53
N THR F 13 65.00 14.17 22.85
CA THR F 13 65.21 12.79 22.43
C THR F 13 63.96 12.30 21.69
N SER F 14 63.90 10.99 21.41
CA SER F 14 62.81 10.42 20.64
C SER F 14 62.25 9.18 21.34
N LEU F 15 60.98 8.91 21.07
CA LEU F 15 60.28 7.78 21.69
C LEU F 15 59.11 7.41 20.79
N ARG F 16 58.55 6.23 21.01
CA ARG F 16 57.37 5.79 20.27
C ARG F 16 56.35 5.14 21.19
N VAL F 17 55.09 5.53 21.04
CA VAL F 17 53.98 4.99 21.84
C VAL F 17 53.03 4.25 20.90
N SER F 18 53.04 2.93 20.98
CA SER F 18 52.22 2.09 20.11
C SER F 18 50.98 1.60 20.84
N CYS F 19 49.90 1.42 20.09
CA CYS F 19 48.62 0.96 20.63
C CYS F 19 48.14 -0.20 19.76
N ALA F 20 48.06 -1.40 20.35
CA ALA F 20 47.75 -2.61 19.58
C ALA F 20 46.81 -3.50 20.38
N ALA F 21 46.63 -4.73 19.89
CA ALA F 21 45.72 -5.72 20.48
C ALA F 21 44.28 -5.24 20.50
N PHE F 22 43.87 -4.54 19.44
CA PHE F 22 42.50 -4.06 19.34
C PHE F 22 41.50 -5.20 19.36
N ASP F 23 40.41 -5.02 20.11
CA ASP F 23 39.34 -6.00 20.15
C ASP F 23 38.43 -5.91 18.93
N PHE F 24 38.08 -4.70 18.50
CA PHE F 24 37.41 -4.51 17.23
C PHE F 24 38.39 -4.65 16.08
N ASN F 25 37.86 -4.81 14.87
CA ASN F 25 38.72 -4.80 13.70
C ASN F 25 39.36 -3.44 13.56
N PHE F 26 40.69 -3.39 13.72
CA PHE F 26 41.41 -2.13 13.65
C PHE F 26 41.31 -1.50 12.27
N ARG F 27 41.40 -2.31 11.24
CA ARG F 27 41.11 -1.88 9.89
C ARG F 27 39.67 -1.37 9.78
N ASP F 28 39.46 -0.53 8.76
CA ASP F 28 38.20 0.17 8.50
C ASP F 28 37.82 1.26 9.50
N TYR F 29 38.55 1.43 10.60
CA TYR F 29 38.30 2.53 11.53
C TYR F 29 39.43 3.56 11.46
N GLY F 30 39.04 4.84 11.41
CA GLY F 30 39.99 5.90 11.67
C GLY F 30 40.41 5.93 13.13
N MET F 31 41.58 6.50 13.39
CA MET F 31 42.12 6.52 14.74
C MET F 31 42.71 7.88 15.05
N HIS F 32 42.81 8.18 16.34
CA HIS F 32 43.25 9.49 16.82
C HIS F 32 44.04 9.30 18.10
N TRP F 33 44.96 10.22 18.36
CA TRP F 33 45.65 10.29 19.64
C TRP F 33 45.20 11.51 20.41
N VAL F 34 44.93 11.32 21.70
CA VAL F 34 44.56 12.39 22.61
C VAL F 34 45.45 12.29 23.84
N ARG F 35 45.88 13.43 24.36
CA ARG F 35 46.77 13.45 25.50
C ARG F 35 46.20 14.30 26.62
N GLN F 36 46.70 14.06 27.84
CA GLN F 36 46.23 14.74 29.04
C GLN F 36 47.44 15.03 29.92
N ALA F 37 47.83 16.29 29.99
CA ALA F 37 48.86 16.67 30.95
C ALA F 37 48.35 16.46 32.38
N PRO F 38 49.24 16.19 33.33
CA PRO F 38 48.78 15.83 34.67
C PRO F 38 47.83 16.86 35.28
N GLY F 39 46.60 16.43 35.54
CA GLY F 39 45.59 17.30 36.12
C GLY F 39 44.96 18.29 35.17
N LYS F 40 45.54 18.51 33.99
CA LYS F 40 45.02 19.47 33.03
C LYS F 40 43.95 18.83 32.16
N GLY F 41 43.33 19.66 31.33
CA GLY F 41 42.36 19.20 30.36
C GLY F 41 42.97 18.43 29.21
N LEU F 42 42.09 17.92 28.36
CA LEU F 42 42.49 17.10 27.21
C LEU F 42 42.95 17.96 26.05
N GLU F 43 43.87 17.41 25.27
CA GLU F 43 44.31 18.01 24.01
C GLU F 43 44.36 16.94 22.92
N TRP F 44 43.75 17.23 21.78
CA TRP F 44 43.91 16.37 20.61
C TRP F 44 45.33 16.50 20.06
N VAL F 45 45.89 15.40 19.57
CA VAL F 45 47.30 15.34 19.16
C VAL F 45 47.44 15.11 17.66
N ALA F 46 46.84 14.04 17.14
CA ALA F 46 47.02 13.70 15.73
C ALA F 46 45.86 12.84 15.27
N GLY F 47 45.78 12.64 13.96
CA GLY F 47 44.73 11.80 13.40
C GLY F 47 45.18 11.10 12.13
N ILE F 48 44.50 10.01 11.82
CA ILE F 48 44.76 9.25 10.60
C ILE F 48 43.48 8.55 10.15
N TRP F 49 43.31 8.43 8.84
CA TRP F 49 42.15 7.77 8.27
C TRP F 49 42.48 6.30 8.01
N TYR F 50 41.46 5.54 7.62
CA TYR F 50 41.58 4.07 7.68
C TYR F 50 42.56 3.54 6.64
N ASP F 51 42.76 4.23 5.53
CA ASP F 51 43.71 3.80 4.52
C ASP F 51 45.08 4.43 4.69
N GLY F 52 45.31 5.15 5.78
CA GLY F 52 46.58 5.78 6.05
C GLY F 52 46.75 7.16 5.46
N SER F 53 45.78 7.65 4.69
CA SER F 53 45.80 9.03 4.23
C SER F 53 45.39 9.98 5.34
N ASN F 54 45.41 11.28 5.02
CA ASN F 54 44.90 12.33 5.89
C ASN F 54 45.59 12.37 7.25
N LYS F 55 46.89 12.19 7.27
CA LYS F 55 47.64 12.50 8.48
C LYS F 55 47.52 13.99 8.77
N ASP F 56 47.09 14.34 9.97
CA ASP F 56 47.02 15.74 10.35
C ASP F 56 47.31 15.89 11.82
N TYR F 57 47.67 17.11 12.22
CA TYR F 57 48.30 17.34 13.52
C TYR F 57 47.82 18.65 14.12
N ALA F 58 47.83 18.70 15.45
CA ALA F 58 47.65 19.96 16.15
C ALA F 58 48.91 20.81 16.03
N ASP F 59 48.72 22.14 16.02
CA ASP F 59 49.84 23.03 15.81
C ASP F 59 50.89 22.96 16.91
N SER F 60 50.53 22.47 18.10
CA SER F 60 51.56 22.28 19.13
C SER F 60 52.59 21.23 18.75
N VAL F 61 52.27 20.37 17.77
CA VAL F 61 53.15 19.28 17.38
C VAL F 61 53.37 19.23 15.88
N LYS F 62 52.76 20.14 15.11
CA LYS F 62 52.66 20.02 13.66
C LYS F 62 53.99 19.65 13.02
N GLY F 63 55.10 20.13 13.55
CA GLY F 63 56.39 19.87 12.95
C GLY F 63 57.13 18.64 13.41
N ARG F 64 56.68 17.98 14.47
CA ARG F 64 57.56 17.08 15.21
C ARG F 64 57.09 15.64 15.22
N PHE F 65 55.81 15.40 15.49
CA PHE F 65 55.30 14.04 15.61
C PHE F 65 54.94 13.46 14.26
N THR F 66 54.87 12.13 14.22
CA THR F 66 54.37 11.41 13.06
C THR F 66 53.40 10.34 13.53
N ILE F 67 52.31 10.18 12.78
CA ILE F 67 51.26 9.21 13.10
C ILE F 67 51.22 8.19 11.98
N SER F 68 51.31 6.91 12.35
CA SER F 68 51.50 5.84 11.38
C SER F 68 50.71 4.63 11.82
N ARG F 69 50.33 3.79 10.87
CA ARG F 69 49.52 2.63 11.17
C ARG F 69 49.91 1.47 10.27
N ASP F 70 49.67 0.25 10.76
CA ASP F 70 49.91 -0.98 10.03
C ASP F 70 48.64 -1.81 10.08
N ASN F 71 47.93 -1.88 8.95
CA ASN F 71 46.68 -2.62 8.91
C ASN F 71 46.85 -4.13 8.83
N SER F 72 48.09 -4.62 8.65
CA SER F 72 48.32 -6.05 8.60
C SER F 72 48.59 -6.65 9.97
N GLN F 73 49.28 -5.90 10.84
CA GLN F 73 49.54 -6.33 12.21
C GLN F 73 48.53 -5.79 13.20
N ASN F 74 47.67 -4.85 12.80
CA ASN F 74 46.78 -4.13 13.71
C ASN F 74 47.57 -3.43 14.81
N THR F 75 48.20 -2.33 14.43
CA THR F 75 48.97 -1.52 15.36
C THR F 75 48.96 -0.07 14.89
N LEU F 76 48.96 0.84 15.87
CA LEU F 76 48.98 2.27 15.64
C LEU F 76 50.22 2.85 16.30
N TYR F 77 50.94 3.71 15.59
CA TYR F 77 52.18 4.29 16.10
C TYR F 77 52.08 5.81 16.11
N LEU F 78 52.61 6.42 17.16
CA LEU F 78 52.91 7.85 17.18
C LEU F 78 54.37 8.00 17.58
N GLN F 79 55.18 8.56 16.70
CA GLN F 79 56.63 8.58 16.87
C GLN F 79 57.08 10.01 17.09
N MET F 80 57.75 10.25 18.21
CA MET F 80 57.99 11.59 18.73
C MET F 80 59.46 11.95 18.56
N ASN F 81 59.72 13.15 18.06
CA ASN F 81 61.07 13.65 17.85
C ASN F 81 61.19 15.03 18.49
N SER F 82 62.39 15.36 18.92
CA SER F 82 62.66 16.64 19.56
C SER F 82 61.68 16.87 20.71
N LEU F 83 61.54 15.85 21.54
CA LEU F 83 60.53 15.88 22.59
C LEU F 83 60.83 16.99 23.58
N ARG F 84 59.85 17.85 23.83
CA ARG F 84 59.99 19.03 24.67
C ARG F 84 59.27 18.83 25.99
N VAL F 85 59.67 19.60 26.99
CA VAL F 85 59.26 19.34 28.36
C VAL F 85 57.74 19.41 28.50
N GLU F 86 57.09 20.31 27.77
CA GLU F 86 55.64 20.42 27.85
C GLU F 86 54.91 19.22 27.28
N ASP F 87 55.58 18.31 26.59
CA ASP F 87 54.94 17.13 26.03
C ASP F 87 54.64 16.04 27.05
N THR F 88 54.98 16.23 28.31
CA THR F 88 54.70 15.21 29.32
C THR F 88 53.19 15.10 29.55
N ALA F 89 52.66 13.90 29.32
CA ALA F 89 51.22 13.69 29.42
C ALA F 89 50.94 12.19 29.42
N VAL F 90 49.73 11.83 29.85
CA VAL F 90 49.14 10.57 29.46
C VAL F 90 48.68 10.62 28.01
N TYR F 91 49.06 9.62 27.22
CA TYR F 91 48.58 9.49 25.85
C TYR F 91 47.53 8.39 25.77
N TYR F 92 46.38 8.71 25.18
CA TYR F 92 45.31 7.75 24.98
C TYR F 92 45.13 7.48 23.49
N CYS F 93 44.77 6.25 23.19
CA CYS F 93 44.52 5.78 21.84
C CYS F 93 43.01 5.71 21.65
N ALA F 94 42.49 6.35 20.60
CA ALA F 94 41.05 6.53 20.47
C ALA F 94 40.60 6.30 19.05
N ARG F 95 39.33 5.94 18.91
CA ARG F 95 38.78 5.42 17.67
C ARG F 95 37.81 6.42 17.05
N ASP F 96 37.75 6.40 15.73
CA ASP F 96 36.92 7.34 14.99
C ASP F 96 35.70 6.62 14.44
N PRO F 97 34.48 7.04 14.77
CA PRO F 97 33.29 6.28 14.35
C PRO F 97 32.90 6.46 12.89
N ARG F 98 33.34 7.51 12.23
CA ARG F 98 32.71 7.94 11.00
C ARG F 98 32.84 6.91 9.89
N THR F 99 31.77 6.74 9.11
CA THR F 99 31.86 5.98 7.87
C THR F 99 32.49 6.82 6.77
N HIS F 100 31.99 8.02 6.55
CA HIS F 100 32.46 8.90 5.48
C HIS F 100 33.14 10.12 6.08
N ARG F 101 34.21 10.55 5.45
CA ARG F 101 35.03 11.61 6.02
C ARG F 101 34.32 12.95 5.97
N GLU F 102 33.34 13.11 5.08
CA GLU F 102 32.55 14.32 5.01
C GLU F 102 31.52 14.44 6.14
N GLY F 103 31.37 13.41 6.96
CA GLY F 103 30.30 13.41 7.95
C GLY F 103 30.50 14.45 9.03
N ALA F 104 29.41 14.69 9.76
CA ALA F 104 29.40 15.73 10.78
C ALA F 104 29.83 15.25 12.16
N LEU F 105 29.84 13.94 12.41
CA LEU F 105 30.23 13.44 13.71
C LEU F 105 31.65 13.87 14.05
N SER F 106 31.90 14.10 15.35
CA SER F 106 33.20 14.56 15.79
C SER F 106 33.61 14.00 17.16
N HIS F 107 32.91 13.01 17.67
CA HIS F 107 33.28 12.35 18.92
C HIS F 107 34.27 11.20 18.68
N PHE F 108 34.86 10.74 19.79
CA PHE F 108 35.69 9.53 19.82
C PHE F 108 35.07 8.52 20.77
N ASP F 109 35.32 7.25 20.49
CA ASP F 109 34.94 6.17 21.40
C ASP F 109 36.08 5.17 21.52
N SER F 110 35.86 4.12 22.30
CA SER F 110 36.85 3.07 22.50
C SER F 110 38.17 3.61 23.04
N TRP F 111 38.09 4.58 23.95
CA TRP F 111 39.29 5.11 24.58
C TRP F 111 40.09 4.01 25.26
N GLY F 112 41.34 3.88 24.89
CA GLY F 112 42.23 2.95 25.56
C GLY F 112 42.59 3.42 26.96
N GLN F 113 43.17 2.51 27.72
CA GLN F 113 43.83 2.92 28.96
C GLN F 113 45.03 3.81 28.65
N GLY F 114 45.52 4.47 29.69
CA GLY F 114 46.54 5.48 29.51
C GLY F 114 47.94 4.91 29.37
N THR F 115 48.79 5.64 28.66
CA THR F 115 50.21 5.35 28.51
C THR F 115 51.01 6.57 28.96
N LEU F 116 51.53 6.54 30.19
CA LEU F 116 52.16 7.73 30.75
C LEU F 116 53.54 7.94 30.14
N VAL F 117 53.71 9.05 29.45
CA VAL F 117 55.00 9.49 28.95
C VAL F 117 55.44 10.67 29.81
N THR F 118 56.63 10.58 30.38
CA THR F 118 57.17 11.63 31.22
C THR F 118 58.40 12.24 30.56
N VAL F 119 58.58 13.54 30.76
CA VAL F 119 59.80 14.22 30.37
C VAL F 119 60.30 15.03 31.56
N SER F 120 61.59 14.92 31.85
CA SER F 120 62.14 15.45 33.08
C SER F 120 63.57 15.88 32.84
N SER F 121 64.06 16.77 33.70
CA SER F 121 65.47 17.13 33.72
C SER F 121 66.33 15.93 34.08
N LEU G 1 -28.76 20.52 35.91
CA LEU G 1 -29.79 21.27 35.14
C LEU G 1 -30.81 21.88 36.11
N VAL G 2 -31.24 23.09 35.84
CA VAL G 2 -32.39 23.68 36.52
C VAL G 2 -33.39 24.16 35.49
N GLN G 3 -34.66 24.05 35.83
CA GLN G 3 -35.73 24.59 35.02
C GLN G 3 -36.69 25.33 35.95
N SER G 4 -37.20 26.47 35.49
CA SER G 4 -37.87 27.39 36.39
C SER G 4 -39.00 28.09 35.67
N GLY G 5 -39.86 28.71 36.46
CA GLY G 5 -41.05 29.37 35.96
C GLY G 5 -42.27 28.50 35.92
N GLY G 6 -42.14 27.23 36.32
CA GLY G 6 -43.31 26.38 36.44
C GLY G 6 -44.27 26.91 37.50
N GLY G 7 -45.56 26.80 37.21
CA GLY G 7 -46.54 27.36 38.10
C GLY G 7 -47.93 27.26 37.51
N VAL G 8 -48.84 28.07 38.02
CA VAL G 8 -50.21 28.11 37.56
C VAL G 8 -50.60 29.57 37.39
N VAL G 9 -51.37 29.84 36.33
CA VAL G 9 -51.97 31.16 36.15
C VAL G 9 -53.31 30.98 35.46
N ARG G 10 -54.18 31.97 35.63
CA ARG G 10 -55.46 31.93 34.96
C ARG G 10 -55.27 32.20 33.47
N PRO G 11 -56.06 31.56 32.60
CA PRO G 11 -55.87 31.76 31.16
C PRO G 11 -55.88 33.23 30.76
N GLY G 12 -55.31 33.53 29.61
CA GLY G 12 -55.25 34.92 29.15
C GLY G 12 -54.10 35.73 29.71
N THR G 13 -53.11 35.09 30.30
CA THR G 13 -51.99 35.76 30.93
C THR G 13 -50.69 35.31 30.28
N SER G 14 -49.56 35.65 30.89
CA SER G 14 -48.25 35.36 30.32
C SER G 14 -47.34 34.75 31.39
N LEU G 15 -46.33 34.03 30.91
CA LEU G 15 -45.40 33.32 31.77
C LEU G 15 -44.13 33.09 30.97
N ARG G 16 -43.02 32.88 31.67
CA ARG G 16 -41.78 32.47 31.02
C ARG G 16 -41.18 31.28 31.73
N VAL G 17 -40.77 30.27 30.94
CA VAL G 17 -40.13 29.07 31.43
C VAL G 17 -38.71 29.04 30.87
N SER G 18 -37.76 28.58 31.67
CA SER G 18 -36.35 28.70 31.32
C SER G 18 -35.61 27.41 31.67
N CYS G 19 -34.50 27.19 30.97
CA CYS G 19 -33.69 25.99 31.07
C CYS G 19 -32.24 26.43 31.20
N ALA G 20 -31.51 25.85 32.16
CA ALA G 20 -30.27 26.47 32.62
C ALA G 20 -29.41 25.43 33.31
N ALA G 21 -28.17 25.85 33.63
CA ALA G 21 -27.17 24.99 34.26
C ALA G 21 -26.82 23.79 33.38
N PHE G 22 -26.70 24.05 32.08
CA PHE G 22 -26.35 22.99 31.15
C PHE G 22 -24.96 22.44 31.44
N ASP G 23 -24.78 21.14 31.22
CA ASP G 23 -23.53 20.46 31.47
C ASP G 23 -22.77 20.08 30.20
N PHE G 24 -23.19 20.56 29.02
CA PHE G 24 -22.74 19.97 27.76
C PHE G 24 -22.20 21.00 26.77
N ASN G 25 -21.81 22.18 27.22
CA ASN G 25 -21.39 23.26 26.31
C ASN G 25 -22.56 23.73 25.43
N PHE G 26 -23.49 24.39 26.10
CA PHE G 26 -24.72 24.87 25.48
C PHE G 26 -24.47 25.70 24.22
N ARG G 27 -23.31 26.37 24.14
CA ARG G 27 -23.08 27.34 23.08
C ARG G 27 -23.17 26.78 21.67
N ASP G 28 -22.89 25.49 21.46
CA ASP G 28 -22.81 24.95 20.12
C ASP G 28 -23.96 24.05 19.72
N TYR G 29 -24.94 23.83 20.60
CA TYR G 29 -26.02 22.89 20.34
C TYR G 29 -27.30 23.63 20.04
N GLY G 30 -28.01 23.19 19.00
CA GLY G 30 -29.40 23.58 18.85
C GLY G 30 -30.24 23.03 19.97
N MET G 31 -31.36 23.70 20.24
CA MET G 31 -32.20 23.34 21.37
C MET G 31 -33.68 23.40 20.98
N HIS G 32 -34.49 22.62 21.70
CA HIS G 32 -35.89 22.44 21.36
C HIS G 32 -36.71 22.37 22.64
N TRP G 33 -37.95 22.83 22.56
CA TRP G 33 -38.93 22.66 23.62
C TRP G 33 -39.98 21.64 23.20
N VAL G 34 -40.28 20.71 24.09
CA VAL G 34 -41.21 19.62 23.81
C VAL G 34 -42.02 19.36 25.06
N ARG G 35 -43.32 19.16 24.90
CA ARG G 35 -44.25 19.24 26.01
C ARG G 35 -45.15 18.01 26.04
N GLN G 36 -45.76 17.78 27.19
CA GLN G 36 -46.56 16.58 27.44
C GLN G 36 -47.78 16.98 28.26
N ALA G 37 -48.95 16.98 27.65
CA ALA G 37 -50.18 17.13 28.42
C ALA G 37 -50.36 15.93 29.34
N PRO G 38 -51.00 16.11 30.50
CA PRO G 38 -51.09 15.00 31.47
C PRO G 38 -51.66 13.73 30.89
N GLY G 39 -50.86 12.66 30.86
CA GLY G 39 -51.29 11.38 30.36
C GLY G 39 -51.36 11.27 28.85
N LYS G 40 -51.24 12.37 28.12
CA LYS G 40 -51.29 12.35 26.67
C LYS G 40 -49.89 12.19 26.08
N GLY G 41 -49.85 11.98 24.76
CA GLY G 41 -48.60 11.89 24.06
C GLY G 41 -47.85 13.20 23.97
N LEU G 42 -46.64 13.11 23.45
CA LEU G 42 -45.74 14.26 23.34
C LEU G 42 -46.11 15.15 22.16
N GLU G 43 -45.83 16.44 22.29
CA GLU G 43 -45.97 17.40 21.20
C GLU G 43 -44.73 18.30 21.16
N TRP G 44 -44.17 18.47 19.97
CA TRP G 44 -43.10 19.45 19.77
C TRP G 44 -43.66 20.86 19.79
N VAL G 45 -42.93 21.78 20.44
CA VAL G 45 -43.40 23.15 20.67
C VAL G 45 -42.64 24.16 19.82
N ALA G 46 -41.31 24.20 19.93
CA ALA G 46 -40.54 25.21 19.24
C ALA G 46 -39.08 24.78 19.15
N GLY G 47 -38.33 25.45 18.27
CA GLY G 47 -36.92 25.13 18.09
C GLY G 47 -36.09 26.34 17.73
N ILE G 48 -34.80 26.23 18.02
CA ILE G 48 -33.84 27.29 17.73
C ILE G 48 -32.50 26.66 17.37
N TRP G 49 -31.78 27.28 16.43
CA TRP G 49 -30.46 26.81 16.05
C TRP G 49 -29.41 27.48 16.94
N TYR G 50 -28.15 27.05 16.79
CA TYR G 50 -27.15 27.37 17.81
C TYR G 50 -26.82 28.87 17.85
N ASP G 51 -26.79 29.53 16.69
CA ASP G 51 -26.50 30.96 16.66
C ASP G 51 -27.75 31.82 16.87
N GLY G 52 -28.87 31.21 17.20
CA GLY G 52 -30.11 31.93 17.44
C GLY G 52 -30.96 32.19 16.23
N SER G 53 -30.51 31.82 15.04
CA SER G 53 -31.36 31.85 13.86
C SER G 53 -32.34 30.67 13.84
N ASN G 54 -33.21 30.66 12.85
CA ASN G 54 -34.20 29.61 12.63
C ASN G 54 -35.05 29.33 13.86
N LYS G 55 -35.77 30.36 14.31
CA LYS G 55 -36.83 30.15 15.28
C LYS G 55 -38.04 29.54 14.57
N ASP G 56 -38.41 28.32 14.97
CA ASP G 56 -39.51 27.59 14.35
C ASP G 56 -40.56 27.24 15.40
N TYR G 57 -41.81 27.14 14.96
CA TYR G 57 -42.91 26.90 15.89
C TYR G 57 -43.90 25.90 15.31
N ALA G 58 -44.55 25.15 16.19
CA ALA G 58 -45.70 24.35 15.81
C ALA G 58 -46.92 25.24 15.63
N ASP G 59 -47.81 24.81 14.73
CA ASP G 59 -48.96 25.64 14.39
C ASP G 59 -49.90 25.84 15.58
N SER G 60 -49.86 24.96 16.58
CA SER G 60 -50.65 25.19 17.79
C SER G 60 -50.27 26.49 18.50
N VAL G 61 -49.05 26.99 18.29
CA VAL G 61 -48.54 28.13 19.05
C VAL G 61 -47.94 29.21 18.16
N LYS G 62 -48.00 29.06 16.84
CA LYS G 62 -47.07 29.79 15.97
C LYS G 62 -47.18 31.30 16.11
N GLY G 63 -48.27 31.81 16.66
CA GLY G 63 -48.42 33.24 16.85
C GLY G 63 -48.23 33.70 18.27
N ARG G 64 -47.97 32.80 19.21
CA ARG G 64 -48.11 33.08 20.63
C ARG G 64 -46.75 33.00 21.33
N PHE G 65 -46.14 31.83 21.39
CA PHE G 65 -44.90 31.67 22.13
C PHE G 65 -43.73 32.31 21.38
N THR G 66 -42.68 32.62 22.13
CA THR G 66 -41.41 33.03 21.54
C THR G 66 -40.28 32.30 22.25
N ILE G 67 -39.41 31.65 21.48
CA ILE G 67 -38.24 30.99 22.01
C ILE G 67 -37.03 31.87 21.76
N SER G 68 -36.15 31.95 22.76
CA SER G 68 -34.94 32.77 22.66
C SER G 68 -33.88 32.19 23.57
N ARG G 69 -32.63 32.58 23.31
CA ARG G 69 -31.50 31.99 24.00
C ARG G 69 -30.43 33.04 24.27
N ASP G 70 -29.66 32.81 25.32
CA ASP G 70 -28.55 33.68 25.72
C ASP G 70 -27.29 32.82 25.81
N ASN G 71 -26.44 32.88 24.78
CA ASN G 71 -25.23 32.08 24.75
C ASN G 71 -24.14 32.58 25.71
N SER G 72 -24.35 33.69 26.41
CA SER G 72 -23.36 34.18 27.36
C SER G 72 -23.65 33.73 28.79
N GLN G 73 -24.91 33.70 29.18
CA GLN G 73 -25.30 33.19 30.49
C GLN G 73 -25.51 31.68 30.49
N ASN G 74 -25.64 31.08 29.31
CA ASN G 74 -26.07 29.68 29.16
C ASN G 74 -27.44 29.45 29.80
N THR G 75 -28.45 30.09 29.21
CA THR G 75 -29.83 29.84 29.55
C THR G 75 -30.66 29.86 28.27
N LEU G 76 -31.80 29.16 28.32
CA LEU G 76 -32.72 29.05 27.21
C LEU G 76 -34.11 29.43 27.71
N TYR G 77 -34.82 30.25 26.96
CA TYR G 77 -36.13 30.73 27.37
C TYR G 77 -37.20 30.36 26.36
N LEU G 78 -38.40 30.14 26.87
CA LEU G 78 -39.62 30.13 26.08
C LEU G 78 -40.64 31.00 26.80
N GLN G 79 -41.08 32.07 26.14
CA GLN G 79 -42.06 32.98 26.72
C GLN G 79 -43.44 32.67 26.17
N MET G 80 -44.41 32.54 27.08
CA MET G 80 -45.76 32.18 26.74
C MET G 80 -46.65 33.40 26.90
N ASN G 81 -47.43 33.71 25.85
CA ASN G 81 -48.35 34.83 25.88
C ASN G 81 -49.74 34.36 25.51
N SER G 82 -50.75 34.94 26.13
CA SER G 82 -52.13 34.54 25.92
C SER G 82 -52.30 33.03 26.12
N LEU G 83 -51.88 32.55 27.28
CA LEU G 83 -52.04 31.14 27.60
C LEU G 83 -53.51 30.74 27.48
N ARG G 84 -53.73 29.56 26.91
CA ARG G 84 -55.05 29.00 26.73
C ARG G 84 -55.13 27.67 27.45
N VAL G 85 -56.33 27.29 27.86
CA VAL G 85 -56.49 26.22 28.84
C VAL G 85 -55.91 24.91 28.36
N GLU G 86 -55.85 24.70 27.04
CA GLU G 86 -55.24 23.48 26.51
C GLU G 86 -53.74 23.40 26.74
N ASP G 87 -53.08 24.47 27.14
CA ASP G 87 -51.63 24.47 27.28
C ASP G 87 -51.12 23.81 28.55
N THR G 88 -51.99 23.22 29.37
CA THR G 88 -51.53 22.44 30.51
C THR G 88 -50.60 21.32 30.06
N ALA G 89 -49.32 21.40 30.43
CA ALA G 89 -48.39 20.34 30.06
C ALA G 89 -47.14 20.45 30.93
N VAL G 90 -46.42 19.34 31.00
CA VAL G 90 -45.01 19.36 31.38
C VAL G 90 -44.18 19.80 30.19
N TYR G 91 -43.33 20.80 30.38
CA TYR G 91 -42.43 21.27 29.34
C TYR G 91 -41.01 20.76 29.59
N TYR G 92 -40.53 19.93 28.68
CA TYR G 92 -39.16 19.44 28.74
C TYR G 92 -38.26 20.29 27.86
N CYS G 93 -37.00 20.36 28.25
CA CYS G 93 -35.95 21.07 27.52
C CYS G 93 -35.05 20.01 26.87
N ALA G 94 -34.86 20.11 25.56
CA ALA G 94 -34.22 19.02 24.82
C ALA G 94 -33.23 19.57 23.82
N ARG G 95 -32.24 18.74 23.49
CA ARG G 95 -31.04 19.14 22.77
C ARG G 95 -30.98 18.45 21.42
N ASP G 96 -30.41 19.15 20.44
CA ASP G 96 -30.40 18.70 19.06
C ASP G 96 -29.01 18.22 18.67
N PRO G 97 -28.85 17.00 18.19
CA PRO G 97 -27.51 16.50 17.84
C PRO G 97 -26.90 17.14 16.60
N ARG G 98 -27.70 17.69 15.69
CA ARG G 98 -27.26 17.90 14.32
C ARG G 98 -26.07 18.84 14.25
N THR G 99 -25.03 18.42 13.52
CA THR G 99 -23.94 19.32 13.18
C THR G 99 -24.36 20.34 12.14
N HIS G 100 -24.95 19.88 11.03
CA HIS G 100 -25.38 20.75 9.95
C HIS G 100 -26.89 20.72 9.85
N ARG G 101 -27.47 21.87 9.51
CA ARG G 101 -28.92 21.99 9.57
C ARG G 101 -29.60 21.06 8.58
N GLU G 102 -29.00 20.84 7.42
CA GLU G 102 -29.59 20.00 6.38
C GLU G 102 -29.35 18.51 6.60
N GLY G 103 -28.90 18.09 7.77
CA GLY G 103 -28.72 16.68 8.03
C GLY G 103 -30.05 15.94 8.12
N ALA G 104 -29.96 14.62 8.09
CA ALA G 104 -31.14 13.76 8.12
C ALA G 104 -31.58 13.39 9.52
N LEU G 105 -30.74 13.57 10.54
CA LEU G 105 -31.12 13.20 11.89
C LEU G 105 -32.28 14.06 12.38
N SER G 106 -33.07 13.51 13.29
CA SER G 106 -34.28 14.18 13.75
C SER G 106 -34.55 14.03 15.24
N HIS G 107 -33.75 13.25 15.97
CA HIS G 107 -34.02 12.97 17.37
C HIS G 107 -33.50 14.07 18.29
N PHE G 108 -33.89 13.98 19.56
CA PHE G 108 -33.37 14.81 20.63
C PHE G 108 -32.88 13.91 21.75
N ASP G 109 -31.77 14.27 22.36
CA ASP G 109 -31.32 13.66 23.61
C ASP G 109 -31.20 14.73 24.70
N SER G 110 -30.68 14.31 25.85
CA SER G 110 -30.47 15.21 26.99
C SER G 110 -31.78 15.83 27.50
N TRP G 111 -32.85 15.05 27.48
CA TRP G 111 -34.14 15.53 27.98
C TRP G 111 -34.04 15.96 29.44
N GLY G 112 -34.38 17.20 29.72
CA GLY G 112 -34.44 17.68 31.09
C GLY G 112 -35.55 17.03 31.88
N GLN G 113 -35.53 17.24 33.20
CA GLN G 113 -36.50 16.64 34.09
C GLN G 113 -37.89 17.27 34.00
N GLY G 114 -38.04 18.40 33.33
CA GLY G 114 -39.37 18.90 33.02
C GLY G 114 -39.98 19.85 34.03
N THR G 115 -40.64 20.89 33.53
CA THR G 115 -41.28 21.92 34.35
C THR G 115 -42.78 21.85 34.15
N LEU G 116 -43.52 21.69 35.24
CA LEU G 116 -44.98 21.64 35.15
C LEU G 116 -45.53 23.06 35.05
N VAL G 117 -46.23 23.35 33.97
CA VAL G 117 -47.03 24.55 33.81
C VAL G 117 -48.49 24.14 33.80
N THR G 118 -49.26 24.68 34.72
CA THR G 118 -50.70 24.48 34.76
C THR G 118 -51.39 25.79 34.38
N VAL G 119 -52.53 25.68 33.72
CA VAL G 119 -53.47 26.77 33.61
C VAL G 119 -54.87 26.25 33.94
N SER G 120 -55.64 27.04 34.65
CA SER G 120 -56.93 26.60 35.18
C SER G 120 -57.73 27.81 35.60
N SER G 121 -59.02 27.59 35.81
CA SER G 121 -59.91 28.65 36.25
C SER G 121 -59.51 29.15 37.64
N GLU H 1 -47.71 13.04 9.10
CA GLU H 1 -48.15 12.59 10.45
C GLU H 1 -47.75 11.14 10.68
N LEU H 2 -46.89 10.92 11.67
CA LEU H 2 -46.55 9.56 12.07
C LEU H 2 -47.71 8.88 12.77
N THR H 3 -47.74 7.55 12.67
CA THR H 3 -48.80 6.74 13.25
C THR H 3 -48.23 5.44 13.76
N GLN H 4 -48.74 4.96 14.90
CA GLN H 4 -48.35 3.65 15.40
C GLN H 4 -49.45 3.13 16.32
N ASP H 5 -49.39 1.84 16.62
CA ASP H 5 -50.48 1.16 17.29
C ASP H 5 -50.76 1.79 18.65
N PRO H 6 -51.94 1.53 19.23
CA PRO H 6 -52.19 2.02 20.59
C PRO H 6 -51.42 1.26 21.65
N ALA H 7 -51.39 -0.07 21.57
CA ALA H 7 -50.74 -0.87 22.60
C ALA H 7 -50.33 -2.21 22.02
N VAL H 8 -49.33 -2.82 22.64
CA VAL H 8 -48.81 -4.12 22.24
C VAL H 8 -48.40 -4.87 23.50
N SER H 9 -48.49 -6.19 23.44
CA SER H 9 -48.14 -7.06 24.56
C SER H 9 -47.14 -8.10 24.09
N VAL H 10 -46.24 -8.49 24.98
CA VAL H 10 -45.21 -9.47 24.66
C VAL H 10 -45.10 -10.48 25.80
N ALA H 11 -44.96 -11.75 25.42
CA ALA H 11 -44.65 -12.79 26.39
C ALA H 11 -43.20 -12.69 26.82
N LEU H 12 -42.98 -12.63 28.13
CA LEU H 12 -41.65 -12.33 28.64
C LEU H 12 -40.61 -13.24 28.02
N GLY H 13 -39.43 -12.68 27.77
CA GLY H 13 -38.31 -13.45 27.28
C GLY H 13 -38.33 -13.76 25.80
N GLN H 14 -39.26 -13.21 25.04
CA GLN H 14 -39.21 -13.34 23.59
C GLN H 14 -39.41 -11.99 22.93
N THR H 15 -39.13 -11.95 21.63
CA THR H 15 -39.07 -10.71 20.88
C THR H 15 -40.44 -10.08 20.70
N VAL H 16 -40.43 -8.77 20.49
CA VAL H 16 -41.61 -8.03 20.02
C VAL H 16 -41.12 -6.91 19.11
N ARG H 17 -41.91 -6.61 18.09
CA ARG H 17 -41.64 -5.49 17.20
C ARG H 17 -42.69 -4.40 17.39
N ILE H 18 -42.25 -3.21 17.72
CA ILE H 18 -43.07 -2.01 17.65
C ILE H 18 -42.76 -1.34 16.32
N THR H 19 -43.79 -0.87 15.62
CA THR H 19 -43.62 -0.31 14.30
C THR H 19 -44.31 1.04 14.22
N CYS H 20 -43.70 1.95 13.46
CA CYS H 20 -44.17 3.31 13.31
C CYS H 20 -44.06 3.67 11.83
N GLN H 21 -45.10 4.30 11.30
CA GLN H 21 -45.20 4.52 9.87
C GLN H 21 -45.61 5.95 9.58
N GLY H 22 -45.04 6.50 8.51
CA GLY H 22 -45.43 7.79 8.01
C GLY H 22 -44.52 8.19 6.87
N ASP H 23 -45.08 8.85 5.86
CA ASP H 23 -44.36 9.07 4.61
C ASP H 23 -43.00 9.72 4.85
N SER H 24 -42.95 10.71 5.74
CA SER H 24 -41.71 11.45 5.95
C SER H 24 -40.56 10.55 6.38
N LEU H 25 -40.84 9.42 7.02
CA LEU H 25 -39.76 8.51 7.41
C LEU H 25 -38.96 8.04 6.21
N ARG H 26 -39.53 8.12 5.01
CA ARG H 26 -38.79 7.77 3.80
C ARG H 26 -37.58 8.67 3.59
N ASN H 27 -37.52 9.81 4.28
CA ASN H 27 -36.62 10.87 3.87
C ASN H 27 -35.81 11.42 5.04
N TYR H 28 -36.35 11.33 6.26
CA TYR H 28 -35.61 11.67 7.47
C TYR H 28 -35.57 10.48 8.42
N PHE H 29 -34.46 10.34 9.14
CA PHE H 29 -34.34 9.27 10.12
C PHE H 29 -35.33 9.48 11.26
N ALA H 30 -35.59 8.40 12.00
CA ALA H 30 -36.43 8.45 13.18
C ALA H 30 -35.60 8.47 14.46
N GLY H 31 -36.27 8.80 15.55
CA GLY H 31 -35.73 8.54 16.88
C GLY H 31 -36.77 7.83 17.72
N TRP H 32 -36.31 6.91 18.57
CA TRP H 32 -37.17 6.13 19.44
C TRP H 32 -36.90 6.51 20.89
N TYR H 33 -37.92 6.95 21.59
CA TYR H 33 -37.82 7.30 23.00
C TYR H 33 -38.59 6.32 23.87
N GLN H 34 -38.00 5.93 24.98
CA GLN H 34 -38.69 5.22 26.04
C GLN H 34 -39.19 6.24 27.05
N GLN H 35 -40.38 6.01 27.59
CA GLN H 35 -40.88 6.80 28.71
C GLN H 35 -41.55 5.88 29.71
N LYS H 36 -40.84 5.59 30.80
CA LYS H 36 -41.50 5.08 31.98
C LYS H 36 -42.29 6.21 32.64
N PRO H 37 -43.37 5.87 33.35
CA PRO H 37 -44.30 6.93 33.78
C PRO H 37 -43.63 7.96 34.67
N GLY H 38 -44.09 9.20 34.55
CA GLY H 38 -43.56 10.31 35.30
C GLY H 38 -42.21 10.83 34.85
N GLN H 39 -41.29 9.94 34.53
CA GLN H 39 -39.95 10.36 34.15
C GLN H 39 -39.94 10.94 32.74
N ALA H 40 -38.92 11.76 32.48
CA ALA H 40 -38.73 12.33 31.16
C ALA H 40 -38.33 11.27 30.13
N PRO H 41 -38.70 11.46 28.87
CA PRO H 41 -38.33 10.49 27.84
C PRO H 41 -36.83 10.30 27.75
N LEU H 42 -36.43 9.09 27.36
CA LEU H 42 -35.03 8.68 27.31
C LEU H 42 -34.77 8.03 25.96
N LEU H 43 -33.73 8.49 25.27
CA LEU H 43 -33.44 7.99 23.94
C LEU H 43 -32.94 6.56 24.01
N VAL H 44 -33.62 5.64 23.33
CA VAL H 44 -33.18 4.24 23.30
C VAL H 44 -32.55 3.88 21.96
N LEU H 45 -33.01 4.50 20.87
CA LEU H 45 -32.42 4.22 19.56
C LEU H 45 -32.61 5.43 18.66
N TYR H 46 -31.66 5.63 17.76
CA TYR H 46 -31.84 6.59 16.69
C TYR H 46 -31.15 6.09 15.43
N GLY H 47 -31.53 6.69 14.31
CA GLY H 47 -30.93 6.36 13.05
C GLY H 47 -31.15 4.91 12.66
N GLU H 48 -30.30 4.46 11.75
CA GLU H 48 -30.21 3.04 11.38
C GLU H 48 -29.48 2.26 12.46
N ASN H 49 -30.22 1.84 13.49
CA ASN H 49 -29.73 0.86 14.45
C ASN H 49 -28.49 1.33 15.20
N ILE H 50 -28.47 2.60 15.61
CA ILE H 50 -27.43 3.13 16.50
C ILE H 50 -28.05 3.29 17.88
N ARG H 51 -27.34 2.82 18.90
CA ARG H 51 -27.82 2.98 20.25
C ARG H 51 -27.02 4.03 21.00
N PRO H 52 -27.66 4.88 21.79
CA PRO H 52 -26.91 5.70 22.75
C PRO H 52 -26.13 4.82 23.72
N SER H 53 -25.00 5.34 24.18
CA SER H 53 -24.20 4.60 25.15
C SER H 53 -24.99 4.33 26.41
N GLY H 54 -24.88 3.11 26.91
CA GLY H 54 -25.57 2.70 28.11
C GLY H 54 -26.91 2.02 27.90
N ILE H 55 -27.53 2.19 26.74
CA ILE H 55 -28.76 1.46 26.42
C ILE H 55 -28.40 0.01 26.12
N PRO H 56 -28.96 -0.97 26.86
CA PRO H 56 -28.50 -2.35 26.69
C PRO H 56 -28.73 -2.85 25.28
N ASP H 57 -27.86 -3.78 24.86
CA ASP H 57 -27.83 -4.30 23.49
C ASP H 57 -29.04 -5.13 23.14
N ARG H 58 -30.05 -5.21 24.00
CA ARG H 58 -31.27 -5.89 23.63
C ARG H 58 -32.08 -5.07 22.64
N PHE H 59 -32.15 -3.76 22.83
CA PHE H 59 -32.85 -2.90 21.90
C PHE H 59 -32.14 -2.83 20.56
N SER H 60 -32.92 -2.86 19.49
CA SER H 60 -32.38 -2.86 18.14
C SER H 60 -33.49 -2.40 17.21
N GLY H 61 -33.11 -2.03 16.00
CA GLY H 61 -34.13 -1.57 15.07
C GLY H 61 -33.68 -1.68 13.63
N SER H 62 -34.63 -1.39 12.75
CA SER H 62 -34.44 -1.56 11.31
C SER H 62 -35.50 -0.73 10.62
N SER H 63 -35.36 -0.58 9.30
CA SER H 63 -36.31 0.18 8.52
C SER H 63 -36.48 -0.46 7.16
N SER H 64 -37.63 -0.18 6.54
CA SER H 64 -37.88 -0.55 5.17
C SER H 64 -38.95 0.37 4.61
N GLY H 65 -38.82 0.71 3.34
CA GLY H 65 -39.79 1.60 2.72
C GLY H 65 -40.02 2.85 3.56
N ASN H 66 -41.29 3.13 3.85
CA ASN H 66 -41.67 4.25 4.69
C ASN H 66 -41.94 3.84 6.14
N THR H 67 -41.32 2.75 6.61
CA THR H 67 -41.64 2.20 7.92
C THR H 67 -40.36 1.88 8.68
N VAL H 68 -40.40 2.11 9.99
CA VAL H 68 -39.29 1.81 10.89
C VAL H 68 -39.82 0.96 12.04
N SER H 69 -38.97 0.11 12.59
CA SER H 69 -39.38 -0.79 13.66
C SER H 69 -38.30 -0.92 14.73
N LEU H 70 -38.74 -0.97 15.98
CA LEU H 70 -37.89 -1.20 17.12
C LEU H 70 -38.11 -2.63 17.60
N THR H 71 -37.04 -3.44 17.57
CA THR H 71 -37.11 -4.82 18.03
C THR H 71 -36.51 -4.93 19.42
N ILE H 72 -37.32 -5.31 20.39
CA ILE H 72 -36.82 -5.66 21.72
C ILE H 72 -36.52 -7.15 21.74
N THR H 73 -35.25 -7.49 21.95
CA THR H 73 -34.82 -8.89 22.03
C THR H 73 -34.88 -9.37 23.48
N GLY H 74 -35.57 -10.49 23.71
CA GLY H 74 -35.68 -11.04 25.04
C GLY H 74 -36.28 -10.07 26.04
N ALA H 75 -37.53 -9.68 25.80
CA ALA H 75 -38.15 -8.61 26.56
C ALA H 75 -38.03 -8.87 28.06
N GLN H 76 -37.38 -7.96 28.76
CA GLN H 76 -37.15 -8.07 30.19
C GLN H 76 -38.23 -7.29 30.94
N ALA H 77 -38.27 -7.49 32.26
CA ALA H 77 -39.23 -6.77 33.08
C ALA H 77 -39.06 -5.26 33.00
N GLU H 78 -37.83 -4.77 32.86
CA GLU H 78 -37.56 -3.34 32.81
C GLU H 78 -37.91 -2.68 31.48
N ASP H 79 -38.48 -3.41 30.53
CA ASP H 79 -38.81 -2.85 29.24
C ASP H 79 -40.22 -2.29 29.15
N GLU H 80 -41.05 -2.48 30.18
CA GLU H 80 -42.42 -2.01 30.12
C GLU H 80 -42.46 -0.49 30.21
N ALA H 81 -42.88 0.14 29.13
CA ALA H 81 -42.86 1.61 29.03
C ALA H 81 -43.67 1.99 27.80
N ASP H 82 -43.94 3.28 27.68
CA ASP H 82 -44.34 3.85 26.40
C ASP H 82 -43.14 3.99 25.48
N TYR H 83 -43.35 3.77 24.19
CA TYR H 83 -42.35 4.04 23.17
C TYR H 83 -42.92 5.02 22.15
N TYR H 84 -42.18 6.09 21.88
CA TYR H 84 -42.60 7.15 20.98
C TYR H 84 -41.62 7.25 19.82
N CYS H 85 -42.11 7.08 18.60
CA CYS H 85 -41.31 7.38 17.42
C CYS H 85 -41.40 8.86 17.08
N ASN H 86 -40.40 9.34 16.35
CA ASN H 86 -40.28 10.75 16.06
C ASN H 86 -39.55 10.95 14.74
N SER H 87 -39.98 11.96 13.98
CA SER H 87 -39.28 12.36 12.76
C SER H 87 -39.62 13.81 12.48
N ARG H 88 -38.99 14.37 11.45
CA ARG H 88 -39.40 15.65 10.90
C ARG H 88 -40.47 15.49 9.84
N ASP H 89 -41.14 16.60 9.53
CA ASP H 89 -42.07 16.62 8.42
C ASP H 89 -41.29 16.64 7.10
N ASN H 90 -42.04 16.62 5.99
CA ASN H 90 -41.39 16.64 4.68
C ASN H 90 -40.72 17.98 4.38
N SER H 91 -41.09 19.06 5.07
CA SER H 91 -40.36 20.31 4.93
C SER H 91 -38.98 20.26 5.57
N GLY H 92 -38.76 19.36 6.53
CA GLY H 92 -37.49 19.33 7.24
C GLY H 92 -37.33 20.43 8.25
N ASN H 93 -38.44 20.92 8.80
CA ASN H 93 -38.42 22.12 9.64
C ASN H 93 -39.33 22.03 10.84
N HIS H 94 -40.31 21.14 10.85
CA HIS H 94 -41.18 20.90 12.00
C HIS H 94 -41.02 19.45 12.42
N TRP H 95 -40.92 19.20 13.71
CA TRP H 95 -40.85 17.83 14.21
C TRP H 95 -42.23 17.33 14.56
N VAL H 96 -42.36 16.00 14.62
CA VAL H 96 -43.65 15.37 14.91
C VAL H 96 -43.40 14.11 15.72
N PHE H 97 -44.36 13.76 16.57
CA PHE H 97 -44.30 12.58 17.41
C PHE H 97 -45.48 11.68 17.12
N GLY H 98 -45.21 10.38 17.03
CA GLY H 98 -46.16 9.43 16.47
C GLY H 98 -47.28 8.97 17.38
N GLY H 99 -47.54 9.70 18.45
CA GLY H 99 -48.24 9.04 19.54
C GLY H 99 -47.37 7.93 20.11
N GLY H 100 -47.98 7.19 21.04
CA GLY H 100 -47.21 6.21 21.79
C GLY H 100 -47.85 4.83 21.90
N THR H 101 -47.07 3.79 21.61
CA THR H 101 -47.46 2.43 21.97
C THR H 101 -47.14 2.21 23.44
N ARG H 102 -48.17 1.96 24.25
CA ARG H 102 -47.96 1.38 25.57
C ARG H 102 -47.71 -0.11 25.44
N LEU H 103 -46.54 -0.55 25.89
CA LEU H 103 -46.15 -1.95 25.83
C LEU H 103 -46.15 -2.52 27.24
N THR H 104 -46.72 -3.71 27.40
CA THR H 104 -46.81 -4.38 28.70
C THR H 104 -46.29 -5.81 28.58
N VAL H 105 -45.63 -6.28 29.64
CA VAL H 105 -44.87 -7.51 29.61
C VAL H 105 -45.56 -8.53 30.51
N LEU H 106 -45.94 -9.67 29.94
CA LEU H 106 -46.69 -10.69 30.65
C LEU H 106 -45.76 -11.80 31.13
N GLU I 1 36.97 27.85 18.84
CA GLU I 1 37.41 27.37 20.18
C GLU I 1 36.22 27.11 21.08
N LEU I 2 36.21 25.91 21.68
CA LEU I 2 35.15 25.54 22.61
C LEU I 2 35.41 26.13 23.99
N THR I 3 34.34 26.35 24.75
CA THR I 3 34.42 27.01 26.04
C THR I 3 33.40 26.38 27.00
N GLN I 4 33.74 26.38 28.29
CA GLN I 4 32.88 25.77 29.29
C GLN I 4 33.01 26.52 30.61
N ASP I 5 31.98 26.38 31.44
CA ASP I 5 32.08 26.83 32.82
C ASP I 5 33.08 25.95 33.58
N PRO I 6 33.97 26.55 34.39
CA PRO I 6 34.98 25.72 35.06
C PRO I 6 34.43 24.82 36.14
N ALA I 7 33.37 25.21 36.84
CA ALA I 7 32.81 24.35 37.88
C ALA I 7 31.32 24.59 38.03
N VAL I 8 30.60 23.53 38.37
CA VAL I 8 29.16 23.59 38.60
C VAL I 8 28.83 22.60 39.70
N SER I 9 27.80 22.93 40.49
CA SER I 9 27.35 22.06 41.56
C SER I 9 25.86 21.81 41.42
N VAL I 10 25.42 20.63 41.88
CA VAL I 10 24.02 20.24 41.83
C VAL I 10 23.63 19.56 43.13
N ALA I 11 22.44 19.88 43.62
CA ALA I 11 21.89 19.17 44.77
C ALA I 11 21.42 17.78 44.36
N LEU I 12 21.74 16.79 45.20
CA LEU I 12 21.47 15.40 44.86
C LEU I 12 20.01 15.23 44.47
N GLY I 13 19.79 14.50 43.38
CA GLY I 13 18.46 14.27 42.87
C GLY I 13 17.86 15.46 42.14
N GLN I 14 18.43 16.64 42.30
CA GLN I 14 18.10 17.76 41.42
C GLN I 14 18.82 17.59 40.09
N THR I 15 18.30 18.25 39.07
CA THR I 15 18.91 18.23 37.75
C THR I 15 19.90 19.38 37.59
N VAL I 16 20.78 19.25 36.61
CA VAL I 16 21.73 20.30 36.25
C VAL I 16 21.99 20.22 34.76
N ARG I 17 22.24 21.38 34.15
CA ARG I 17 22.68 21.43 32.76
C ARG I 17 24.09 21.98 32.70
N ILE I 18 25.02 21.17 32.23
CA ILE I 18 26.30 21.67 31.76
C ILE I 18 26.12 22.17 30.35
N THR I 19 26.87 23.20 29.98
CA THR I 19 26.77 23.78 28.65
C THR I 19 28.16 24.03 28.08
N CYS I 20 28.26 23.90 26.76
CA CYS I 20 29.50 24.07 26.04
C CYS I 20 29.22 24.98 24.86
N GLN I 21 30.11 25.95 24.64
CA GLN I 21 29.84 27.07 23.75
C GLN I 21 30.98 27.22 22.77
N GLY I 22 30.66 27.39 21.50
CA GLY I 22 31.68 27.55 20.49
C GLY I 22 31.11 27.70 19.10
N ASP I 23 31.74 28.58 18.31
CA ASP I 23 31.18 28.94 17.01
C ASP I 23 31.03 27.74 16.08
N SER I 24 31.94 26.77 16.15
CA SER I 24 31.93 25.68 15.19
C SER I 24 30.80 24.69 15.40
N LEU I 25 30.15 24.68 16.57
CA LEU I 25 29.08 23.73 16.79
C LEU I 25 27.90 23.90 15.84
N ARG I 26 27.85 25.00 15.08
CA ARG I 26 26.82 25.13 14.06
C ARG I 26 26.97 24.10 12.95
N ASN I 27 28.19 23.67 12.66
CA ASN I 27 28.45 22.76 11.56
C ASN I 27 28.70 21.32 11.99
N TYR I 28 29.28 21.09 13.16
CA TYR I 28 29.70 19.76 13.57
C TYR I 28 29.11 19.43 14.93
N PHE I 29 28.71 18.17 15.11
CA PHE I 29 28.14 17.73 16.37
C PHE I 29 29.20 17.70 17.45
N ALA I 30 28.74 17.80 18.70
CA ALA I 30 29.61 17.61 19.85
C ALA I 30 29.62 16.15 20.30
N GLY I 31 30.69 15.78 20.97
CA GLY I 31 30.72 14.57 21.79
C GLY I 31 30.96 14.93 23.24
N TRP I 32 30.23 14.28 24.13
CA TRP I 32 30.37 14.49 25.56
C TRP I 32 31.06 13.31 26.21
N TYR I 33 32.10 13.59 26.99
CA TYR I 33 32.79 12.58 27.77
C TYR I 33 32.65 12.90 29.25
N GLN I 34 32.75 11.89 30.10
CA GLN I 34 33.03 12.10 31.50
C GLN I 34 34.34 11.44 31.85
N GLN I 35 35.03 12.00 32.85
CA GLN I 35 36.30 11.46 33.31
C GLN I 35 36.31 11.51 34.83
N LYS I 36 36.08 10.37 35.47
CA LYS I 36 36.43 10.25 36.86
C LYS I 36 37.95 10.16 36.98
N PRO I 37 38.50 10.50 38.15
CA PRO I 37 39.95 10.66 38.24
C PRO I 37 40.71 9.42 37.82
N GLY I 38 41.86 9.65 37.18
CA GLY I 38 42.73 8.57 36.75
C GLY I 38 42.26 7.77 35.56
N GLN I 39 40.97 7.43 35.53
CA GLN I 39 40.46 6.59 34.46
C GLN I 39 40.45 7.35 33.14
N ALA I 40 40.44 6.59 32.05
CA ALA I 40 40.34 7.16 30.72
C ALA I 40 38.93 7.71 30.47
N PRO I 41 38.80 8.75 29.65
CA PRO I 41 37.48 9.32 29.37
C PRO I 41 36.54 8.28 28.79
N LEU I 42 35.27 8.37 29.18
CA LEU I 42 34.23 7.44 28.77
C LEU I 42 33.15 8.23 28.06
N LEU I 43 32.85 7.86 26.82
CA LEU I 43 31.84 8.57 26.05
C LEU I 43 30.48 8.41 26.69
N VAL I 44 29.83 9.53 27.00
CA VAL I 44 28.53 9.50 27.66
C VAL I 44 27.42 9.99 26.76
N LEU I 45 27.70 10.85 25.79
CA LEU I 45 26.71 11.26 24.81
C LEU I 45 27.41 11.72 23.56
N TYR I 46 26.74 11.59 22.43
CA TYR I 46 27.22 12.19 21.20
C TYR I 46 26.03 12.60 20.33
N GLY I 47 26.32 13.43 19.35
CA GLY I 47 25.32 13.83 18.42
C GLY I 47 24.22 14.61 19.10
N GLU I 48 23.10 14.73 18.39
CA GLU I 48 21.85 15.26 18.95
C GLU I 48 21.18 14.18 19.77
N ASN I 49 21.57 14.06 21.04
CA ASN I 49 20.88 13.21 22.00
C ASN I 49 20.85 11.74 21.56
N ILE I 50 22.02 11.19 21.31
CA ILE I 50 22.21 9.74 21.18
C ILE I 50 23.06 9.27 22.34
N ARG I 51 22.63 8.21 23.01
CA ARG I 51 23.46 7.63 24.05
C ARG I 51 24.17 6.38 23.55
N PRO I 52 25.45 6.18 23.87
CA PRO I 52 26.04 4.85 23.73
C PRO I 52 25.31 3.84 24.59
N SER I 53 25.32 2.59 24.14
CA SER I 53 24.73 1.52 24.90
C SER I 53 25.43 1.37 26.25
N GLY I 54 24.65 1.07 27.28
CA GLY I 54 25.16 0.93 28.62
C GLY I 54 25.18 2.21 29.44
N ILE I 55 25.21 3.36 28.81
CA ILE I 55 25.11 4.61 29.57
C ILE I 55 23.69 4.75 30.12
N PRO I 56 23.50 4.99 31.41
CA PRO I 56 22.14 5.00 31.96
C PRO I 56 21.28 6.09 31.32
N ASP I 57 19.98 5.84 31.29
CA ASP I 57 19.01 6.66 30.59
C ASP I 57 18.77 8.01 31.23
N ARG I 58 19.60 8.41 32.20
CA ARG I 58 19.41 9.69 32.86
C ARG I 58 20.02 10.83 32.06
N PHE I 59 21.15 10.60 31.42
CA PHE I 59 21.80 11.61 30.59
C PHE I 59 20.98 11.91 29.35
N SER I 60 20.79 13.18 29.05
CA SER I 60 20.16 13.56 27.80
C SER I 60 20.75 14.87 27.32
N GLY I 61 20.83 15.01 25.99
CA GLY I 61 21.42 16.18 25.39
C GLY I 61 20.39 17.12 24.77
N SER I 62 20.80 18.35 24.55
CA SER I 62 20.00 19.31 23.80
C SER I 62 20.95 20.34 23.19
N SER I 63 20.49 21.01 22.14
CA SER I 63 21.35 21.94 21.45
C SER I 63 20.50 22.96 20.71
N SER I 64 21.10 24.13 20.49
CA SER I 64 20.49 25.18 19.68
C SER I 64 21.57 26.16 19.27
N GLY I 65 21.32 26.87 18.18
CA GLY I 65 22.23 27.92 17.74
C GLY I 65 23.66 27.45 17.68
N ASN I 66 24.51 28.01 18.55
CA ASN I 66 25.90 27.59 18.65
C ASN I 66 26.21 27.07 20.05
N THR I 67 25.22 26.45 20.69
CA THR I 67 25.35 25.98 22.06
C THR I 67 24.85 24.55 22.17
N VAL I 68 25.51 23.75 23.00
CA VAL I 68 25.05 22.42 23.36
C VAL I 68 25.02 22.33 24.88
N SER I 69 24.19 21.42 25.39
CA SER I 69 24.12 21.21 26.82
C SER I 69 23.82 19.75 27.13
N LEU I 70 24.44 19.26 28.21
CA LEU I 70 24.18 17.93 28.73
C LEU I 70 23.35 18.06 30.00
N THR I 71 22.16 17.48 29.99
CA THR I 71 21.27 17.50 31.14
C THR I 71 21.39 16.19 31.89
N ILE I 72 21.76 16.26 33.16
CA ILE I 72 21.73 15.10 34.05
C ILE I 72 20.42 15.17 34.83
N THR I 73 19.49 14.27 34.52
CA THR I 73 18.28 14.13 35.31
C THR I 73 18.57 13.32 36.57
N GLY I 74 17.95 13.71 37.68
CA GLY I 74 18.05 12.96 38.91
C GLY I 74 19.48 12.70 39.31
N ALA I 75 20.27 13.77 39.39
CA ALA I 75 21.71 13.65 39.47
C ALA I 75 22.14 12.80 40.66
N GLN I 76 22.73 11.65 40.38
CA GLN I 76 23.20 10.76 41.43
C GLN I 76 24.63 11.13 41.81
N ALA I 77 25.05 10.66 42.98
CA ALA I 77 26.40 10.95 43.46
C ALA I 77 27.47 10.41 42.50
N GLU I 78 27.20 9.26 41.87
CA GLU I 78 28.10 8.70 40.87
C GLU I 78 28.18 9.52 39.59
N ASP I 79 27.47 10.63 39.48
CA ASP I 79 27.62 11.54 38.36
C ASP I 79 28.72 12.58 38.57
N GLU I 80 29.34 12.62 39.73
CA GLU I 80 30.42 13.58 39.98
C GLU I 80 31.65 13.21 39.17
N ALA I 81 31.99 14.04 38.20
CA ALA I 81 33.10 13.76 37.29
C ALA I 81 33.44 15.05 36.54
N ASP I 82 34.57 15.04 35.86
CA ASP I 82 34.82 16.01 34.81
C ASP I 82 33.99 15.68 33.57
N TYR I 83 33.38 16.69 32.96
CA TYR I 83 32.68 16.53 31.69
C TYR I 83 33.34 17.41 30.63
N TYR I 84 33.75 16.79 29.52
CA TYR I 84 34.42 17.46 28.43
C TYR I 84 33.57 17.38 27.17
N CYS I 85 33.32 18.51 26.53
CA CYS I 85 32.85 18.55 25.15
C CYS I 85 34.02 18.61 24.19
N ASN I 86 33.83 18.07 23.00
CA ASN I 86 34.75 18.30 21.89
C ASN I 86 33.99 18.39 20.58
N SER I 87 34.60 19.05 19.61
CA SER I 87 34.05 19.14 18.27
C SER I 87 35.16 19.58 17.32
N ARG I 88 34.93 19.39 16.04
CA ARG I 88 35.88 19.85 15.04
C ARG I 88 35.75 21.34 14.84
N ASP I 89 36.86 21.97 14.44
CA ASP I 89 36.82 23.37 14.04
C ASP I 89 36.43 23.50 12.58
N ASN I 90 36.24 24.75 12.13
CA ASN I 90 35.72 24.99 10.79
C ASN I 90 36.64 24.48 9.69
N SER I 91 37.86 24.08 10.00
CA SER I 91 38.67 23.41 8.98
C SER I 91 38.07 22.06 8.61
N GLY I 92 37.41 21.40 9.56
CA GLY I 92 37.04 20.00 9.42
C GLY I 92 38.16 19.01 9.67
N ASN I 93 39.36 19.46 10.00
CA ASN I 93 40.49 18.57 10.23
C ASN I 93 40.94 18.51 11.68
N HIS I 94 40.86 19.61 12.41
CA HIS I 94 41.42 19.70 13.74
C HIS I 94 40.30 19.60 14.77
N TRP I 95 40.49 18.72 15.76
CA TRP I 95 39.55 18.58 16.86
C TRP I 95 39.95 19.52 17.99
N VAL I 96 38.95 19.96 18.77
CA VAL I 96 39.20 20.78 19.95
C VAL I 96 38.35 20.27 21.10
N PHE I 97 38.94 20.25 22.29
CA PHE I 97 38.26 19.91 23.54
C PHE I 97 38.04 21.15 24.37
N GLY I 98 36.86 21.24 24.99
CA GLY I 98 36.63 22.25 26.01
C GLY I 98 37.48 22.05 27.24
N GLY I 99 37.51 23.09 28.07
CA GLY I 99 38.30 23.05 29.29
C GLY I 99 37.77 22.14 30.37
N GLY I 100 36.61 21.53 30.16
CA GLY I 100 36.07 20.59 31.12
C GLY I 100 35.40 21.25 32.31
N THR I 101 34.28 20.67 32.74
CA THR I 101 33.51 21.15 33.88
C THR I 101 33.66 20.15 35.02
N ARG I 102 34.22 20.58 36.14
CA ARG I 102 34.31 19.75 37.33
C ARG I 102 33.00 19.85 38.12
N LEU I 103 32.05 19.00 37.78
CA LEU I 103 30.79 18.94 38.50
C LEU I 103 31.00 18.25 39.85
N THR I 104 30.25 18.71 40.85
CA THR I 104 30.26 18.08 42.17
C THR I 104 28.85 18.00 42.72
N VAL I 105 28.59 16.94 43.50
CA VAL I 105 27.25 16.58 43.91
C VAL I 105 27.16 16.68 45.42
N LEU I 106 26.24 17.51 45.91
CA LEU I 106 26.11 17.77 47.34
C LEU I 106 25.08 16.85 47.97
#